data_2EYQ
#
_entry.id   2EYQ
#
_cell.length_a   151.870
_cell.length_b   161.990
_cell.length_c   161.730
_cell.angle_alpha   90.00
_cell.angle_beta   105.09
_cell.angle_gamma   90.00
#
_symmetry.space_group_name_H-M   'C 1 2 1'
#
loop_
_entity.id
_entity.type
_entity.pdbx_description
1 polymer 'Transcription-repair coupling factor'
2 non-polymer 'SULFATE ION'
3 non-polymer '4-(2-HYDROXYETHYL)-1-PIPERAZINE ETHANESULFONIC ACID'
4 water water
#
_entity_poly.entity_id   1
_entity_poly.type   'polypeptide(L)'
_entity_poly.pdbx_seq_one_letter_code
;GPHMPEQYRYTLPVKAGEQRLLGELTGAACATLVAEIAERHAGPVVLIAPDMQNALRLHDEISQFTDQMVMNLADWETLP
YDSFSPHQDIISSRLSTLYQLPTMQRGVLIVPVNTLMQRVCPHSFLHGHALVMKKGQRLSRDALRTQLDSAGYRHVDQVM
EHGEYATRGALLDLFPMGSELPYRLDFFDDEIDSLRVFDVDSQRTLEEVEAINLLPAHEFPTDKAAIELFRSQWRDTFEV
KRDPEHIYQQVSKGTLPAGIEYWQPLFFSEPLPPLFSYFPANTLLVNTGDLETSAERFQADTLARFENRGVDPMRPLLPP
QSLWLRVDELFSELKNWPRVQLKTEHLPTKAANANLGFQKLPDLAVQAQQKAPLDALRKFLETFDGPVVFSVESEGRREA
LGELLARIKIAPQRIMRLDEASDRGRYLMIGAAEHGFVDTVRNLALICESDLLGERVARRRQDSRRTINPDTLIRNLAEL
HIGQPVVHLEHGVGRYAGMTTLEAGGITGEYLMLTYANDAKLYVPVSSLHLISRYAGGAEENAPLHKLGGDAWSRARQKA
AEKVRDVAAELLDIYAQRAAKEGFAFKHDREQYQLFCDSFPFETTPDQAQAINAVLSDMCQPLAMDRLVCGDVGFGKTEV
AMRAAFLAVDNHKQVAVLVPTTLLAQQHYDNFRDRFANWPVRIEMISRFRSAKEQTQILAEVAEGKIDILIGTHKLLQSD
VKFKDLGLLIVDEEHRFGVRHKERIKAMRANVDILTLTATPIPRTLNMAMSGMRDLSIIATPPARRLAVKTFVREYDSMV
VREAILREILRGGQVYYLYNDVENIQKAAERLAELVPEARIAIGHGQMRERELERVMNDFHHQRFNVLVCTTIIETGIDI
PTANTIIIERADHFGLAQLHQLRGRVGRSHHQAYAWLLTPHPKAMTTDAQKRLEAIASLEDLGAGFALATHDLEIRGAGE
LLGEEQSGSMETIGFSLYMELLENAVDALKAGREPSLEDLTSQQTEVELRMPSLLPDDFIPDVNTRLSFYKRIASAKTEN
ELEEIKVELIDRFGLLPDPARTLLDIARLRQQAQKLGIRKLEGNEKGGVIEFAEKNHVNPAWLIGLLQKQPQHYRLDGPT
RLKFIQDLSERKTRIEWVRQFMRELEENAIA
;
_entity_poly.pdbx_strand_id   A,B
#
# COMPACT_ATOMS: atom_id res chain seq x y z
N PRO A 5 33.05 63.08 0.59
CA PRO A 5 34.37 63.57 0.04
C PRO A 5 35.30 62.35 -0.44
N GLU A 6 35.91 61.53 0.43
CA GLU A 6 36.60 60.38 -0.13
C GLU A 6 35.49 59.53 -0.77
N GLN A 7 35.72 59.00 -1.96
CA GLN A 7 34.64 58.27 -2.55
C GLN A 7 33.96 57.25 -1.66
N TYR A 8 34.68 56.79 -0.64
CA TYR A 8 34.13 55.78 0.25
C TYR A 8 34.91 55.65 1.56
N ARG A 9 34.32 54.93 2.52
CA ARG A 9 35.06 54.71 3.75
C ARG A 9 36.32 53.83 3.51
N TYR A 10 36.20 52.68 2.85
CA TYR A 10 37.41 51.82 2.64
C TYR A 10 38.39 52.17 1.51
N THR A 11 39.59 51.57 1.59
CA THR A 11 40.62 51.73 0.56
C THR A 11 41.02 50.27 0.30
N LEU A 12 41.27 49.91 -0.96
CA LEU A 12 41.61 48.54 -1.33
C LEU A 12 43.01 48.06 -0.97
N PRO A 13 43.12 46.86 -0.37
CA PRO A 13 44.39 46.24 0.05
C PRO A 13 45.28 45.95 -1.16
N VAL A 14 46.61 46.09 -1.02
CA VAL A 14 47.51 45.87 -2.15
C VAL A 14 48.67 44.93 -1.87
N LYS A 15 48.90 44.60 -0.60
CA LYS A 15 50.01 43.72 -0.26
C LYS A 15 49.60 42.44 0.45
N ALA A 16 50.42 41.42 0.28
CA ALA A 16 50.20 40.12 0.90
C ALA A 16 49.85 40.19 2.38
N GLY A 17 48.73 39.57 2.73
CA GLY A 17 48.26 39.56 4.10
C GLY A 17 47.62 40.86 4.54
N GLU A 18 47.26 41.74 3.60
CA GLU A 18 46.65 43.04 3.93
C GLU A 18 45.11 43.03 3.86
N GLN A 19 44.46 42.76 4.98
CA GLN A 19 43.00 42.71 5.01
C GLN A 19 42.39 44.10 5.09
N ARG A 20 41.10 44.20 4.77
CA ARG A 20 40.38 45.47 4.84
C ARG A 20 38.92 45.17 5.13
N LEU A 21 38.69 44.51 6.27
CA LEU A 21 37.36 44.13 6.72
C LEU A 21 36.29 45.20 6.52
N LEU A 22 35.13 44.80 6.01
CA LEU A 22 34.01 45.73 5.82
C LEU A 22 32.83 45.13 6.58
N GLY A 23 32.12 45.94 7.36
CA GLY A 23 31.04 45.39 8.15
C GLY A 23 29.60 45.88 8.01
N GLU A 24 28.74 45.27 8.82
CA GLU A 24 27.32 45.57 8.84
C GLU A 24 26.73 45.69 7.44
N LEU A 25 26.56 44.53 6.80
CA LEU A 25 26.02 44.42 5.46
C LEU A 25 24.84 43.45 5.60
N THR A 26 23.86 43.57 4.71
CA THR A 26 22.72 42.67 4.80
C THR A 26 22.48 41.90 3.50
N GLY A 27 21.25 41.96 3.01
CA GLY A 27 20.88 41.26 1.80
C GLY A 27 21.79 41.45 0.61
N ALA A 28 21.22 41.98 -0.47
CA ALA A 28 21.97 42.21 -1.69
C ALA A 28 23.19 43.08 -1.47
N ALA A 29 23.59 43.21 -0.21
CA ALA A 29 24.73 44.03 0.15
C ALA A 29 26.01 43.56 -0.51
N CYS A 30 26.52 42.40 -0.09
CA CYS A 30 27.75 41.85 -0.65
C CYS A 30 27.65 41.91 -2.14
N ALA A 31 26.53 41.43 -2.65
CA ALA A 31 26.30 41.42 -4.08
C ALA A 31 26.86 42.72 -4.64
N THR A 32 26.22 43.82 -4.28
CA THR A 32 26.61 45.13 -4.78
C THR A 32 28.02 45.58 -4.40
N LEU A 33 28.56 45.03 -3.32
CA LEU A 33 29.89 45.40 -2.89
C LEU A 33 30.96 44.77 -3.76
N VAL A 34 30.85 43.46 -3.95
CA VAL A 34 31.81 42.73 -4.77
C VAL A 34 31.78 43.33 -6.16
N ALA A 35 30.64 43.89 -6.54
CA ALA A 35 30.48 44.50 -7.84
C ALA A 35 31.35 45.74 -7.93
N GLU A 36 31.29 46.57 -6.90
CA GLU A 36 32.08 47.80 -6.85
C GLU A 36 33.56 47.43 -6.69
N ILE A 37 33.87 46.59 -5.72
CA ILE A 37 35.24 46.18 -5.51
C ILE A 37 35.86 45.62 -6.79
N ALA A 38 35.04 45.44 -7.82
CA ALA A 38 35.54 44.91 -9.06
C ALA A 38 35.78 45.98 -10.09
N GLU A 39 35.08 47.11 -9.96
CA GLU A 39 35.21 48.20 -10.93
C GLU A 39 36.37 49.16 -10.65
N ARG A 40 36.76 49.23 -9.38
CA ARG A 40 37.87 50.09 -8.96
C ARG A 40 38.99 49.13 -8.53
N HIS A 41 39.77 48.69 -9.51
CA HIS A 41 40.86 47.75 -9.25
C HIS A 41 41.19 47.22 -10.63
N ALA A 42 42.26 47.76 -11.22
CA ALA A 42 42.67 47.34 -12.53
C ALA A 42 42.63 45.82 -12.69
N GLY A 43 42.83 45.10 -11.59
CA GLY A 43 42.85 43.65 -11.66
C GLY A 43 41.59 42.80 -11.47
N PRO A 44 41.80 41.48 -11.36
CA PRO A 44 40.75 40.48 -11.18
C PRO A 44 40.38 40.44 -9.71
N VAL A 45 39.28 39.77 -9.40
CA VAL A 45 38.85 39.62 -8.03
C VAL A 45 38.39 38.20 -7.84
N VAL A 46 39.09 37.45 -7.00
CA VAL A 46 38.70 36.08 -6.77
C VAL A 46 37.85 36.10 -5.52
N LEU A 47 36.56 35.88 -5.66
CA LEU A 47 35.67 35.87 -4.51
C LEU A 47 35.49 34.47 -3.93
N ILE A 48 36.22 34.17 -2.86
CA ILE A 48 36.10 32.87 -2.22
C ILE A 48 34.79 32.80 -1.46
N ALA A 49 33.98 31.81 -1.78
CA ALA A 49 32.68 31.61 -1.13
C ALA A 49 32.82 30.49 -0.11
N PRO A 50 32.18 30.66 1.05
CA PRO A 50 32.19 29.70 2.16
C PRO A 50 31.61 28.33 1.87
N ASP A 51 30.63 28.29 0.98
CA ASP A 51 29.99 27.02 0.64
C ASP A 51 29.47 27.16 -0.77
N MET A 52 29.36 26.04 -1.48
CA MET A 52 28.88 26.06 -2.86
C MET A 52 27.51 26.72 -2.98
N GLN A 53 26.72 26.54 -1.93
CA GLN A 53 25.38 27.10 -1.86
C GLN A 53 25.43 28.59 -2.20
N ASN A 54 26.21 29.34 -1.40
CA ASN A 54 26.36 30.78 -1.55
C ASN A 54 26.86 31.23 -2.92
N ALA A 55 27.95 30.62 -3.38
CA ALA A 55 28.56 30.99 -4.65
C ALA A 55 27.59 31.04 -5.83
N LEU A 56 26.85 29.97 -6.01
CA LEU A 56 25.91 29.89 -7.11
C LEU A 56 24.88 31.00 -7.01
N ARG A 57 24.46 31.29 -5.80
CA ARG A 57 23.47 32.34 -5.57
C ARG A 57 24.13 33.70 -5.76
N LEU A 58 25.44 33.74 -5.56
CA LEU A 58 26.21 34.97 -5.70
C LEU A 58 26.42 35.35 -7.16
N HIS A 59 26.74 34.37 -7.99
CA HIS A 59 26.97 34.61 -9.41
C HIS A 59 25.82 35.41 -10.04
N ASP A 60 24.60 35.07 -9.70
CA ASP A 60 23.44 35.75 -10.26
C ASP A 60 23.22 37.15 -9.70
N GLU A 61 23.59 37.33 -8.43
CA GLU A 61 23.39 38.62 -7.78
C GLU A 61 24.38 39.65 -8.26
N ILE A 62 25.67 39.34 -8.14
CA ILE A 62 26.71 40.26 -8.56
C ILE A 62 26.49 40.67 -9.99
N SER A 63 26.02 39.73 -10.78
CA SER A 63 25.78 39.94 -12.20
C SER A 63 24.77 41.05 -12.46
N GLN A 64 24.00 41.39 -11.43
CA GLN A 64 22.97 42.41 -11.53
C GLN A 64 23.54 43.80 -11.46
N PHE A 65 24.55 43.97 -10.63
CA PHE A 65 25.15 45.27 -10.45
C PHE A 65 26.49 45.50 -11.17
N THR A 66 26.63 44.95 -12.38
CA THR A 66 27.87 45.11 -13.13
C THR A 66 27.78 44.60 -14.54
N ASP A 67 28.50 45.26 -15.45
CA ASP A 67 28.53 44.82 -16.83
C ASP A 67 29.84 44.03 -16.97
N GLN A 68 30.51 43.85 -15.83
CA GLN A 68 31.75 43.11 -15.77
C GLN A 68 31.53 41.61 -15.88
N MET A 69 32.62 40.87 -16.01
CA MET A 69 32.55 39.44 -16.16
C MET A 69 32.47 38.67 -14.86
N VAL A 70 31.29 38.14 -14.55
CA VAL A 70 31.13 37.37 -13.32
C VAL A 70 31.33 35.92 -13.73
N MET A 71 32.37 35.30 -13.19
CA MET A 71 32.69 33.92 -13.54
C MET A 71 32.63 32.98 -12.35
N ASN A 72 32.75 31.69 -12.64
CA ASN A 72 32.65 30.66 -11.63
C ASN A 72 33.54 29.41 -11.88
N LEU A 73 34.39 29.05 -10.93
CA LEU A 73 35.19 27.84 -11.13
C LEU A 73 34.34 26.72 -10.60
N ALA A 74 33.81 25.89 -11.47
CA ALA A 74 32.95 24.81 -11.03
C ALA A 74 33.63 23.70 -10.26
N ASP A 75 32.88 23.04 -9.40
CA ASP A 75 33.46 21.94 -8.65
C ASP A 75 33.03 20.64 -9.26
N TRP A 76 33.90 19.64 -9.16
CA TRP A 76 33.59 18.33 -9.70
C TRP A 76 32.22 17.87 -9.24
N GLU A 77 31.81 18.30 -8.07
CA GLU A 77 30.50 17.94 -7.54
C GLU A 77 30.41 16.47 -7.23
N THR A 78 31.56 15.84 -7.13
CA THR A 78 31.61 14.44 -6.77
C THR A 78 32.11 14.39 -5.35
N LEU A 79 32.16 13.20 -4.77
CA LEU A 79 32.60 13.02 -3.40
C LEU A 79 34.06 12.59 -3.40
N PRO A 80 34.86 13.12 -2.47
CA PRO A 80 36.27 12.74 -2.39
C PRO A 80 36.41 11.23 -2.53
N TYR A 81 37.12 10.78 -3.57
CA TYR A 81 37.34 9.34 -3.82
C TYR A 81 36.03 8.69 -4.22
N ASP A 82 35.20 9.47 -4.91
CA ASP A 82 33.89 9.02 -5.35
C ASP A 82 33.98 7.91 -6.36
N SER A 83 32.82 7.35 -6.67
CA SER A 83 32.72 6.28 -7.64
C SER A 83 32.08 6.85 -8.88
N PHE A 84 32.16 8.16 -9.03
CA PHE A 84 31.56 8.82 -10.17
C PHE A 84 32.51 9.85 -10.72
N SER A 85 32.55 10.01 -12.03
CA SER A 85 33.43 11.05 -12.56
C SER A 85 32.61 12.29 -12.68
N PRO A 86 33.27 13.43 -12.87
CA PRO A 86 32.56 14.69 -13.02
C PRO A 86 31.71 14.63 -14.28
N HIS A 87 30.71 15.51 -14.35
CA HIS A 87 29.83 15.58 -15.49
C HIS A 87 30.61 16.44 -16.48
N GLN A 88 30.48 16.16 -17.78
CA GLN A 88 31.21 16.89 -18.82
C GLN A 88 31.11 18.43 -18.68
N ASP A 89 29.91 19.00 -18.81
CA ASP A 89 29.75 20.46 -18.75
C ASP A 89 30.53 21.08 -17.60
N ILE A 90 30.79 20.31 -16.54
CA ILE A 90 31.54 20.82 -15.41
C ILE A 90 33.00 20.86 -15.79
N ILE A 91 33.51 19.77 -16.32
CA ILE A 91 34.89 19.72 -16.71
C ILE A 91 35.17 20.70 -17.84
N SER A 92 34.23 20.86 -18.75
CA SER A 92 34.44 21.81 -19.83
C SER A 92 34.57 23.19 -19.22
N SER A 93 33.66 23.49 -18.30
CA SER A 93 33.64 24.79 -17.66
C SER A 93 34.98 25.06 -17.01
N ARG A 94 35.46 24.11 -16.21
CA ARG A 94 36.75 24.29 -15.55
C ARG A 94 37.87 24.55 -16.53
N LEU A 95 38.12 23.59 -17.41
CA LEU A 95 39.17 23.74 -18.37
C LEU A 95 39.09 25.13 -18.93
N SER A 96 37.88 25.59 -19.24
CA SER A 96 37.77 26.93 -19.78
C SER A 96 38.35 27.93 -18.82
N THR A 97 37.85 27.91 -17.60
CA THR A 97 38.32 28.84 -16.61
C THR A 97 39.83 28.75 -16.37
N LEU A 98 40.34 27.60 -15.97
CA LEU A 98 41.79 27.51 -15.75
C LEU A 98 42.55 28.09 -16.93
N TYR A 99 42.27 27.58 -18.13
CA TYR A 99 42.97 28.03 -19.32
C TYR A 99 43.07 29.54 -19.44
N GLN A 100 41.98 30.23 -19.16
CA GLN A 100 41.99 31.67 -19.29
C GLN A 100 42.52 32.44 -18.08
N LEU A 101 42.38 31.87 -16.90
CA LEU A 101 42.76 32.51 -15.66
C LEU A 101 43.99 33.41 -15.59
N PRO A 102 45.17 32.88 -15.91
CA PRO A 102 46.43 33.65 -15.87
C PRO A 102 46.41 34.95 -16.66
N THR A 103 45.61 34.98 -17.71
CA THR A 103 45.51 36.18 -18.53
C THR A 103 44.26 36.93 -18.18
N MET A 104 43.69 36.62 -17.02
CA MET A 104 42.49 37.29 -16.56
C MET A 104 42.88 38.70 -16.11
N GLN A 105 42.35 39.71 -16.80
CA GLN A 105 42.71 41.07 -16.42
C GLN A 105 41.69 41.77 -15.53
N ARG A 106 40.40 41.67 -15.85
CA ARG A 106 39.40 42.34 -15.02
C ARG A 106 38.20 41.44 -14.77
N GLY A 107 37.53 41.65 -13.64
CA GLY A 107 36.37 40.84 -13.36
C GLY A 107 36.40 40.01 -12.09
N VAL A 108 35.32 39.26 -11.90
CA VAL A 108 35.17 38.41 -10.73
C VAL A 108 35.05 36.94 -11.06
N LEU A 109 35.66 36.12 -10.22
CA LEU A 109 35.65 34.69 -10.38
C LEU A 109 35.24 34.18 -9.00
N ILE A 110 34.32 33.22 -8.94
CA ILE A 110 33.85 32.75 -7.66
C ILE A 110 34.27 31.33 -7.33
N VAL A 111 35.00 31.14 -6.24
CA VAL A 111 35.45 29.81 -5.87
C VAL A 111 35.04 29.36 -4.48
N PRO A 112 34.48 28.17 -4.35
CA PRO A 112 34.09 27.72 -3.01
C PRO A 112 35.35 27.32 -2.28
N VAL A 113 35.38 27.52 -0.96
CA VAL A 113 36.56 27.14 -0.20
C VAL A 113 36.81 25.68 -0.54
N ASN A 114 35.72 24.93 -0.67
CA ASN A 114 35.74 23.52 -1.05
C ASN A 114 36.73 23.38 -2.22
N THR A 115 36.32 23.93 -3.35
CA THR A 115 37.05 23.91 -4.61
C THR A 115 38.46 24.53 -4.59
N LEU A 116 38.61 25.67 -3.91
CA LEU A 116 39.90 26.36 -3.81
C LEU A 116 41.02 25.50 -3.17
N MET A 117 40.63 24.58 -2.32
CA MET A 117 41.61 23.74 -1.67
C MET A 117 41.99 22.59 -2.57
N GLN A 118 41.26 22.42 -3.68
CA GLN A 118 41.56 21.33 -4.60
C GLN A 118 42.69 21.76 -5.53
N ARG A 119 43.59 20.81 -5.78
CA ARG A 119 44.73 21.10 -6.63
C ARG A 119 44.37 21.01 -8.08
N VAL A 120 45.00 21.87 -8.85
CA VAL A 120 44.78 21.95 -10.28
C VAL A 120 45.89 21.26 -11.09
N CYS A 121 45.66 21.12 -12.39
CA CYS A 121 46.62 20.52 -13.27
C CYS A 121 47.63 21.63 -13.49
N PRO A 122 48.88 21.28 -13.86
CA PRO A 122 49.97 22.23 -14.11
C PRO A 122 49.64 23.13 -15.28
N HIS A 123 49.98 24.41 -15.24
CA HIS A 123 49.62 25.22 -16.38
C HIS A 123 50.43 24.85 -17.63
N SER A 124 51.31 23.87 -17.48
CA SER A 124 52.09 23.40 -18.61
C SER A 124 51.06 22.66 -19.48
N PHE A 125 50.32 21.78 -18.83
CA PHE A 125 49.28 20.97 -19.46
C PHE A 125 48.38 21.72 -20.41
N LEU A 126 47.57 22.63 -19.90
CA LEU A 126 46.66 23.36 -20.76
C LEU A 126 47.36 24.10 -21.88
N HIS A 127 48.31 24.96 -21.52
CA HIS A 127 49.02 25.77 -22.51
C HIS A 127 49.59 24.95 -23.68
N GLY A 128 50.10 23.77 -23.39
CA GLY A 128 50.67 22.91 -24.42
C GLY A 128 49.70 22.07 -25.24
N HIS A 129 48.79 21.38 -24.57
CA HIS A 129 47.81 20.53 -25.26
C HIS A 129 46.68 21.33 -25.88
N ALA A 130 46.86 22.64 -26.00
CA ALA A 130 45.86 23.52 -26.60
C ALA A 130 46.15 23.62 -28.10
N LEU A 131 45.10 23.81 -28.90
CA LEU A 131 45.24 23.92 -30.35
C LEU A 131 44.20 24.85 -30.93
N VAL A 132 44.41 25.26 -32.17
CA VAL A 132 43.48 26.16 -32.84
C VAL A 132 43.29 25.69 -34.28
N MET A 133 42.21 26.14 -34.89
CA MET A 133 41.88 25.77 -36.28
C MET A 133 41.03 26.88 -36.90
N LYS A 134 41.42 27.33 -38.08
CA LYS A 134 40.68 28.39 -38.75
C LYS A 134 40.24 28.06 -40.16
N LYS A 135 39.41 28.96 -40.70
CA LYS A 135 38.80 28.91 -42.02
C LYS A 135 39.55 28.18 -43.14
N GLY A 136 40.82 27.83 -42.93
CA GLY A 136 41.54 27.13 -43.99
C GLY A 136 42.89 26.59 -43.58
N GLN A 137 42.91 25.72 -42.58
CA GLN A 137 44.17 25.15 -42.13
C GLN A 137 44.51 23.88 -42.92
N ARG A 138 45.79 23.54 -42.96
CA ARG A 138 46.25 22.37 -43.67
C ARG A 138 46.19 21.13 -42.79
N LEU A 139 44.97 20.69 -42.47
CA LEU A 139 44.79 19.52 -41.62
C LEU A 139 43.75 18.59 -42.26
N SER A 140 44.16 17.38 -42.62
CA SER A 140 43.23 16.44 -43.25
C SER A 140 42.30 15.88 -42.21
N ARG A 141 41.04 15.69 -42.58
CA ARG A 141 40.05 15.17 -41.66
C ARG A 141 40.53 13.95 -40.89
N ASP A 142 41.00 12.91 -41.59
CA ASP A 142 41.44 11.73 -40.86
C ASP A 142 42.66 11.96 -39.96
N ALA A 143 43.20 13.17 -40.01
CA ALA A 143 44.35 13.54 -39.18
C ALA A 143 43.78 14.03 -37.85
N LEU A 144 43.00 15.12 -37.94
CA LEU A 144 42.34 15.73 -36.79
C LEU A 144 41.63 14.64 -36.02
N ARG A 145 41.05 13.69 -36.73
CA ARG A 145 40.35 12.61 -36.09
C ARG A 145 41.28 11.88 -35.14
N THR A 146 42.54 11.76 -35.53
CA THR A 146 43.52 11.07 -34.70
C THR A 146 43.98 12.02 -33.60
N GLN A 147 44.08 13.30 -33.93
CA GLN A 147 44.47 14.28 -32.94
C GLN A 147 43.39 14.20 -31.86
N LEU A 148 42.14 14.37 -32.27
CA LEU A 148 41.04 14.31 -31.33
C LEU A 148 41.13 13.07 -30.45
N ASP A 149 41.57 11.94 -30.99
CA ASP A 149 41.69 10.73 -30.18
C ASP A 149 42.75 10.84 -29.12
N SER A 150 43.77 11.64 -29.39
CA SER A 150 44.85 11.84 -28.44
C SER A 150 44.31 12.78 -27.36
N ALA A 151 43.72 13.89 -27.80
CA ALA A 151 43.14 14.87 -26.89
C ALA A 151 42.23 14.14 -25.91
N GLY A 152 41.85 12.92 -26.29
CA GLY A 152 41.00 12.10 -25.46
C GLY A 152 39.50 12.24 -25.63
N TYR A 153 39.06 12.62 -26.82
CA TYR A 153 37.62 12.76 -27.07
C TYR A 153 37.06 11.40 -27.43
N ARG A 154 35.74 11.32 -27.54
CA ARG A 154 35.10 10.05 -27.86
C ARG A 154 34.38 10.11 -29.20
N HIS A 155 34.60 9.07 -30.01
CA HIS A 155 33.95 8.99 -31.31
C HIS A 155 32.53 8.55 -31.02
N VAL A 156 31.57 9.32 -31.53
CA VAL A 156 30.16 9.05 -31.35
C VAL A 156 29.51 9.14 -32.71
N ASP A 157 28.22 8.85 -32.78
CA ASP A 157 27.51 8.91 -34.04
C ASP A 157 26.84 10.26 -34.26
N GLN A 158 26.04 10.65 -33.27
CA GLN A 158 25.28 11.88 -33.29
C GLN A 158 26.01 13.15 -32.80
N VAL A 159 26.82 12.99 -31.75
CA VAL A 159 27.57 14.07 -31.07
C VAL A 159 26.62 15.02 -30.37
N MET A 160 26.36 14.71 -29.10
CA MET A 160 25.45 15.45 -28.26
C MET A 160 26.06 16.16 -27.05
N GLU A 161 27.11 15.58 -26.48
CA GLU A 161 27.77 16.13 -25.30
C GLU A 161 29.21 16.58 -25.54
N HIS A 162 29.72 17.39 -24.63
CA HIS A 162 31.10 17.86 -24.71
C HIS A 162 32.00 16.63 -24.76
N GLY A 163 33.17 16.79 -25.36
CA GLY A 163 34.12 15.71 -25.40
C GLY A 163 33.91 14.66 -26.46
N GLU A 164 32.95 14.88 -27.35
CA GLU A 164 32.63 13.94 -28.42
C GLU A 164 32.82 14.60 -29.78
N TYR A 165 32.95 13.76 -30.80
CA TYR A 165 33.10 14.22 -32.17
C TYR A 165 32.58 13.06 -32.99
N ALA A 166 31.95 13.36 -34.11
CA ALA A 166 31.40 12.34 -34.98
C ALA A 166 31.84 12.51 -36.43
N THR A 167 31.82 11.40 -37.16
CA THR A 167 32.23 11.34 -38.56
C THR A 167 31.08 11.02 -39.51
N ARG A 168 30.97 11.79 -40.59
CA ARG A 168 29.92 11.57 -41.58
C ARG A 168 30.35 12.04 -42.96
N GLY A 169 31.26 11.28 -43.57
CA GLY A 169 31.72 11.66 -44.89
C GLY A 169 32.39 13.01 -44.91
N ALA A 170 31.98 13.84 -45.85
CA ALA A 170 32.59 15.15 -45.99
C ALA A 170 32.67 15.97 -44.70
N LEU A 171 31.84 15.64 -43.72
CA LEU A 171 31.78 16.43 -42.47
C LEU A 171 32.36 15.82 -41.20
N LEU A 172 32.66 16.74 -40.26
CA LEU A 172 33.19 16.41 -38.92
C LEU A 172 32.49 17.30 -37.88
N ASP A 173 31.83 16.65 -36.93
CA ASP A 173 31.11 17.35 -35.87
C ASP A 173 31.88 17.16 -34.56
N LEU A 174 32.22 18.25 -33.86
CA LEU A 174 32.90 18.05 -32.59
C LEU A 174 32.43 19.07 -31.58
N PHE A 175 32.39 18.66 -30.32
CA PHE A 175 31.95 19.52 -29.22
C PHE A 175 33.19 19.70 -28.36
N PRO A 176 34.03 20.66 -28.72
CA PRO A 176 35.27 20.95 -28.02
C PRO A 176 35.06 21.40 -26.60
N MET A 177 35.91 20.88 -25.71
CA MET A 177 35.84 21.18 -24.28
C MET A 177 35.76 22.63 -23.81
N GLY A 178 36.53 23.54 -24.38
CA GLY A 178 36.44 24.91 -23.89
C GLY A 178 35.21 25.69 -24.35
N SER A 179 34.45 25.16 -25.30
CA SER A 179 33.31 25.90 -25.82
C SER A 179 31.94 25.68 -25.22
N GLU A 180 31.04 26.61 -25.54
CA GLU A 180 29.66 26.58 -25.09
C GLU A 180 28.81 25.67 -25.95
N LEU A 181 29.01 25.79 -27.27
CA LEU A 181 28.27 25.02 -28.26
C LEU A 181 29.25 24.33 -29.22
N PRO A 182 28.83 23.23 -29.88
CA PRO A 182 29.57 22.38 -30.83
C PRO A 182 29.79 22.91 -32.22
N TYR A 183 30.76 22.32 -32.91
CA TYR A 183 31.13 22.72 -34.27
C TYR A 183 31.05 21.62 -35.32
N ARG A 184 30.66 22.02 -36.52
CA ARG A 184 30.57 21.11 -37.66
C ARG A 184 31.57 21.67 -38.66
N LEU A 185 32.63 20.92 -38.92
CA LEU A 185 33.65 21.40 -39.84
C LEU A 185 33.32 21.44 -41.33
N ASP A 186 33.50 20.31 -42.03
CA ASP A 186 33.25 20.21 -43.48
C ASP A 186 34.60 20.46 -44.18
N PHE A 187 35.11 19.46 -44.88
CA PHE A 187 36.40 19.59 -45.54
C PHE A 187 36.37 19.67 -47.06
N PHE A 188 37.51 20.12 -47.61
CA PHE A 188 37.71 20.25 -49.05
C PHE A 188 39.18 20.02 -49.40
N ASP A 189 39.43 18.91 -50.11
CA ASP A 189 40.78 18.53 -50.54
C ASP A 189 41.80 18.86 -49.45
N ASP A 190 41.91 17.98 -48.45
CA ASP A 190 42.84 18.12 -47.32
C ASP A 190 42.88 19.50 -46.62
N GLU A 191 42.04 20.43 -47.08
CA GLU A 191 41.99 21.77 -46.49
C GLU A 191 40.63 22.04 -45.83
N ILE A 192 40.64 22.35 -44.53
CA ILE A 192 39.42 22.64 -43.80
C ILE A 192 38.67 23.79 -44.46
N ASP A 193 37.50 23.52 -45.04
CA ASP A 193 36.75 24.59 -45.69
C ASP A 193 36.22 25.61 -44.70
N SER A 194 35.07 25.31 -44.08
CA SER A 194 34.43 26.23 -43.12
C SER A 194 34.15 25.67 -41.71
N LEU A 195 33.87 26.57 -40.77
CA LEU A 195 33.56 26.19 -39.41
C LEU A 195 32.17 26.68 -39.10
N ARG A 196 31.32 25.80 -38.60
CA ARG A 196 29.97 26.23 -38.27
C ARG A 196 29.50 25.73 -36.91
N VAL A 197 28.84 26.61 -36.18
CA VAL A 197 28.30 26.30 -34.87
C VAL A 197 27.01 25.57 -35.13
N PHE A 198 26.59 24.70 -34.22
CA PHE A 198 25.34 23.99 -34.44
C PHE A 198 24.67 23.51 -33.15
N ASP A 199 23.35 23.48 -33.17
CA ASP A 199 22.57 23.07 -32.03
C ASP A 199 22.54 21.54 -31.91
N VAL A 200 22.78 21.01 -30.72
CA VAL A 200 22.79 19.56 -30.54
C VAL A 200 21.42 18.91 -30.70
N ASP A 201 20.37 19.68 -30.46
CA ASP A 201 19.02 19.11 -30.56
C ASP A 201 18.61 19.19 -32.00
N SER A 202 18.66 20.40 -32.53
CA SER A 202 18.32 20.67 -33.90
C SER A 202 19.26 19.88 -34.81
N GLN A 203 20.55 19.98 -34.51
CA GLN A 203 21.63 19.35 -35.25
C GLN A 203 21.90 20.21 -36.46
N ARG A 204 21.03 21.20 -36.69
CA ARG A 204 21.20 22.08 -37.84
C ARG A 204 22.30 23.07 -37.50
N THR A 205 22.79 23.79 -38.50
CA THR A 205 23.86 24.75 -38.27
C THR A 205 23.32 26.14 -38.09
N LEU A 206 23.73 26.77 -37.00
CA LEU A 206 23.28 28.11 -36.69
C LEU A 206 24.23 29.13 -37.31
N GLU A 207 24.92 29.88 -36.46
CA GLU A 207 25.84 30.90 -36.92
C GLU A 207 27.04 30.39 -37.72
N GLU A 208 27.67 31.30 -38.44
CA GLU A 208 28.84 31.00 -39.25
C GLU A 208 30.03 31.51 -38.45
N VAL A 209 31.07 30.68 -38.30
CA VAL A 209 32.24 31.09 -37.53
C VAL A 209 33.54 30.81 -38.30
N GLU A 210 34.60 31.50 -37.90
CA GLU A 210 35.89 31.37 -38.58
C GLU A 210 37.01 30.78 -37.73
N ALA A 211 36.80 30.66 -36.43
CA ALA A 211 37.84 30.12 -35.57
C ALA A 211 37.35 29.22 -34.45
N ILE A 212 38.23 28.37 -33.93
CA ILE A 212 37.86 27.45 -32.86
C ILE A 212 39.04 27.02 -31.99
N ASN A 213 38.90 27.15 -30.68
CA ASN A 213 39.95 26.76 -29.77
C ASN A 213 39.66 25.32 -29.33
N LEU A 214 40.68 24.49 -29.17
CA LEU A 214 40.47 23.09 -28.81
C LEU A 214 41.22 22.62 -27.56
N LEU A 215 40.57 22.64 -26.40
CA LEU A 215 41.24 22.21 -25.18
C LEU A 215 41.15 20.73 -25.08
N PRO A 216 41.97 20.10 -24.25
CA PRO A 216 41.95 18.65 -24.08
C PRO A 216 40.55 18.21 -23.71
N ALA A 217 40.36 16.93 -23.43
CA ALA A 217 39.03 16.43 -23.10
C ALA A 217 38.99 15.94 -21.66
N HIS A 218 39.90 16.44 -20.87
CA HIS A 218 40.00 16.07 -19.48
C HIS A 218 41.03 16.96 -18.86
N GLU A 219 41.11 16.92 -17.54
CA GLU A 219 42.07 17.70 -16.80
C GLU A 219 43.17 16.70 -16.52
N PHE A 220 43.71 16.12 -17.59
CA PHE A 220 44.78 15.16 -17.53
C PHE A 220 44.86 14.40 -18.82
N PRO A 221 46.05 14.33 -19.42
CA PRO A 221 46.36 13.66 -20.68
C PRO A 221 45.92 12.23 -20.75
N THR A 222 45.60 11.79 -21.98
CA THR A 222 45.15 10.41 -22.20
C THR A 222 45.89 9.72 -23.34
N ASP A 223 46.78 10.47 -24.00
CA ASP A 223 47.55 9.94 -25.12
C ASP A 223 48.30 8.68 -24.77
N LYS A 224 49.03 8.16 -25.76
CA LYS A 224 49.82 6.94 -25.63
C LYS A 224 50.77 7.08 -24.45
N ALA A 225 51.45 8.22 -24.38
CA ALA A 225 52.41 8.52 -23.33
C ALA A 225 51.80 8.44 -21.93
N ALA A 226 50.88 9.36 -21.65
CA ALA A 226 50.21 9.47 -20.37
C ALA A 226 49.94 8.14 -19.68
N ILE A 227 49.38 7.20 -20.43
CA ILE A 227 49.04 5.90 -19.90
C ILE A 227 50.27 5.09 -19.48
N GLU A 228 51.36 5.24 -20.22
CA GLU A 228 52.60 4.53 -19.88
C GLU A 228 53.12 5.16 -18.59
N LEU A 229 52.98 6.48 -18.51
CA LEU A 229 53.39 7.27 -17.33
C LEU A 229 52.56 6.85 -16.14
N PHE A 230 51.25 6.76 -16.36
CA PHE A 230 50.31 6.36 -15.33
C PHE A 230 50.67 5.01 -14.77
N ARG A 231 50.99 4.07 -15.66
CA ARG A 231 51.33 2.73 -15.23
C ARG A 231 52.55 2.75 -14.33
N SER A 232 53.58 3.45 -14.80
CA SER A 232 54.80 3.53 -14.04
C SER A 232 54.51 4.07 -12.65
N GLN A 233 54.19 5.35 -12.59
CA GLN A 233 53.91 5.97 -11.31
C GLN A 233 52.95 5.16 -10.44
N TRP A 234 52.11 4.35 -11.06
CA TRP A 234 51.22 3.53 -10.28
C TRP A 234 52.09 2.51 -9.58
N ARG A 235 52.81 1.71 -10.39
CA ARG A 235 53.71 0.68 -9.88
C ARG A 235 54.61 1.27 -8.81
N ASP A 236 54.82 2.57 -8.92
CA ASP A 236 55.65 3.28 -7.97
C ASP A 236 54.90 3.53 -6.67
N THR A 237 53.55 3.54 -6.72
CA THR A 237 52.80 3.82 -5.50
C THR A 237 51.93 2.76 -4.85
N PHE A 238 51.45 1.79 -5.63
CA PHE A 238 50.59 0.74 -5.07
C PHE A 238 50.89 -0.61 -5.72
N GLU A 239 50.50 -1.70 -5.05
CA GLU A 239 50.72 -3.03 -5.58
C GLU A 239 49.85 -3.17 -6.81
N VAL A 240 50.16 -4.16 -7.66
CA VAL A 240 49.40 -4.39 -8.89
C VAL A 240 48.69 -5.74 -8.85
N LYS A 241 47.62 -5.86 -9.62
CA LYS A 241 46.89 -7.13 -9.67
C LYS A 241 46.33 -7.44 -11.06
N ARG A 242 46.33 -8.72 -11.40
CA ARG A 242 45.85 -9.16 -12.71
C ARG A 242 44.38 -8.84 -12.91
N ASP A 243 43.55 -9.21 -11.94
CA ASP A 243 42.10 -9.00 -11.98
C ASP A 243 41.70 -7.87 -12.92
N PRO A 244 40.88 -8.18 -13.94
CA PRO A 244 40.41 -7.21 -14.94
C PRO A 244 39.77 -5.94 -14.41
N GLU A 245 39.42 -5.91 -13.12
CA GLU A 245 38.77 -4.72 -12.56
C GLU A 245 39.70 -3.75 -11.81
N HIS A 246 40.97 -4.12 -11.68
CA HIS A 246 41.95 -3.26 -11.00
C HIS A 246 42.17 -1.98 -11.82
N ILE A 247 42.23 -0.84 -11.16
CA ILE A 247 42.41 0.42 -11.87
C ILE A 247 43.55 0.36 -12.85
N TYR A 248 44.70 -0.14 -12.40
CA TYR A 248 45.90 -0.25 -13.24
C TYR A 248 45.50 -0.92 -14.53
N GLN A 249 45.09 -2.17 -14.39
CA GLN A 249 44.66 -2.99 -15.50
C GLN A 249 43.72 -2.23 -16.43
N GLN A 250 42.76 -1.51 -15.87
CA GLN A 250 41.80 -0.75 -16.66
C GLN A 250 42.40 0.41 -17.42
N VAL A 251 43.13 1.27 -16.71
CA VAL A 251 43.71 2.42 -17.35
C VAL A 251 44.67 1.99 -18.45
N SER A 252 45.24 0.79 -18.29
CA SER A 252 46.18 0.24 -19.27
C SER A 252 45.51 -0.10 -20.61
N LYS A 253 44.36 -0.77 -20.54
CA LYS A 253 43.64 -1.18 -21.74
C LYS A 253 43.05 -0.04 -22.52
N GLY A 254 43.33 1.19 -22.07
CA GLY A 254 42.82 2.38 -22.72
C GLY A 254 41.42 2.76 -22.25
N THR A 255 41.09 2.34 -21.04
CA THR A 255 39.78 2.59 -20.45
C THR A 255 39.87 3.58 -19.30
N LEU A 256 38.83 4.37 -19.13
CA LEU A 256 38.78 5.34 -18.06
C LEU A 256 37.75 4.96 -17.02
N PRO A 257 38.20 4.39 -15.89
CA PRO A 257 37.27 4.00 -14.83
C PRO A 257 36.46 5.21 -14.39
N ALA A 258 35.46 4.95 -13.55
CA ALA A 258 34.57 6.00 -13.06
C ALA A 258 35.21 7.03 -12.12
N GLY A 259 35.67 6.63 -10.95
CA GLY A 259 36.24 7.65 -10.08
C GLY A 259 37.66 8.10 -10.40
N ILE A 260 38.09 7.95 -11.64
CA ILE A 260 39.46 8.28 -11.98
C ILE A 260 40.03 9.62 -11.55
N GLU A 261 39.28 10.69 -11.78
CA GLU A 261 39.76 12.01 -11.45
C GLU A 261 40.51 12.08 -10.13
N TYR A 262 40.21 11.18 -9.21
CA TYR A 262 40.90 11.19 -7.93
C TYR A 262 42.16 10.36 -8.03
N TRP A 263 42.81 10.50 -9.16
CA TRP A 263 44.04 9.78 -9.46
C TRP A 263 44.82 10.62 -10.47
N GLN A 264 44.25 11.79 -10.75
CA GLN A 264 44.80 12.78 -11.64
C GLN A 264 46.30 12.84 -11.48
N PRO A 265 46.77 12.96 -10.23
CA PRO A 265 48.20 13.01 -9.96
C PRO A 265 49.03 12.07 -10.85
N LEU A 266 48.79 10.77 -10.75
CA LEU A 266 49.53 9.78 -11.53
C LEU A 266 49.66 10.09 -13.03
N PHE A 267 48.83 10.98 -13.57
CA PHE A 267 48.95 11.28 -14.99
C PHE A 267 49.98 12.38 -15.21
N PHE A 268 50.72 12.70 -14.16
CA PHE A 268 51.75 13.73 -14.27
C PHE A 268 52.99 13.38 -13.48
N SER A 269 54.14 13.92 -13.88
CA SER A 269 55.40 13.65 -13.18
C SER A 269 55.49 14.71 -12.09
N GLU A 270 55.10 15.93 -12.45
CA GLU A 270 55.08 17.05 -11.54
C GLU A 270 53.92 16.93 -10.55
N PRO A 271 53.99 17.67 -9.44
CA PRO A 271 52.90 17.59 -8.47
C PRO A 271 51.77 18.48 -8.99
N LEU A 272 50.60 18.38 -8.37
CA LEU A 272 49.54 19.22 -8.83
C LEU A 272 49.70 20.55 -8.11
N PRO A 273 49.77 21.66 -8.85
CA PRO A 273 49.91 22.95 -8.18
C PRO A 273 48.67 23.40 -7.43
N PRO A 274 48.79 24.51 -6.69
CA PRO A 274 47.64 25.04 -5.95
C PRO A 274 46.90 26.01 -6.85
N LEU A 275 45.59 25.90 -6.91
CA LEU A 275 44.83 26.78 -7.78
C LEU A 275 45.44 28.18 -7.84
N PHE A 276 45.96 28.65 -6.72
CA PHE A 276 46.49 30.00 -6.74
C PHE A 276 47.52 30.20 -7.83
N SER A 277 48.30 29.16 -8.11
CA SER A 277 49.34 29.24 -9.12
C SER A 277 48.81 29.81 -10.42
N TYR A 278 47.49 29.83 -10.57
CA TYR A 278 46.89 30.38 -11.78
C TYR A 278 46.50 31.84 -11.66
N PHE A 279 46.43 32.36 -10.45
CA PHE A 279 46.03 33.75 -10.26
C PHE A 279 47.01 34.76 -10.78
N PRO A 280 46.53 35.71 -11.58
CA PRO A 280 47.38 36.75 -12.15
C PRO A 280 48.03 37.49 -10.98
N ALA A 281 48.99 38.35 -11.29
CA ALA A 281 49.72 39.09 -10.26
C ALA A 281 48.90 40.13 -9.48
N ASN A 282 48.14 40.97 -10.19
CA ASN A 282 47.35 41.99 -9.53
C ASN A 282 45.97 41.50 -9.10
N THR A 283 45.88 40.24 -8.70
CA THR A 283 44.61 39.66 -8.29
C THR A 283 44.30 40.01 -6.83
N LEU A 284 43.03 40.36 -6.57
CA LEU A 284 42.53 40.73 -5.25
C LEU A 284 41.48 39.72 -4.72
N LEU A 285 41.79 39.00 -3.65
CA LEU A 285 40.84 38.03 -3.11
C LEU A 285 39.80 38.73 -2.24
N VAL A 286 38.59 38.15 -2.18
CA VAL A 286 37.48 38.69 -1.36
C VAL A 286 36.80 37.55 -0.59
N ASN A 287 36.55 37.80 0.69
CA ASN A 287 36.00 36.80 1.61
C ASN A 287 34.56 36.91 2.06
N THR A 288 34.08 35.82 2.65
CA THR A 288 32.73 35.74 3.20
C THR A 288 32.73 34.68 4.29
N GLY A 289 31.98 34.91 5.35
CA GLY A 289 31.95 33.93 6.42
C GLY A 289 33.36 33.67 6.91
N ASP A 290 33.58 32.54 7.57
CA ASP A 290 34.91 32.20 8.07
C ASP A 290 35.35 30.93 7.38
N LEU A 291 36.34 31.08 6.51
CA LEU A 291 36.86 29.99 5.75
C LEU A 291 37.41 28.88 6.62
N GLU A 292 38.12 29.25 7.68
CA GLU A 292 38.70 28.24 8.56
C GLU A 292 37.74 27.18 9.11
N THR A 293 36.50 27.54 9.44
CA THR A 293 35.56 26.53 9.94
C THR A 293 35.29 25.56 8.82
N SER A 294 34.88 26.11 7.68
CA SER A 294 34.60 25.31 6.49
C SER A 294 35.81 24.47 6.12
N ALA A 295 36.85 25.17 5.70
CA ALA A 295 38.12 24.56 5.30
C ALA A 295 38.56 23.39 6.17
N GLU A 296 38.28 23.47 7.46
CA GLU A 296 38.68 22.41 8.36
C GLU A 296 37.69 21.25 8.28
N ARG A 297 36.40 21.57 8.21
CA ARG A 297 35.39 20.53 8.14
C ARG A 297 35.63 19.64 6.95
N PHE A 298 36.07 20.26 5.85
CA PHE A 298 36.34 19.52 4.63
C PHE A 298 37.56 18.63 4.88
N GLN A 299 38.66 19.23 5.28
CA GLN A 299 39.87 18.48 5.54
C GLN A 299 39.55 17.25 6.36
N ALA A 300 38.54 17.38 7.22
CA ALA A 300 38.13 16.28 8.09
C ALA A 300 37.39 15.16 7.37
N ASP A 301 36.52 15.55 6.45
CA ASP A 301 35.73 14.60 5.66
C ASP A 301 36.60 13.94 4.59
N THR A 302 37.60 14.68 4.13
CA THR A 302 38.52 14.18 3.12
C THR A 302 39.28 13.04 3.75
N LEU A 303 39.84 13.31 4.93
CA LEU A 303 40.60 12.31 5.67
C LEU A 303 39.68 11.15 6.05
N ALA A 304 38.47 11.50 6.49
CA ALA A 304 37.49 10.50 6.88
C ALA A 304 37.26 9.52 5.74
N ARG A 305 37.08 10.05 4.53
CA ARG A 305 36.84 9.19 3.38
C ARG A 305 38.11 8.45 2.97
N PHE A 306 39.26 9.06 3.23
CA PHE A 306 40.54 8.46 2.87
C PHE A 306 40.80 7.14 3.59
N GLU A 307 40.24 6.99 4.79
CA GLU A 307 40.44 5.76 5.53
C GLU A 307 39.37 4.72 5.18
N ASN A 308 38.11 5.12 5.21
CA ASN A 308 37.04 4.19 4.88
C ASN A 308 37.08 3.69 3.43
N ARG A 309 37.05 4.60 2.46
CA ARG A 309 37.10 4.23 1.05
C ARG A 309 38.48 3.68 0.62
N GLY A 310 39.42 3.67 1.56
CA GLY A 310 40.77 3.19 1.27
C GLY A 310 40.99 1.75 1.67
N VAL A 311 40.04 0.88 1.31
CA VAL A 311 40.12 -0.54 1.62
C VAL A 311 39.98 -1.39 0.37
N ASP A 312 39.23 -0.90 -0.62
CA ASP A 312 39.05 -1.65 -1.86
C ASP A 312 40.42 -2.05 -2.35
N PRO A 313 40.64 -3.37 -2.54
CA PRO A 313 41.94 -3.82 -3.03
C PRO A 313 42.14 -3.40 -4.47
N MET A 314 41.04 -3.15 -5.17
CA MET A 314 41.09 -2.75 -6.57
C MET A 314 41.15 -1.22 -6.76
N ARG A 315 41.05 -0.46 -5.68
CA ARG A 315 41.06 0.99 -5.77
C ARG A 315 41.88 1.67 -4.69
N PRO A 316 43.11 1.19 -4.46
CA PRO A 316 43.91 1.85 -3.42
C PRO A 316 43.89 3.35 -3.62
N LEU A 317 43.72 4.11 -2.54
CA LEU A 317 43.64 5.56 -2.65
C LEU A 317 44.91 6.38 -2.38
N LEU A 318 45.01 7.51 -3.07
CA LEU A 318 46.14 8.41 -2.90
C LEU A 318 45.96 9.20 -1.61
N PRO A 319 47.08 9.68 -1.03
CA PRO A 319 47.05 10.46 0.19
C PRO A 319 46.40 11.79 -0.13
N PRO A 320 45.60 12.31 0.79
CA PRO A 320 44.90 13.58 0.66
C PRO A 320 45.84 14.72 0.27
N GLN A 321 47.12 14.51 0.48
CA GLN A 321 48.08 15.54 0.19
C GLN A 321 48.23 15.81 -1.30
N SER A 322 48.22 14.74 -2.09
CA SER A 322 48.38 14.83 -3.54
C SER A 322 47.22 15.52 -4.26
N LEU A 323 46.03 15.43 -3.70
CA LEU A 323 44.85 16.04 -4.31
C LEU A 323 44.47 17.38 -3.72
N TRP A 324 44.54 17.50 -2.40
CA TRP A 324 44.15 18.73 -1.74
C TRP A 324 45.21 19.35 -0.86
N LEU A 325 44.97 20.60 -0.50
CA LEU A 325 45.83 21.35 0.38
C LEU A 325 45.48 21.07 1.85
N ARG A 326 46.40 21.37 2.75
CA ARG A 326 46.17 21.19 4.18
C ARG A 326 45.56 22.53 4.61
N VAL A 327 44.82 22.53 5.70
CA VAL A 327 44.22 23.77 6.15
C VAL A 327 45.31 24.80 6.32
N ASP A 328 46.51 24.30 6.58
CA ASP A 328 47.71 25.12 6.80
C ASP A 328 48.16 25.80 5.51
N GLU A 329 48.45 24.98 4.51
CA GLU A 329 48.91 25.44 3.19
C GLU A 329 47.90 26.41 2.57
N LEU A 330 46.62 26.16 2.83
CA LEU A 330 45.57 27.01 2.30
C LEU A 330 45.76 28.44 2.78
N PHE A 331 45.91 28.59 4.08
CA PHE A 331 46.11 29.91 4.66
C PHE A 331 47.52 30.38 4.39
N SER A 332 48.42 29.41 4.25
CA SER A 332 49.81 29.70 3.95
C SER A 332 49.84 30.37 2.59
N GLU A 333 49.10 29.81 1.64
CA GLU A 333 49.05 30.33 0.29
C GLU A 333 48.23 31.62 0.30
N LEU A 334 47.20 31.60 1.12
CA LEU A 334 46.26 32.70 1.28
C LEU A 334 46.92 34.02 1.72
N LYS A 335 47.99 33.88 2.52
CA LYS A 335 48.73 35.04 3.05
C LYS A 335 49.45 35.83 1.98
N ASN A 336 49.61 35.25 0.80
CA ASN A 336 50.30 35.93 -0.30
C ASN A 336 49.49 36.98 -1.05
N TRP A 337 48.20 37.07 -0.77
CA TRP A 337 47.34 38.04 -1.48
C TRP A 337 46.51 38.94 -0.60
N PRO A 338 46.39 40.21 -0.98
CA PRO A 338 45.59 41.16 -0.20
C PRO A 338 44.18 40.60 -0.25
N ARG A 339 43.33 40.86 0.73
CA ARG A 339 41.98 40.31 0.64
C ARG A 339 40.91 40.94 1.49
N VAL A 340 39.96 41.61 0.83
CA VAL A 340 38.86 42.23 1.54
C VAL A 340 37.99 41.16 2.18
N GLN A 341 37.68 41.33 3.46
CA GLN A 341 36.81 40.37 4.14
C GLN A 341 35.44 41.03 4.29
N LEU A 342 34.37 40.28 4.05
CA LEU A 342 33.03 40.84 4.19
C LEU A 342 32.34 40.20 5.38
N LYS A 343 31.79 41.04 6.24
CA LYS A 343 31.12 40.56 7.43
C LYS A 343 29.82 41.31 7.68
N THR A 344 28.83 40.58 8.19
CA THR A 344 27.50 41.12 8.49
C THR A 344 27.49 41.92 9.78
N GLU A 345 28.00 41.30 10.84
CA GLU A 345 28.08 41.88 12.18
C GLU A 345 28.85 43.21 12.22
N HIS A 346 28.54 44.04 13.21
CA HIS A 346 29.18 45.34 13.39
C HIS A 346 30.68 45.21 13.67
N LEU A 347 31.47 46.11 13.07
CA LEU A 347 32.91 46.10 13.22
C LEU A 347 33.44 47.04 14.31
N PRO A 348 34.46 46.59 15.07
CA PRO A 348 35.03 47.44 16.13
C PRO A 348 36.04 48.37 15.46
N THR A 349 35.97 49.65 15.80
CA THR A 349 36.85 50.67 15.21
C THR A 349 38.35 50.43 15.21
N LYS A 350 38.79 49.51 14.35
CA LYS A 350 40.21 49.26 14.17
C LYS A 350 40.42 50.07 12.88
N ALA A 351 41.57 50.73 12.76
CA ALA A 351 41.85 51.58 11.61
C ALA A 351 41.74 50.92 10.22
N ALA A 352 41.97 49.62 10.17
CA ALA A 352 41.91 48.87 8.91
C ALA A 352 40.51 48.36 8.55
N ASN A 353 39.49 48.79 9.30
CA ASN A 353 38.11 48.36 9.08
C ASN A 353 37.25 49.51 8.54
N ALA A 354 36.01 49.21 8.12
CA ALA A 354 35.17 50.26 7.54
C ALA A 354 33.75 50.46 8.10
N ASN A 355 32.90 49.44 8.02
CA ASN A 355 31.51 49.51 8.51
C ASN A 355 30.59 50.30 7.60
N LEU A 356 30.34 49.78 6.40
CA LEU A 356 29.47 50.45 5.44
C LEU A 356 28.06 50.62 6.02
N GLY A 357 27.46 51.77 5.74
CA GLY A 357 26.12 52.02 6.26
C GLY A 357 25.00 51.28 5.57
N PHE A 358 24.71 50.07 6.04
CA PHE A 358 23.65 49.26 5.46
C PHE A 358 22.71 48.76 6.55
N GLN A 359 21.40 48.84 6.30
CA GLN A 359 20.41 48.40 7.28
C GLN A 359 19.30 47.55 6.66
N LYS A 360 18.68 46.74 7.49
CA LYS A 360 17.59 45.86 7.05
C LYS A 360 16.34 46.69 6.75
N LEU A 361 15.84 46.53 5.53
CA LEU A 361 14.65 47.24 5.08
C LEU A 361 13.55 47.21 6.15
N PRO A 362 12.62 48.17 6.11
CA PRO A 362 11.50 48.24 7.07
C PRO A 362 10.55 47.08 6.82
N ASP A 363 9.43 47.03 7.53
CA ASP A 363 8.47 45.96 7.31
C ASP A 363 7.45 46.44 6.29
N LEU A 364 7.77 46.30 5.01
CA LEU A 364 6.91 46.76 3.91
C LEU A 364 5.97 45.74 3.26
N ALA A 365 5.93 44.52 3.78
CA ALA A 365 5.07 43.50 3.20
C ALA A 365 3.64 43.99 3.05
N VAL A 366 2.83 43.22 2.33
CA VAL A 366 1.43 43.54 2.13
C VAL A 366 0.56 42.80 3.14
N GLN A 367 -0.44 43.47 3.69
CA GLN A 367 -1.33 42.80 4.64
C GLN A 367 -2.72 42.74 4.06
N ALA A 368 -3.18 41.53 3.78
CA ALA A 368 -4.49 41.32 3.20
C ALA A 368 -5.59 41.54 4.19
N GLN A 369 -5.22 41.55 5.47
CA GLN A 369 -6.16 41.75 6.55
C GLN A 369 -6.59 43.22 6.63
N GLN A 370 -5.60 44.09 6.82
CA GLN A 370 -5.79 45.53 6.92
C GLN A 370 -6.61 46.04 5.75
N LYS A 371 -7.42 47.08 6.00
CA LYS A 371 -8.28 47.66 4.95
C LYS A 371 -7.47 48.43 3.90
N ALA A 372 -6.20 48.69 4.21
CA ALA A 372 -5.28 49.38 3.30
C ALA A 372 -4.08 48.45 3.30
N PRO A 373 -4.06 47.47 2.38
CA PRO A 373 -3.00 46.48 2.25
C PRO A 373 -1.62 47.04 1.94
N LEU A 374 -1.59 48.07 1.11
CA LEU A 374 -0.33 48.64 0.70
C LEU A 374 0.13 49.92 1.37
N ASP A 375 -0.50 50.31 2.49
CA ASP A 375 -0.10 51.57 3.12
C ASP A 375 1.31 51.51 3.72
N ALA A 376 1.72 50.37 4.25
CA ALA A 376 3.06 50.28 4.80
C ALA A 376 4.06 50.81 3.76
N LEU A 377 3.84 50.37 2.52
CA LEU A 377 4.66 50.75 1.38
C LEU A 377 4.32 52.16 0.90
N ARG A 378 3.03 52.53 0.97
CA ARG A 378 2.58 53.85 0.52
C ARG A 378 3.18 54.99 1.36
N LYS A 379 3.05 54.87 2.69
CA LYS A 379 3.59 55.87 3.60
C LYS A 379 5.12 55.85 3.57
N PHE A 380 5.71 54.68 3.49
CA PHE A 380 7.17 54.62 3.43
C PHE A 380 7.69 55.34 2.18
N LEU A 381 6.85 55.49 1.16
CA LEU A 381 7.29 56.15 -0.07
C LEU A 381 7.05 57.66 -0.07
N GLU A 382 6.07 58.10 0.70
CA GLU A 382 5.75 59.54 0.82
C GLU A 382 6.39 60.06 2.12
N THR A 383 7.40 59.33 2.59
CA THR A 383 8.13 59.66 3.81
C THR A 383 9.63 59.43 3.55
N PHE A 384 10.00 59.36 2.28
CA PHE A 384 11.38 59.13 1.88
C PHE A 384 11.84 60.25 0.97
N ASP A 385 13.11 60.59 1.05
CA ASP A 385 13.68 61.64 0.23
C ASP A 385 14.36 60.97 -0.95
N GLY A 386 15.30 60.09 -0.62
CA GLY A 386 16.08 59.37 -1.60
C GLY A 386 15.36 58.41 -2.51
N PRO A 387 16.13 57.69 -3.33
CA PRO A 387 15.70 56.69 -4.32
C PRO A 387 15.14 55.43 -3.67
N VAL A 388 14.32 54.70 -4.43
CA VAL A 388 13.74 53.48 -3.90
C VAL A 388 14.12 52.22 -4.69
N VAL A 389 14.34 52.33 -5.99
CA VAL A 389 14.72 51.16 -6.79
C VAL A 389 14.09 49.81 -6.40
N PHE A 390 13.14 49.36 -7.20
CA PHE A 390 12.45 48.10 -6.98
C PHE A 390 13.05 47.01 -7.87
N SER A 391 13.67 46.01 -7.23
CA SER A 391 14.29 44.90 -7.93
C SER A 391 13.27 43.82 -8.33
N VAL A 392 13.38 43.33 -9.56
CA VAL A 392 12.48 42.31 -10.10
C VAL A 392 13.23 41.27 -10.95
N GLU A 393 12.85 40.00 -10.84
CA GLU A 393 13.50 38.91 -11.56
C GLU A 393 13.27 38.75 -13.07
N SER A 394 12.02 38.94 -13.51
CA SER A 394 11.63 38.77 -14.92
C SER A 394 10.97 40.00 -15.49
N GLU A 395 10.95 40.07 -16.82
CA GLU A 395 10.30 41.19 -17.47
C GLU A 395 8.79 40.92 -17.33
N GLY A 396 8.45 39.74 -16.83
CA GLY A 396 7.06 39.39 -16.66
C GLY A 396 6.67 39.71 -15.23
N ARG A 397 7.68 39.85 -14.38
CA ARG A 397 7.45 40.17 -12.97
C ARG A 397 7.44 41.68 -12.86
N ARG A 398 8.14 42.35 -13.76
CA ARG A 398 8.15 43.80 -13.74
C ARG A 398 6.71 44.20 -13.91
N GLU A 399 6.04 43.54 -14.83
CA GLU A 399 4.65 43.84 -15.12
C GLU A 399 3.78 43.71 -13.87
N ALA A 400 4.09 42.72 -13.04
CA ALA A 400 3.33 42.49 -11.83
C ALA A 400 3.40 43.71 -10.90
N LEU A 401 4.58 44.33 -10.84
CA LEU A 401 4.78 45.51 -10.00
C LEU A 401 3.90 46.65 -10.46
N GLY A 402 3.90 46.89 -11.77
CA GLY A 402 3.07 47.95 -12.29
C GLY A 402 1.68 47.76 -11.71
N GLU A 403 1.06 46.64 -12.01
CA GLU A 403 -0.27 46.36 -11.50
C GLU A 403 -0.39 46.60 -9.99
N LEU A 404 0.68 46.35 -9.26
CA LEU A 404 0.69 46.54 -7.80
C LEU A 404 0.91 47.98 -7.40
N LEU A 405 2.02 48.53 -7.87
CA LEU A 405 2.39 49.91 -7.58
C LEU A 405 1.33 50.88 -8.08
N ALA A 406 0.69 50.53 -9.18
CA ALA A 406 -0.33 51.39 -9.76
C ALA A 406 -1.37 51.77 -8.69
N ARG A 407 -1.71 50.84 -7.82
CA ARG A 407 -2.70 51.07 -6.78
C ARG A 407 -2.24 52.08 -5.72
N ILE A 408 -1.02 52.57 -5.82
CA ILE A 408 -0.54 53.58 -4.88
C ILE A 408 0.04 54.75 -5.66
N LYS A 409 -0.45 54.89 -6.89
CA LYS A 409 -0.08 55.96 -7.81
C LYS A 409 1.41 56.05 -8.11
N ILE A 410 2.06 54.91 -8.31
CA ILE A 410 3.48 54.89 -8.60
C ILE A 410 3.84 54.02 -9.80
N ALA A 411 4.41 54.66 -10.82
CA ALA A 411 4.84 54.00 -12.05
C ALA A 411 6.34 54.31 -12.18
N PRO A 412 7.18 53.50 -11.52
CA PRO A 412 8.63 53.66 -11.52
C PRO A 412 9.27 53.94 -12.86
N GLN A 413 10.49 54.49 -12.77
CA GLN A 413 11.31 54.81 -13.94
C GLN A 413 12.38 53.72 -13.95
N ARG A 414 12.62 53.17 -15.14
CA ARG A 414 13.58 52.09 -15.30
C ARG A 414 15.03 52.52 -15.32
N ILE A 415 15.84 51.84 -14.54
CA ILE A 415 17.27 52.11 -14.51
C ILE A 415 17.92 50.88 -15.14
N MET A 416 19.24 50.77 -15.07
CA MET A 416 19.96 49.64 -15.68
C MET A 416 21.14 49.39 -14.79
N ARG A 417 21.79 50.52 -14.46
CA ARG A 417 22.96 50.58 -13.57
C ARG A 417 22.38 51.48 -12.44
N LEU A 418 22.68 51.08 -11.21
CA LEU A 418 22.18 51.79 -10.05
C LEU A 418 22.48 53.30 -9.97
N ASP A 419 23.58 53.73 -10.57
CA ASP A 419 24.05 55.12 -10.57
C ASP A 419 22.99 56.11 -11.04
N GLU A 420 22.10 55.67 -11.92
CA GLU A 420 21.04 56.53 -12.45
C GLU A 420 19.92 56.87 -11.43
N ALA A 421 20.17 56.58 -10.16
CA ALA A 421 19.20 56.82 -9.09
C ALA A 421 19.42 58.10 -8.30
N SER A 422 18.70 59.15 -8.66
CA SER A 422 18.82 60.44 -7.97
C SER A 422 17.78 60.51 -6.85
N ASP A 423 17.51 61.72 -6.36
CA ASP A 423 16.56 61.91 -5.26
C ASP A 423 15.08 61.94 -5.63
N ARG A 424 14.27 61.40 -4.72
CA ARG A 424 12.81 61.31 -4.89
C ARG A 424 12.42 60.45 -6.08
N GLY A 425 13.42 59.84 -6.70
CA GLY A 425 13.18 58.98 -7.84
C GLY A 425 12.75 57.60 -7.39
N ARG A 426 11.84 57.00 -8.15
CA ARG A 426 11.34 55.67 -7.88
C ARG A 426 11.76 54.80 -9.04
N TYR A 427 12.80 53.99 -8.81
CA TYR A 427 13.32 53.16 -9.87
C TYR A 427 13.07 51.66 -9.76
N LEU A 428 13.25 50.98 -10.89
CA LEU A 428 13.06 49.53 -10.95
C LEU A 428 14.07 48.91 -11.92
N MET A 429 14.85 47.96 -11.43
CA MET A 429 15.84 47.31 -12.26
C MET A 429 15.62 45.80 -12.23
N ILE A 430 15.85 45.16 -13.37
CA ILE A 430 15.64 43.73 -13.53
C ILE A 430 16.82 42.90 -13.08
N GLY A 431 16.69 42.19 -11.97
CA GLY A 431 17.81 41.41 -11.49
C GLY A 431 17.53 40.26 -10.53
N ALA A 432 18.49 39.35 -10.48
CA ALA A 432 18.42 38.16 -9.66
C ALA A 432 18.40 38.36 -8.14
N ALA A 433 18.53 39.62 -7.70
CA ALA A 433 18.51 39.94 -6.27
C ALA A 433 17.27 39.43 -5.54
N GLU A 434 17.47 38.59 -4.53
CA GLU A 434 16.38 38.01 -3.73
C GLU A 434 15.61 39.06 -2.95
N HIS A 435 16.27 39.71 -1.99
CA HIS A 435 15.61 40.79 -1.26
C HIS A 435 16.54 41.89 -0.73
N GLY A 436 15.95 43.08 -0.78
CA GLY A 436 16.55 44.36 -0.46
C GLY A 436 17.48 44.68 0.68
N PHE A 437 17.68 45.98 0.84
CA PHE A 437 18.54 46.54 1.85
C PHE A 437 18.31 48.04 1.89
N VAL A 438 18.88 48.70 2.89
CA VAL A 438 18.79 50.15 2.96
C VAL A 438 20.20 50.72 2.91
N ASP A 439 20.38 51.84 2.23
CA ASP A 439 21.73 52.40 2.19
C ASP A 439 21.92 53.65 3.07
N THR A 440 22.31 53.45 4.33
CA THR A 440 22.56 54.58 5.22
C THR A 440 23.51 55.54 4.50
N VAL A 441 24.78 55.16 4.44
CA VAL A 441 25.84 55.94 3.80
C VAL A 441 25.40 56.91 2.70
N ARG A 442 24.53 56.46 1.81
CA ARG A 442 24.06 57.29 0.71
C ARG A 442 22.54 57.37 0.64
N ASN A 443 21.90 56.89 1.70
CA ASN A 443 20.45 56.90 1.79
C ASN A 443 19.76 56.43 0.51
N LEU A 444 19.75 55.11 0.29
CA LEU A 444 19.12 54.51 -0.89
C LEU A 444 18.32 53.30 -0.46
N ALA A 445 17.21 53.03 -1.15
CA ALA A 445 16.37 51.88 -0.81
C ALA A 445 16.31 50.85 -1.93
N LEU A 446 16.37 49.57 -1.57
CA LEU A 446 16.32 48.51 -2.58
C LEU A 446 15.23 47.57 -2.13
N ILE A 447 14.16 47.49 -2.92
CA ILE A 447 13.01 46.65 -2.58
C ILE A 447 12.69 45.56 -3.60
N CYS A 448 12.99 44.32 -3.22
CA CYS A 448 12.73 43.18 -4.07
C CYS A 448 11.37 42.60 -3.78
N GLU A 449 10.74 42.00 -4.79
CA GLU A 449 9.42 41.41 -4.66
C GLU A 449 9.23 40.70 -3.31
N SER A 450 10.20 39.89 -2.90
CA SER A 450 10.11 39.16 -1.64
C SER A 450 9.83 40.02 -0.42
N ASP A 451 10.45 41.20 -0.36
CA ASP A 451 10.24 42.11 0.76
C ASP A 451 8.81 42.62 0.75
N LEU A 452 8.21 42.66 -0.45
CA LEU A 452 6.85 43.13 -0.66
C LEU A 452 5.73 42.09 -0.62
N LEU A 453 6.01 40.88 -1.09
CA LEU A 453 4.99 39.83 -1.13
C LEU A 453 5.41 38.54 -0.46
N GLY A 454 5.62 38.58 0.85
CA GLY A 454 6.00 37.37 1.56
C GLY A 454 7.38 36.86 1.17
N GLU A 455 7.44 35.75 0.43
CA GLU A 455 8.70 35.16 0.01
C GLU A 455 8.56 34.25 -1.21
N ARG A 456 9.37 34.51 -2.23
CA ARG A 456 9.32 33.72 -3.45
C ARG A 456 9.50 32.22 -3.27
N VAL A 457 9.28 31.51 -4.38
CA VAL A 457 9.41 30.06 -4.49
C VAL A 457 10.37 29.86 -5.68
N ALA A 458 11.37 29.00 -5.52
CA ALA A 458 12.39 28.80 -6.54
C ALA A 458 12.18 27.93 -7.79
N ARG A 459 11.39 28.39 -8.76
CA ARG A 459 11.22 27.62 -10.00
C ARG A 459 11.31 28.49 -11.25
N ARG A 460 12.05 28.00 -12.25
CA ARG A 460 12.24 28.67 -13.54
C ARG A 460 11.60 27.84 -14.65
N ARG A 461 10.62 28.45 -15.31
CA ARG A 461 9.82 27.78 -16.33
C ARG A 461 10.38 27.58 -17.75
N GLN A 462 11.49 28.21 -18.12
CA GLN A 462 12.03 28.05 -19.47
C GLN A 462 12.72 26.68 -19.67
N ASP A 463 12.33 25.97 -20.73
CA ASP A 463 12.93 24.68 -21.01
C ASP A 463 13.56 24.64 -22.40
N SER A 464 13.19 25.61 -23.22
CA SER A 464 13.68 25.72 -24.58
C SER A 464 15.01 24.99 -24.77
N ARG A 465 15.87 25.10 -23.76
CA ARG A 465 17.19 24.46 -23.76
C ARG A 465 17.20 23.03 -24.31
N ARG A 466 16.49 22.13 -23.67
CA ARG A 466 16.47 20.74 -24.12
C ARG A 466 15.06 20.21 -24.20
N THR A 467 14.28 20.69 -25.15
CA THR A 467 12.91 20.22 -25.28
C THR A 467 12.73 19.09 -26.29
N ILE A 468 12.26 17.95 -25.79
CA ILE A 468 12.03 16.80 -26.63
C ILE A 468 10.62 16.92 -27.23
N ASN A 469 10.56 17.08 -28.55
CA ASN A 469 9.29 17.22 -29.29
C ASN A 469 8.35 16.03 -29.09
N PRO A 470 7.15 16.30 -28.56
CA PRO A 470 6.19 15.21 -28.34
C PRO A 470 5.95 14.55 -29.69
N ASP A 471 5.78 15.40 -30.72
CA ASP A 471 5.54 14.94 -32.08
C ASP A 471 6.72 14.11 -32.54
N THR A 472 7.81 14.77 -32.94
CA THR A 472 9.00 14.04 -33.39
C THR A 472 8.97 12.57 -32.99
N LEU A 473 9.49 12.24 -31.81
CA LEU A 473 9.53 10.87 -31.30
C LEU A 473 8.41 9.98 -31.71
N ILE A 474 7.22 10.55 -31.84
CA ILE A 474 6.08 9.75 -32.24
C ILE A 474 5.78 9.83 -33.73
N ARG A 475 5.67 11.04 -34.26
CA ARG A 475 5.40 11.16 -35.68
C ARG A 475 6.53 10.59 -36.53
N ASN A 476 7.78 10.71 -36.09
CA ASN A 476 8.89 10.20 -36.89
C ASN A 476 9.61 8.98 -36.34
N LEU A 477 8.97 8.29 -35.42
CA LEU A 477 9.57 7.12 -34.81
C LEU A 477 11.09 7.28 -34.75
N ALA A 478 11.55 8.28 -33.99
CA ALA A 478 12.97 8.62 -33.86
C ALA A 478 13.85 7.67 -33.05
N GLU A 479 13.32 7.10 -31.98
CA GLU A 479 14.15 6.17 -31.22
C GLU A 479 13.36 4.88 -31.09
N LEU A 480 13.17 4.21 -32.21
CA LEU A 480 12.41 2.98 -32.19
C LEU A 480 13.35 1.82 -31.95
N HIS A 481 13.13 1.14 -30.83
CA HIS A 481 13.95 -0.01 -30.45
C HIS A 481 13.29 -1.31 -30.85
N ILE A 482 14.12 -2.24 -31.31
CA ILE A 482 13.59 -3.53 -31.71
C ILE A 482 12.68 -4.08 -30.61
N GLY A 483 11.48 -4.46 -31.01
CA GLY A 483 10.53 -5.01 -30.06
C GLY A 483 9.36 -4.12 -29.74
N GLN A 484 9.51 -2.82 -29.96
CA GLN A 484 8.43 -1.88 -29.64
C GLN A 484 7.31 -1.96 -30.65
N PRO A 485 6.06 -1.96 -30.15
CA PRO A 485 4.82 -2.03 -30.96
C PRO A 485 4.63 -0.94 -32.02
N VAL A 486 4.60 -1.35 -33.27
CA VAL A 486 4.43 -0.44 -34.40
C VAL A 486 3.09 -0.68 -35.11
N VAL A 487 2.60 0.33 -35.84
CA VAL A 487 1.32 0.18 -36.52
C VAL A 487 1.30 0.43 -38.03
N HIS A 488 0.80 -0.58 -38.74
CA HIS A 488 0.67 -0.52 -40.18
C HIS A 488 -0.80 -0.32 -40.48
N LEU A 489 -1.15 0.74 -41.20
CA LEU A 489 -2.55 1.01 -41.50
C LEU A 489 -3.27 -0.18 -42.08
N GLU A 490 -2.61 -0.84 -43.02
CA GLU A 490 -3.18 -1.98 -43.71
C GLU A 490 -3.31 -3.28 -42.94
N HIS A 491 -2.40 -3.53 -42.01
CA HIS A 491 -2.44 -4.79 -41.28
C HIS A 491 -2.66 -4.71 -39.77
N GLY A 492 -2.18 -3.66 -39.13
CA GLY A 492 -2.40 -3.55 -37.69
C GLY A 492 -1.16 -3.34 -36.86
N VAL A 493 -1.20 -3.86 -35.65
CA VAL A 493 -0.09 -3.73 -34.71
C VAL A 493 0.98 -4.84 -34.75
N GLY A 494 2.20 -4.47 -35.12
CA GLY A 494 3.27 -5.44 -35.15
C GLY A 494 4.37 -5.03 -34.18
N ARG A 495 5.58 -5.53 -34.38
CA ARG A 495 6.73 -5.19 -33.54
C ARG A 495 7.95 -4.96 -34.43
N TYR A 496 8.52 -3.76 -34.33
CA TYR A 496 9.70 -3.37 -35.09
C TYR A 496 10.74 -4.50 -35.05
N ALA A 497 11.27 -4.88 -36.20
CA ALA A 497 12.24 -5.96 -36.21
C ALA A 497 13.57 -5.53 -36.78
N GLY A 498 13.62 -4.30 -37.25
CA GLY A 498 14.85 -3.76 -37.82
C GLY A 498 14.67 -3.38 -39.28
N MET A 499 15.77 -3.10 -39.96
CA MET A 499 15.74 -2.73 -41.37
C MET A 499 16.72 -3.59 -42.17
N THR A 500 16.27 -4.12 -43.29
CA THR A 500 17.10 -4.96 -44.14
C THR A 500 17.31 -4.38 -45.52
N THR A 501 18.16 -5.03 -46.30
CA THR A 501 18.45 -4.63 -47.67
C THR A 501 18.25 -5.85 -48.57
N LEU A 502 17.22 -5.80 -49.42
CA LEU A 502 16.88 -6.89 -50.32
C LEU A 502 17.10 -6.53 -51.78
N GLU A 503 16.84 -7.51 -52.65
CA GLU A 503 16.99 -7.33 -54.08
C GLU A 503 15.66 -7.41 -54.82
N ALA A 504 15.45 -6.44 -55.70
CA ALA A 504 14.25 -6.39 -56.51
C ALA A 504 14.75 -6.75 -57.91
N GLY A 505 14.30 -6.02 -58.93
CA GLY A 505 14.75 -6.30 -60.28
C GLY A 505 16.22 -5.99 -60.51
N GLY A 506 17.08 -6.42 -59.59
CA GLY A 506 18.50 -6.15 -59.74
C GLY A 506 18.80 -4.76 -59.24
N ILE A 507 17.93 -4.26 -58.37
CA ILE A 507 18.09 -2.94 -57.79
C ILE A 507 17.93 -3.08 -56.29
N THR A 508 18.95 -2.69 -55.54
CA THR A 508 18.94 -2.77 -54.07
C THR A 508 18.04 -1.72 -53.39
N GLY A 509 17.06 -2.20 -52.63
CA GLY A 509 16.16 -1.30 -51.94
C GLY A 509 16.11 -1.65 -50.47
N GLU A 510 15.76 -0.68 -49.61
CA GLU A 510 15.72 -0.92 -48.16
C GLU A 510 14.29 -1.16 -47.72
N TYR A 511 14.13 -1.98 -46.68
CA TYR A 511 12.83 -2.35 -46.17
C TYR A 511 12.75 -2.33 -44.65
N LEU A 512 11.60 -1.98 -44.12
CA LEU A 512 11.41 -1.92 -42.68
C LEU A 512 10.82 -3.25 -42.29
N MET A 513 11.45 -3.96 -41.35
CA MET A 513 10.91 -5.25 -40.93
C MET A 513 9.99 -5.10 -39.74
N LEU A 514 8.82 -5.73 -39.82
CA LEU A 514 7.85 -5.71 -38.73
C LEU A 514 7.37 -7.12 -38.53
N THR A 515 7.44 -7.63 -37.31
CA THR A 515 6.95 -8.98 -37.09
C THR A 515 5.53 -8.82 -36.61
N TYR A 516 4.72 -9.87 -36.80
CA TYR A 516 3.35 -9.86 -36.36
C TYR A 516 3.09 -11.15 -35.57
N ALA A 517 1.87 -11.69 -35.61
CA ALA A 517 1.56 -12.91 -34.87
C ALA A 517 2.33 -14.10 -35.44
N ASN A 518 2.58 -15.09 -34.60
CA ASN A 518 3.29 -16.32 -34.99
C ASN A 518 4.54 -15.97 -35.79
N ASP A 519 5.23 -14.92 -35.37
CA ASP A 519 6.45 -14.49 -36.06
C ASP A 519 6.26 -14.33 -37.57
N ALA A 520 5.12 -13.79 -37.97
CA ALA A 520 4.87 -13.54 -39.39
C ALA A 520 5.63 -12.24 -39.66
N LYS A 521 6.59 -12.27 -40.58
CA LYS A 521 7.37 -11.06 -40.87
C LYS A 521 6.95 -10.29 -42.11
N LEU A 522 6.43 -9.09 -41.88
CA LEU A 522 5.97 -8.22 -42.95
C LEU A 522 7.09 -7.28 -43.38
N TYR A 523 7.32 -7.16 -44.69
CA TYR A 523 8.35 -6.27 -45.20
C TYR A 523 7.74 -5.03 -45.83
N VAL A 524 8.08 -3.86 -45.27
CA VAL A 524 7.53 -2.60 -45.74
C VAL A 524 8.51 -1.80 -46.57
N PRO A 525 8.11 -1.45 -47.80
CA PRO A 525 9.00 -0.67 -48.65
C PRO A 525 9.23 0.69 -47.99
N VAL A 526 10.49 1.08 -47.86
CA VAL A 526 10.83 2.35 -47.27
C VAL A 526 9.91 3.45 -47.81
N SER A 527 9.48 3.30 -49.06
CA SER A 527 8.62 4.29 -49.70
C SER A 527 7.17 4.21 -49.28
N SER A 528 6.85 3.28 -48.42
CA SER A 528 5.47 3.17 -48.01
C SER A 528 5.34 3.40 -46.52
N LEU A 529 6.45 3.80 -45.92
CA LEU A 529 6.53 4.05 -44.50
C LEU A 529 5.42 4.95 -43.97
N HIS A 530 4.77 5.68 -44.87
CA HIS A 530 3.70 6.60 -44.49
C HIS A 530 2.49 5.84 -43.98
N LEU A 531 2.56 4.53 -43.94
CA LEU A 531 1.44 3.76 -43.46
C LEU A 531 1.83 3.27 -42.09
N ILE A 532 2.90 3.83 -41.57
CA ILE A 532 3.36 3.40 -40.27
C ILE A 532 3.40 4.49 -39.21
N SER A 533 3.08 4.11 -37.99
CA SER A 533 3.06 5.02 -36.86
C SER A 533 3.37 4.25 -35.58
N ARG A 534 3.97 4.93 -34.61
CA ARG A 534 4.32 4.29 -33.36
C ARG A 534 3.06 4.05 -32.54
N TYR A 535 3.01 2.91 -31.86
CA TYR A 535 1.86 2.57 -31.04
C TYR A 535 1.78 3.54 -29.88
N ALA A 536 0.56 3.87 -29.47
CA ALA A 536 0.38 4.86 -28.42
C ALA A 536 -0.22 4.43 -27.10
N GLY A 537 -1.27 3.62 -27.15
CA GLY A 537 -1.93 3.16 -25.93
C GLY A 537 -1.17 3.37 -24.63
N GLY A 538 -1.86 3.83 -23.60
CA GLY A 538 -1.20 4.06 -22.32
C GLY A 538 -0.54 2.80 -21.75
N ALA A 539 -0.70 1.68 -22.44
CA ALA A 539 -0.13 0.39 -22.00
C ALA A 539 0.75 -0.24 -23.08
N GLU A 540 2.05 0.04 -23.02
CA GLU A 540 2.99 -0.51 -23.98
C GLU A 540 3.16 -2.00 -23.73
N GLU A 541 3.06 -2.40 -22.47
CA GLU A 541 3.20 -3.79 -22.07
C GLU A 541 2.14 -4.66 -22.73
N ASN A 542 0.95 -4.09 -22.91
CA ASN A 542 -0.13 -4.82 -23.53
C ASN A 542 -0.49 -4.19 -24.87
N ALA A 543 -0.04 -4.83 -25.95
CA ALA A 543 -0.33 -4.30 -27.27
C ALA A 543 -0.76 -5.43 -28.18
N PRO A 544 -1.80 -5.19 -28.97
CA PRO A 544 -2.31 -6.19 -29.90
C PRO A 544 -1.17 -6.75 -30.76
N LEU A 545 -1.30 -8.03 -31.12
CA LEU A 545 -0.30 -8.69 -31.95
C LEU A 545 -1.10 -9.32 -33.08
N HIS A 546 -1.69 -8.45 -33.90
CA HIS A 546 -2.51 -8.87 -35.02
C HIS A 546 -1.84 -9.89 -35.92
N LYS A 547 -2.63 -10.77 -36.50
CA LYS A 547 -2.10 -11.79 -37.40
C LYS A 547 -2.05 -11.20 -38.81
N LEU A 548 -0.91 -11.39 -39.47
CA LEU A 548 -0.72 -10.87 -40.81
C LEU A 548 -1.62 -11.59 -41.81
N GLY A 549 -2.50 -10.83 -42.44
CA GLY A 549 -3.43 -11.40 -43.41
C GLY A 549 -4.79 -11.70 -42.80
N GLY A 550 -4.90 -11.43 -41.50
CA GLY A 550 -6.13 -11.68 -40.77
C GLY A 550 -7.28 -10.71 -40.99
N ASP A 551 -8.42 -11.09 -40.44
CA ASP A 551 -9.67 -10.33 -40.52
C ASP A 551 -9.86 -9.34 -39.36
N ALA A 552 -9.38 -9.73 -38.18
CA ALA A 552 -9.48 -8.94 -36.95
C ALA A 552 -9.31 -7.45 -37.13
N TRP A 553 -8.13 -7.04 -37.59
CA TRP A 553 -7.82 -5.63 -37.81
C TRP A 553 -8.95 -4.90 -38.55
N SER A 554 -9.03 -5.11 -39.85
CA SER A 554 -10.04 -4.46 -40.69
C SER A 554 -11.36 -4.25 -39.94
N ARG A 555 -11.70 -5.16 -39.02
CA ARG A 555 -12.92 -5.03 -38.24
C ARG A 555 -12.72 -3.93 -37.22
N ALA A 556 -11.79 -4.17 -36.30
CA ALA A 556 -11.47 -3.23 -35.24
C ALA A 556 -11.31 -1.82 -35.77
N ARG A 557 -10.80 -1.71 -36.99
CA ARG A 557 -10.62 -0.43 -37.62
C ARG A 557 -11.96 0.19 -37.97
N GLN A 558 -13.00 -0.64 -38.00
CA GLN A 558 -14.34 -0.15 -38.31
C GLN A 558 -15.08 0.12 -37.01
N LYS A 559 -15.14 -0.89 -36.14
CA LYS A 559 -15.82 -0.75 -34.86
C LYS A 559 -15.44 0.60 -34.26
N ALA A 560 -14.16 0.94 -34.42
CA ALA A 560 -13.63 2.20 -33.91
C ALA A 560 -14.28 3.39 -34.59
N ALA A 561 -14.31 3.40 -35.92
CA ALA A 561 -14.92 4.52 -36.63
C ALA A 561 -16.36 4.67 -36.21
N GLU A 562 -17.00 3.55 -35.89
CA GLU A 562 -18.39 3.56 -35.48
C GLU A 562 -18.54 4.36 -34.21
N LYS A 563 -17.84 3.92 -33.17
CA LYS A 563 -17.88 4.58 -31.86
C LYS A 563 -17.46 6.05 -31.93
N VAL A 564 -16.38 6.31 -32.65
CA VAL A 564 -15.87 7.67 -32.81
C VAL A 564 -16.93 8.63 -33.34
N ARG A 565 -17.85 8.10 -34.16
CA ARG A 565 -18.90 8.95 -34.70
C ARG A 565 -19.97 9.19 -33.63
N ASP A 566 -20.32 8.14 -32.90
CA ASP A 566 -21.32 8.27 -31.85
C ASP A 566 -20.86 9.36 -30.90
N VAL A 567 -19.59 9.28 -30.51
CA VAL A 567 -19.02 10.26 -29.59
C VAL A 567 -19.08 11.67 -30.15
N ALA A 568 -18.49 11.87 -31.31
CA ALA A 568 -18.51 13.17 -31.94
C ALA A 568 -19.92 13.72 -32.01
N ALA A 569 -20.89 12.82 -32.10
CA ALA A 569 -22.29 13.21 -32.17
C ALA A 569 -22.79 13.64 -30.80
N GLU A 570 -22.94 12.67 -29.90
CA GLU A 570 -23.42 12.93 -28.55
C GLU A 570 -22.90 14.26 -28.04
N LEU A 571 -21.62 14.53 -28.24
CA LEU A 571 -21.05 15.78 -27.78
C LEU A 571 -21.66 16.95 -28.53
N LEU A 572 -21.42 16.99 -29.83
CA LEU A 572 -21.89 18.09 -30.67
C LEU A 572 -23.31 18.62 -30.49
N ASP A 573 -24.27 17.77 -30.16
CA ASP A 573 -25.62 18.28 -29.95
C ASP A 573 -25.72 18.83 -28.54
N ILE A 574 -25.02 18.18 -27.61
CA ILE A 574 -25.00 18.59 -26.21
C ILE A 574 -24.39 19.98 -26.01
N TYR A 575 -23.35 20.29 -26.78
CA TYR A 575 -22.69 21.59 -26.71
C TYR A 575 -23.63 22.58 -27.35
N ALA A 576 -24.14 22.20 -28.53
CA ALA A 576 -25.06 23.05 -29.26
C ALA A 576 -26.25 23.44 -28.37
N GLN A 577 -26.83 22.45 -27.70
CA GLN A 577 -27.97 22.68 -26.81
C GLN A 577 -27.66 23.68 -25.70
N ARG A 578 -26.58 23.44 -24.97
CA ARG A 578 -26.21 24.32 -23.87
C ARG A 578 -25.91 25.73 -24.38
N ALA A 579 -25.63 25.85 -25.68
CA ALA A 579 -25.34 27.16 -26.27
C ALA A 579 -26.61 27.95 -26.58
N ALA A 580 -27.75 27.26 -26.58
CA ALA A 580 -29.03 27.92 -26.90
C ALA A 580 -29.91 28.15 -25.66
N LYS A 581 -29.35 27.86 -24.48
CA LYS A 581 -30.10 28.03 -23.23
C LYS A 581 -29.60 29.24 -22.43
N GLU A 582 -30.52 29.94 -21.77
CA GLU A 582 -30.20 31.12 -20.97
C GLU A 582 -29.70 30.69 -19.57
N GLY A 583 -28.55 31.22 -19.16
CA GLY A 583 -28.00 30.83 -17.86
C GLY A 583 -27.97 31.88 -16.77
N PHE A 584 -26.79 32.41 -16.50
CA PHE A 584 -26.63 33.43 -15.46
C PHE A 584 -25.29 34.12 -15.59
N ALA A 585 -25.30 35.44 -15.78
CA ALA A 585 -24.07 36.20 -15.91
C ALA A 585 -23.56 36.38 -14.49
N PHE A 586 -22.30 36.77 -14.32
CA PHE A 586 -21.79 36.92 -12.97
C PHE A 586 -21.15 38.27 -12.62
N LYS A 587 -21.15 39.21 -13.56
CA LYS A 587 -20.52 40.50 -13.25
C LYS A 587 -19.06 40.18 -12.90
N HIS A 588 -18.48 40.89 -11.94
CA HIS A 588 -17.09 40.64 -11.58
C HIS A 588 -16.56 41.64 -10.55
N ASP A 589 -16.15 42.82 -11.00
CA ASP A 589 -15.64 43.85 -10.11
C ASP A 589 -14.13 43.72 -9.93
N ARG A 590 -13.36 44.26 -10.87
CA ARG A 590 -11.90 44.19 -10.80
C ARG A 590 -11.34 44.50 -9.41
N GLU A 591 -11.99 45.38 -8.67
CA GLU A 591 -11.48 45.73 -7.34
C GLU A 591 -11.63 44.60 -6.31
N GLN A 592 -12.85 44.15 -6.10
CA GLN A 592 -13.10 43.07 -5.16
C GLN A 592 -12.16 41.94 -5.47
N TYR A 593 -12.05 41.62 -6.75
CA TYR A 593 -11.20 40.54 -7.22
C TYR A 593 -9.74 40.70 -6.83
N GLN A 594 -9.20 41.85 -7.16
CA GLN A 594 -7.81 42.15 -6.86
C GLN A 594 -7.48 41.97 -5.39
N LEU A 595 -8.49 42.16 -4.54
CA LEU A 595 -8.30 42.03 -3.11
C LEU A 595 -8.24 40.60 -2.71
N PHE A 596 -9.06 39.78 -3.34
CA PHE A 596 -9.06 38.37 -3.04
C PHE A 596 -7.67 37.90 -3.41
N CYS A 597 -7.26 38.25 -4.62
CA CYS A 597 -5.96 37.84 -5.08
C CYS A 597 -4.87 38.26 -4.11
N ASP A 598 -5.10 39.30 -3.33
CA ASP A 598 -4.07 39.72 -2.38
C ASP A 598 -3.68 38.56 -1.49
N SER A 599 -4.67 37.74 -1.16
CA SER A 599 -4.45 36.60 -0.28
C SER A 599 -3.73 35.45 -0.96
N PHE A 600 -3.20 35.72 -2.17
CA PHE A 600 -2.41 34.77 -2.97
C PHE A 600 -1.28 35.51 -3.71
N PRO A 601 -0.21 35.89 -2.99
CA PRO A 601 0.96 36.61 -3.48
C PRO A 601 1.94 35.78 -4.26
N PHE A 602 1.49 35.16 -5.35
CA PHE A 602 2.40 34.33 -6.11
C PHE A 602 2.17 34.37 -7.60
N GLU A 603 3.26 34.35 -8.36
CA GLU A 603 3.19 34.37 -9.81
C GLU A 603 2.42 33.18 -10.36
N THR A 604 1.51 33.44 -11.29
CA THR A 604 0.73 32.38 -11.90
C THR A 604 1.36 32.02 -13.24
N THR A 605 1.34 30.74 -13.57
CA THR A 605 1.88 30.28 -14.83
C THR A 605 1.05 30.89 -15.94
N PRO A 606 1.60 30.98 -17.16
CA PRO A 606 0.82 31.56 -18.27
C PRO A 606 -0.33 30.61 -18.63
N ASP A 607 -0.05 29.30 -18.61
CA ASP A 607 -1.07 28.29 -18.89
C ASP A 607 -2.20 28.44 -17.88
N GLN A 608 -1.78 28.66 -16.65
CA GLN A 608 -2.64 28.81 -15.48
C GLN A 608 -3.58 30.03 -15.58
N ALA A 609 -3.00 31.22 -15.71
CA ALA A 609 -3.81 32.43 -15.81
C ALA A 609 -4.76 32.31 -16.98
N GLN A 610 -4.27 31.69 -18.05
CA GLN A 610 -5.08 31.50 -19.25
C GLN A 610 -6.39 30.85 -18.81
N ALA A 611 -6.25 29.83 -17.96
CA ALA A 611 -7.37 29.06 -17.43
C ALA A 611 -8.29 29.87 -16.52
N ILE A 612 -7.70 30.61 -15.60
CA ILE A 612 -8.50 31.42 -14.69
C ILE A 612 -9.43 32.34 -15.47
N ASN A 613 -8.84 33.21 -16.30
CA ASN A 613 -9.62 34.15 -17.09
C ASN A 613 -10.62 33.40 -17.96
N ALA A 614 -10.25 32.19 -18.37
CA ALA A 614 -11.11 31.38 -19.22
C ALA A 614 -12.32 30.96 -18.43
N VAL A 615 -12.08 30.51 -17.21
CA VAL A 615 -13.16 30.06 -16.33
C VAL A 615 -14.00 31.22 -15.86
N LEU A 616 -13.37 32.35 -15.64
CA LEU A 616 -14.09 33.50 -15.18
C LEU A 616 -15.04 34.02 -16.26
N SER A 617 -14.53 34.10 -17.49
CA SER A 617 -15.34 34.57 -18.61
C SER A 617 -16.60 33.74 -18.77
N ASP A 618 -16.41 32.45 -19.01
CA ASP A 618 -17.55 31.54 -19.16
C ASP A 618 -18.60 31.79 -18.09
N MET A 619 -18.15 32.20 -16.91
CA MET A 619 -19.06 32.46 -15.82
C MET A 619 -19.83 33.76 -16.06
N CYS A 620 -19.16 34.75 -16.63
CA CYS A 620 -19.79 36.05 -16.92
C CYS A 620 -20.68 36.10 -18.15
N GLN A 621 -20.71 35.04 -18.94
CA GLN A 621 -21.55 35.02 -20.13
C GLN A 621 -22.89 34.38 -19.79
N PRO A 622 -23.99 34.95 -20.32
CA PRO A 622 -25.37 34.51 -20.13
C PRO A 622 -25.69 33.04 -20.43
N LEU A 623 -24.65 32.21 -20.52
CA LEU A 623 -24.80 30.79 -20.80
C LEU A 623 -24.13 29.89 -19.76
N ALA A 624 -24.82 28.83 -19.37
CA ALA A 624 -24.26 27.90 -18.40
C ALA A 624 -22.87 27.54 -18.86
N MET A 625 -21.93 27.50 -17.91
CA MET A 625 -20.54 27.14 -18.18
C MET A 625 -20.43 25.65 -17.95
N ASP A 626 -19.46 25.04 -18.61
CA ASP A 626 -19.21 23.63 -18.44
C ASP A 626 -17.82 23.43 -18.95
N ARG A 627 -16.84 23.83 -18.14
CA ARG A 627 -15.44 23.70 -18.50
C ARG A 627 -14.75 22.55 -17.80
N LEU A 628 -13.59 22.20 -18.32
CA LEU A 628 -12.80 21.16 -17.72
C LEU A 628 -11.41 21.75 -17.73
N VAL A 629 -10.67 21.55 -16.64
CA VAL A 629 -9.33 22.05 -16.57
C VAL A 629 -8.47 20.88 -16.11
N CYS A 630 -7.39 20.62 -16.86
CA CYS A 630 -6.46 19.51 -16.59
C CYS A 630 -5.09 20.05 -16.25
N GLY A 631 -4.74 20.00 -14.97
CA GLY A 631 -3.45 20.49 -14.52
C GLY A 631 -2.75 19.49 -13.64
N ASP A 632 -1.73 19.97 -12.94
CA ASP A 632 -0.91 19.15 -12.04
C ASP A 632 -1.20 19.58 -10.61
N VAL A 633 -0.32 19.22 -9.68
CA VAL A 633 -0.50 19.67 -8.29
C VAL A 633 0.59 20.69 -7.98
N GLY A 634 0.89 21.53 -8.97
CA GLY A 634 1.88 22.56 -8.81
C GLY A 634 1.31 23.55 -7.83
N PHE A 635 2.18 24.24 -7.12
CA PHE A 635 1.70 25.21 -6.18
C PHE A 635 0.73 26.14 -6.91
N GLY A 636 -0.53 26.14 -6.51
CA GLY A 636 -1.48 27.04 -7.13
C GLY A 636 -2.50 26.53 -8.14
N LYS A 637 -2.52 25.24 -8.41
CA LYS A 637 -3.49 24.77 -9.38
C LYS A 637 -4.86 24.90 -8.76
N THR A 638 -4.87 25.09 -7.46
CA THR A 638 -6.14 25.22 -6.76
C THR A 638 -6.80 26.56 -7.04
N GLU A 639 -5.98 27.57 -7.32
CA GLU A 639 -6.44 28.93 -7.57
C GLU A 639 -7.59 29.06 -8.54
N VAL A 640 -7.63 28.24 -9.58
CA VAL A 640 -8.74 28.33 -10.53
C VAL A 640 -10.02 28.11 -9.76
N ALA A 641 -10.14 26.95 -9.13
CA ALA A 641 -11.33 26.61 -8.36
C ALA A 641 -11.59 27.66 -7.28
N MET A 642 -10.53 28.13 -6.65
CA MET A 642 -10.68 29.14 -5.63
C MET A 642 -11.36 30.37 -6.24
N ARG A 643 -10.69 31.02 -7.19
CA ARG A 643 -11.26 32.21 -7.83
C ARG A 643 -12.65 31.97 -8.40
N ALA A 644 -12.86 30.77 -8.92
CA ALA A 644 -14.16 30.47 -9.48
C ALA A 644 -15.18 30.74 -8.40
N ALA A 645 -14.99 30.09 -7.25
CA ALA A 645 -15.89 30.23 -6.11
C ALA A 645 -15.97 31.65 -5.59
N PHE A 646 -14.85 32.34 -5.55
CA PHE A 646 -14.90 33.70 -5.05
C PHE A 646 -15.92 34.48 -5.86
N LEU A 647 -15.88 34.26 -7.17
CA LEU A 647 -16.78 34.95 -8.06
C LEU A 647 -18.25 34.59 -7.84
N ALA A 648 -18.52 33.36 -7.49
CA ALA A 648 -19.90 32.98 -7.33
C ALA A 648 -20.48 33.48 -6.02
N VAL A 649 -19.62 33.60 -5.02
CA VAL A 649 -20.07 34.04 -3.71
C VAL A 649 -20.18 35.55 -3.67
N ASP A 650 -19.31 36.22 -4.42
CA ASP A 650 -19.32 37.67 -4.46
C ASP A 650 -20.62 38.14 -5.13
N ASN A 651 -21.34 37.17 -5.69
CA ASN A 651 -22.60 37.41 -6.37
C ASN A 651 -23.71 36.86 -5.51
N HIS A 652 -23.39 36.55 -4.26
CA HIS A 652 -24.34 35.98 -3.31
C HIS A 652 -24.96 34.70 -3.86
N LYS A 653 -24.10 33.79 -4.31
CA LYS A 653 -24.56 32.51 -4.86
C LYS A 653 -23.76 31.42 -4.16
N GLN A 654 -24.46 30.38 -3.73
CA GLN A 654 -23.83 29.26 -3.03
C GLN A 654 -23.04 28.41 -4.01
N VAL A 655 -22.00 27.75 -3.50
CA VAL A 655 -21.12 26.91 -4.30
C VAL A 655 -21.02 25.52 -3.73
N ALA A 656 -21.13 24.52 -4.59
CA ALA A 656 -20.99 23.13 -4.16
C ALA A 656 -19.75 22.54 -4.81
N VAL A 657 -19.06 21.66 -4.11
CA VAL A 657 -17.84 21.04 -4.62
C VAL A 657 -17.90 19.55 -4.38
N LEU A 658 -17.95 18.77 -5.43
CA LEU A 658 -18.00 17.33 -5.23
C LEU A 658 -16.65 16.71 -5.38
N VAL A 659 -16.37 15.73 -4.53
CA VAL A 659 -15.10 15.01 -4.57
C VAL A 659 -15.35 13.53 -4.30
N PRO A 660 -14.56 12.66 -4.96
CA PRO A 660 -14.63 11.21 -4.87
C PRO A 660 -14.42 10.60 -3.51
N THR A 661 -13.34 10.99 -2.84
CA THR A 661 -12.96 10.44 -1.54
C THR A 661 -12.90 11.47 -0.41
N THR A 662 -13.25 11.08 0.83
CA THR A 662 -13.22 12.01 1.96
C THR A 662 -11.87 12.72 2.12
N LEU A 663 -10.77 11.97 2.11
CA LEU A 663 -9.46 12.62 2.26
C LEU A 663 -9.35 13.83 1.36
N LEU A 664 -9.94 13.73 0.17
CA LEU A 664 -9.89 14.84 -0.76
C LEU A 664 -10.78 15.97 -0.23
N ALA A 665 -12.01 15.62 0.13
CA ALA A 665 -12.96 16.58 0.66
C ALA A 665 -12.27 17.41 1.73
N GLN A 666 -11.72 16.71 2.72
CA GLN A 666 -11.02 17.36 3.81
C GLN A 666 -9.99 18.30 3.22
N GLN A 667 -9.05 17.76 2.45
CA GLN A 667 -8.03 18.58 1.83
C GLN A 667 -8.65 19.83 1.23
N HIS A 668 -9.67 19.64 0.40
CA HIS A 668 -10.36 20.75 -0.24
C HIS A 668 -10.93 21.72 0.81
N TYR A 669 -11.55 21.15 1.84
CA TYR A 669 -12.11 21.93 2.92
C TYR A 669 -11.02 22.84 3.50
N ASP A 670 -9.90 22.24 3.88
CA ASP A 670 -8.76 22.96 4.43
C ASP A 670 -8.36 24.09 3.52
N ASN A 671 -7.91 23.74 2.33
CA ASN A 671 -7.49 24.75 1.39
C ASN A 671 -8.48 25.90 1.28
N PHE A 672 -9.77 25.60 1.26
CA PHE A 672 -10.75 26.67 1.15
C PHE A 672 -10.78 27.56 2.37
N ARG A 673 -10.66 26.94 3.54
CA ARG A 673 -10.66 27.68 4.78
C ARG A 673 -9.50 28.67 4.80
N ASP A 674 -8.31 28.19 4.46
CA ASP A 674 -7.14 29.04 4.47
C ASP A 674 -7.16 30.07 3.35
N ARG A 675 -7.90 29.83 2.29
CA ARG A 675 -7.89 30.80 1.20
C ARG A 675 -8.86 31.93 1.41
N PHE A 676 -9.97 31.64 2.06
CA PHE A 676 -10.95 32.66 2.32
C PHE A 676 -10.86 33.16 3.79
N ALA A 677 -9.73 32.87 4.41
CA ALA A 677 -9.47 33.25 5.78
C ALA A 677 -9.69 34.74 6.03
N ASN A 678 -9.42 35.58 5.04
CA ASN A 678 -9.62 36.98 5.27
C ASN A 678 -10.97 37.44 4.80
N TRP A 679 -11.92 36.51 4.68
CA TRP A 679 -13.25 36.86 4.22
C TRP A 679 -14.40 36.28 5.05
N PRO A 680 -15.54 36.99 5.07
CA PRO A 680 -16.66 36.49 5.85
C PRO A 680 -17.40 35.41 5.09
N VAL A 681 -16.68 34.45 4.53
CA VAL A 681 -17.36 33.42 3.78
C VAL A 681 -17.46 32.15 4.58
N ARG A 682 -18.69 31.69 4.82
CA ARG A 682 -18.88 30.47 5.61
C ARG A 682 -18.62 29.27 4.75
N ILE A 683 -17.84 28.33 5.27
CA ILE A 683 -17.53 27.13 4.52
C ILE A 683 -17.77 25.93 5.39
N GLU A 684 -18.26 24.87 4.78
CA GLU A 684 -18.53 23.66 5.54
C GLU A 684 -18.38 22.43 4.67
N MET A 685 -18.19 21.28 5.32
CA MET A 685 -18.00 20.03 4.61
C MET A 685 -18.93 18.93 5.12
N ILE A 686 -19.42 18.11 4.21
CA ILE A 686 -20.28 16.96 4.52
C ILE A 686 -19.45 15.76 4.06
N SER A 687 -19.13 14.86 4.98
CA SER A 687 -18.31 13.68 4.66
C SER A 687 -18.23 12.70 5.82
N ARG A 688 -17.56 11.57 5.60
CA ARG A 688 -17.39 10.58 6.66
C ARG A 688 -17.04 11.22 7.99
N PHE A 689 -16.34 12.35 7.94
CA PHE A 689 -15.91 13.06 9.15
C PHE A 689 -17.02 13.92 9.78
N ARG A 690 -18.26 13.46 9.67
CA ARG A 690 -19.40 14.18 10.23
C ARG A 690 -20.52 13.22 10.57
N SER A 691 -20.97 13.24 11.82
CA SER A 691 -22.05 12.37 12.24
C SER A 691 -23.32 12.76 11.51
N ALA A 692 -24.36 11.93 11.61
CA ALA A 692 -25.61 12.22 10.93
C ALA A 692 -26.16 13.54 11.46
N LYS A 693 -26.23 13.64 12.78
CA LYS A 693 -26.72 14.83 13.43
C LYS A 693 -26.12 16.09 12.82
N GLU A 694 -24.80 16.15 12.74
CA GLU A 694 -24.16 17.34 12.19
C GLU A 694 -24.49 17.52 10.72
N GLN A 695 -24.62 16.42 10.00
CA GLN A 695 -24.96 16.48 8.58
C GLN A 695 -26.28 17.22 8.48
N THR A 696 -27.24 16.75 9.28
CA THR A 696 -28.56 17.34 9.36
C THR A 696 -28.46 18.83 9.71
N GLN A 697 -27.75 19.17 10.79
CA GLN A 697 -27.65 20.56 11.16
C GLN A 697 -26.93 21.39 10.11
N ILE A 698 -26.23 20.75 9.19
CA ILE A 698 -25.52 21.50 8.15
C ILE A 698 -26.42 21.74 6.95
N LEU A 699 -26.91 20.65 6.37
CA LEU A 699 -27.78 20.75 5.21
C LEU A 699 -28.86 21.75 5.48
N ALA A 700 -29.23 21.84 6.76
CA ALA A 700 -30.25 22.77 7.19
C ALA A 700 -29.71 24.18 6.96
N GLU A 701 -28.50 24.47 7.41
CA GLU A 701 -27.94 25.78 7.20
C GLU A 701 -27.78 26.00 5.68
N VAL A 702 -27.61 24.92 4.94
CA VAL A 702 -27.46 25.06 3.50
C VAL A 702 -28.74 25.56 2.87
N ALA A 703 -29.85 24.95 3.25
CA ALA A 703 -31.16 25.34 2.72
C ALA A 703 -31.48 26.80 3.09
N GLU A 704 -31.01 27.23 4.25
CA GLU A 704 -31.26 28.59 4.71
C GLU A 704 -30.41 29.63 4.01
N GLY A 705 -29.44 29.19 3.22
CA GLY A 705 -28.56 30.12 2.53
C GLY A 705 -27.42 30.62 3.41
N LYS A 706 -27.27 30.02 4.58
CA LYS A 706 -26.23 30.41 5.51
C LYS A 706 -24.86 29.81 5.24
N ILE A 707 -24.78 28.86 4.31
CA ILE A 707 -23.51 28.24 3.94
C ILE A 707 -23.15 28.67 2.52
N ASP A 708 -22.07 29.42 2.38
CA ASP A 708 -21.62 29.90 1.09
C ASP A 708 -20.92 28.86 0.25
N ILE A 709 -20.25 27.91 0.89
CA ILE A 709 -19.51 26.87 0.17
C ILE A 709 -19.58 25.50 0.85
N LEU A 710 -20.28 24.58 0.21
CA LEU A 710 -20.40 23.23 0.75
C LEU A 710 -19.42 22.34 -0.01
N ILE A 711 -18.81 21.39 0.69
CA ILE A 711 -17.87 20.47 0.09
C ILE A 711 -18.26 19.08 0.56
N GLY A 712 -18.41 18.14 -0.36
CA GLY A 712 -18.80 16.82 0.09
C GLY A 712 -18.46 15.63 -0.79
N THR A 713 -18.70 14.45 -0.23
CA THR A 713 -18.47 13.18 -0.89
C THR A 713 -19.70 12.97 -1.72
N HIS A 714 -19.90 11.73 -2.15
CA HIS A 714 -21.05 11.36 -2.92
C HIS A 714 -22.22 11.48 -1.98
N LYS A 715 -21.92 11.52 -0.70
CA LYS A 715 -22.99 11.65 0.29
C LYS A 715 -23.75 12.93 0.01
N LEU A 716 -23.15 13.84 -0.74
CA LEU A 716 -23.82 15.08 -1.08
C LEU A 716 -24.81 14.77 -2.19
N LEU A 717 -24.78 13.55 -2.67
CA LEU A 717 -25.70 13.15 -3.71
C LEU A 717 -26.77 12.27 -3.09
N GLN A 718 -26.36 11.40 -2.16
CA GLN A 718 -27.25 10.48 -1.44
C GLN A 718 -28.49 11.21 -0.94
N SER A 719 -28.24 12.30 -0.22
CA SER A 719 -29.30 13.12 0.34
C SER A 719 -29.91 13.98 -0.75
N ASP A 720 -31.10 14.48 -0.50
CA ASP A 720 -31.75 15.39 -1.41
C ASP A 720 -31.46 16.71 -0.73
N VAL A 721 -30.33 17.27 -1.12
CA VAL A 721 -29.87 18.50 -0.54
C VAL A 721 -30.54 19.68 -1.22
N LYS A 722 -31.05 20.59 -0.41
CA LYS A 722 -31.71 21.76 -0.92
C LYS A 722 -30.81 22.98 -0.72
N PHE A 723 -30.61 23.76 -1.79
CA PHE A 723 -29.79 24.97 -1.75
C PHE A 723 -30.72 26.15 -1.98
N LYS A 724 -30.45 27.27 -1.31
CA LYS A 724 -31.32 28.44 -1.48
C LYS A 724 -31.03 29.21 -2.77
N ASP A 725 -29.87 28.95 -3.37
CA ASP A 725 -29.51 29.66 -4.59
C ASP A 725 -28.17 29.15 -5.11
N LEU A 726 -28.16 27.87 -5.49
CA LEU A 726 -26.95 27.26 -6.00
C LEU A 726 -26.61 27.82 -7.36
N GLY A 727 -25.36 28.26 -7.51
CA GLY A 727 -24.95 28.84 -8.77
C GLY A 727 -23.68 28.26 -9.35
N LEU A 728 -22.90 27.57 -8.53
CA LEU A 728 -21.65 26.98 -8.99
C LEU A 728 -21.45 25.56 -8.47
N LEU A 729 -21.08 24.69 -9.39
CA LEU A 729 -20.80 23.31 -9.07
C LEU A 729 -19.38 23.05 -9.48
N ILE A 730 -18.60 22.51 -8.55
CA ILE A 730 -17.22 22.19 -8.87
C ILE A 730 -17.00 20.74 -8.54
N VAL A 731 -16.73 19.98 -9.60
CA VAL A 731 -16.49 18.56 -9.49
C VAL A 731 -15.01 18.28 -9.78
N ASP A 732 -14.38 17.60 -8.83
CA ASP A 732 -13.00 17.26 -8.94
C ASP A 732 -12.85 15.76 -9.22
N GLU A 733 -12.15 15.42 -10.31
CA GLU A 733 -11.93 14.04 -10.72
C GLU A 733 -13.24 13.32 -10.91
N GLU A 734 -14.12 13.89 -11.70
CA GLU A 734 -15.42 13.27 -11.92
C GLU A 734 -15.24 11.81 -12.36
N HIS A 735 -14.30 11.61 -13.27
CA HIS A 735 -14.03 10.29 -13.83
C HIS A 735 -14.02 9.13 -12.85
N ARG A 736 -13.73 9.37 -11.58
CA ARG A 736 -13.70 8.25 -10.64
C ARG A 736 -14.79 8.16 -9.58
N PHE A 737 -16.01 8.56 -9.94
CA PHE A 737 -17.12 8.50 -9.02
C PHE A 737 -17.87 7.20 -9.11
N GLY A 738 -18.02 6.67 -10.31
CA GLY A 738 -18.72 5.40 -10.47
C GLY A 738 -20.17 5.50 -10.92
N VAL A 739 -20.47 4.83 -12.04
CA VAL A 739 -21.80 4.79 -12.66
C VAL A 739 -22.94 5.51 -11.94
N ARG A 740 -23.62 4.77 -11.06
CA ARG A 740 -24.75 5.27 -10.29
C ARG A 740 -24.67 6.76 -9.93
N HIS A 741 -23.51 7.18 -9.42
CA HIS A 741 -23.29 8.55 -9.01
C HIS A 741 -23.13 9.50 -10.17
N LYS A 742 -22.37 9.07 -11.18
CA LYS A 742 -22.15 9.90 -12.35
C LYS A 742 -23.47 10.39 -12.94
N GLU A 743 -24.46 9.51 -12.99
CA GLU A 743 -25.76 9.90 -13.51
C GLU A 743 -26.34 10.96 -12.60
N ARG A 744 -26.38 10.66 -11.32
CA ARG A 744 -26.89 11.59 -10.33
C ARG A 744 -26.23 12.95 -10.53
N ILE A 745 -25.03 12.94 -11.10
CA ILE A 745 -24.31 14.18 -11.34
C ILE A 745 -24.86 14.93 -12.53
N LYS A 746 -24.79 14.36 -13.73
CA LYS A 746 -25.32 15.03 -14.92
C LYS A 746 -26.73 15.56 -14.64
N ALA A 747 -27.34 15.02 -13.58
CA ALA A 747 -28.67 15.40 -13.15
C ALA A 747 -28.64 16.69 -12.33
N MET A 748 -27.64 16.79 -11.44
CA MET A 748 -27.46 17.96 -10.59
C MET A 748 -26.67 19.04 -11.37
N ARG A 749 -26.43 18.79 -12.66
CA ARG A 749 -25.65 19.72 -13.50
C ARG A 749 -26.43 20.79 -14.28
N ALA A 750 -27.64 20.46 -14.73
CA ALA A 750 -28.43 21.43 -15.49
C ALA A 750 -28.81 22.64 -14.63
N ASN A 751 -28.99 23.77 -15.31
CA ASN A 751 -29.39 25.01 -14.66
C ASN A 751 -28.28 25.70 -13.86
N VAL A 752 -27.07 25.16 -13.89
CA VAL A 752 -25.96 25.74 -13.14
C VAL A 752 -24.65 25.68 -13.87
N ASP A 753 -23.78 26.64 -13.58
CA ASP A 753 -22.46 26.62 -14.20
C ASP A 753 -21.74 25.44 -13.59
N ILE A 754 -20.89 24.78 -14.39
CA ILE A 754 -20.13 23.65 -13.91
C ILE A 754 -18.66 23.79 -14.18
N LEU A 755 -17.83 23.30 -13.26
CA LEU A 755 -16.39 23.34 -13.44
C LEU A 755 -15.87 21.97 -13.01
N THR A 756 -15.21 21.28 -13.93
CA THR A 756 -14.70 19.97 -13.62
C THR A 756 -13.19 20.05 -13.59
N LEU A 757 -12.58 19.36 -12.64
CA LEU A 757 -11.14 19.41 -12.57
C LEU A 757 -10.58 18.02 -12.69
N THR A 758 -9.28 17.98 -12.95
CA THR A 758 -8.54 16.74 -13.07
C THR A 758 -7.07 16.92 -13.30
N ALA A 759 -6.29 16.04 -12.66
CA ALA A 759 -4.84 15.98 -12.72
C ALA A 759 -4.35 15.55 -14.10
N THR A 760 -4.56 14.27 -14.39
CA THR A 760 -4.19 13.67 -15.67
C THR A 760 -4.44 14.72 -16.72
N PRO A 761 -3.41 15.07 -17.53
CA PRO A 761 -3.61 16.11 -18.55
C PRO A 761 -4.08 15.50 -19.85
N ILE A 762 -4.23 16.34 -20.87
CA ILE A 762 -4.68 15.86 -22.17
C ILE A 762 -3.72 16.24 -23.30
N PRO A 763 -3.60 15.39 -24.32
CA PRO A 763 -2.74 15.60 -25.48
C PRO A 763 -3.05 16.89 -26.22
N ARG A 764 -2.02 17.63 -26.60
CA ARG A 764 -2.22 18.88 -27.32
C ARG A 764 -3.21 18.68 -28.47
N THR A 765 -2.91 17.70 -29.31
CA THR A 765 -3.73 17.38 -30.47
C THR A 765 -5.22 17.24 -30.20
N LEU A 766 -5.58 16.47 -29.17
CA LEU A 766 -6.98 16.27 -28.81
C LEU A 766 -7.64 17.56 -28.34
N ASN A 767 -6.84 18.60 -28.20
CA ASN A 767 -7.36 19.87 -27.74
C ASN A 767 -8.02 20.67 -28.84
N MET A 768 -7.34 20.79 -29.98
CA MET A 768 -7.89 21.53 -31.12
C MET A 768 -9.11 20.80 -31.70
N ALA A 769 -9.17 19.48 -31.50
CA ALA A 769 -10.28 18.70 -31.99
C ALA A 769 -11.55 19.04 -31.22
N MET A 770 -11.45 19.00 -29.90
CA MET A 770 -12.57 19.29 -29.02
C MET A 770 -13.17 20.67 -29.20
N SER A 771 -12.35 21.65 -29.60
CA SER A 771 -12.82 23.02 -29.80
C SER A 771 -14.20 23.02 -30.44
N GLY A 772 -15.22 23.31 -29.65
CA GLY A 772 -16.58 23.31 -30.19
C GLY A 772 -17.42 22.12 -29.75
N MET A 773 -16.80 21.12 -29.13
CA MET A 773 -17.52 19.94 -28.65
C MET A 773 -17.46 19.86 -27.14
N ARG A 774 -16.35 20.32 -26.57
CA ARG A 774 -16.14 20.30 -25.12
C ARG A 774 -15.22 21.48 -24.78
N ASP A 775 -15.64 22.32 -23.85
CA ASP A 775 -14.82 23.46 -23.44
C ASP A 775 -13.76 22.94 -22.49
N LEU A 776 -12.50 23.13 -22.85
CA LEU A 776 -11.42 22.64 -22.04
C LEU A 776 -10.25 23.62 -21.93
N SER A 777 -9.65 23.66 -20.74
CA SER A 777 -8.48 24.51 -20.50
C SER A 777 -7.40 23.61 -19.93
N ILE A 778 -6.26 23.56 -20.61
CA ILE A 778 -5.16 22.70 -20.21
C ILE A 778 -3.97 23.38 -19.57
N ILE A 779 -3.59 22.89 -18.40
CA ILE A 779 -2.43 23.44 -17.70
C ILE A 779 -1.37 22.40 -17.95
N ALA A 780 -0.72 22.55 -19.09
CA ALA A 780 0.32 21.63 -19.53
C ALA A 780 1.39 21.40 -18.50
N THR A 781 1.95 20.19 -18.50
CA THR A 781 3.04 19.88 -17.58
C THR A 781 4.28 20.24 -18.36
N PRO A 782 5.13 21.10 -17.81
CA PRO A 782 6.36 21.52 -18.47
C PRO A 782 6.99 20.37 -19.25
N PRO A 783 7.44 20.66 -20.47
CA PRO A 783 8.06 19.71 -21.39
C PRO A 783 9.05 18.75 -20.75
N ALA A 784 9.31 17.66 -21.47
CA ALA A 784 10.28 16.67 -21.04
C ALA A 784 11.58 17.15 -21.65
N ARG A 785 12.67 17.06 -20.88
CA ARG A 785 13.92 17.52 -21.41
C ARG A 785 14.91 16.39 -21.36
N ARG A 786 15.98 16.53 -22.14
CA ARG A 786 17.02 15.53 -22.19
C ARG A 786 17.98 15.97 -21.12
N LEU A 787 17.97 15.28 -20.00
CA LEU A 787 18.83 15.67 -18.89
C LEU A 787 19.69 14.55 -18.40
N ALA A 788 20.81 14.88 -17.80
CA ALA A 788 21.71 13.86 -17.29
C ALA A 788 21.16 13.19 -16.04
N VAL A 789 20.72 11.96 -16.15
CA VAL A 789 20.19 11.24 -15.00
C VAL A 789 20.58 9.76 -14.96
N LYS A 790 21.59 9.42 -14.19
CA LYS A 790 22.00 8.02 -14.11
C LYS A 790 21.02 7.31 -13.20
N THR A 791 20.47 6.19 -13.67
CA THR A 791 19.53 5.43 -12.84
C THR A 791 20.22 4.16 -12.37
N PHE A 792 19.99 3.78 -11.12
CA PHE A 792 20.60 2.57 -10.59
C PHE A 792 19.56 1.69 -9.95
N VAL A 793 19.83 0.38 -9.95
CA VAL A 793 18.94 -0.62 -9.36
C VAL A 793 19.79 -1.43 -8.42
N ARG A 794 19.70 -1.14 -7.13
CA ARG A 794 20.48 -1.83 -6.11
C ARG A 794 19.58 -2.43 -5.06
N GLU A 795 20.10 -3.43 -4.34
CA GLU A 795 19.35 -4.05 -3.26
C GLU A 795 19.63 -3.13 -2.09
N TYR A 796 18.61 -2.86 -1.28
CA TYR A 796 18.80 -1.94 -0.18
C TYR A 796 20.15 -2.15 0.49
N ASP A 797 20.88 -1.05 0.63
CA ASP A 797 22.18 -1.04 1.26
C ASP A 797 22.36 0.37 1.80
N SER A 798 22.19 0.50 3.11
CA SER A 798 22.30 1.80 3.76
C SER A 798 23.51 2.64 3.38
N MET A 799 24.67 2.00 3.26
CA MET A 799 25.87 2.74 2.92
C MET A 799 25.73 3.46 1.59
N VAL A 800 24.80 2.97 0.75
CA VAL A 800 24.52 3.58 -0.55
C VAL A 800 23.68 4.81 -0.25
N VAL A 801 22.52 4.56 0.34
CA VAL A 801 21.60 5.61 0.73
C VAL A 801 22.38 6.77 1.34
N ARG A 802 23.22 6.44 2.30
CA ARG A 802 24.02 7.43 2.98
C ARG A 802 24.90 8.23 2.02
N GLU A 803 25.75 7.54 1.26
CA GLU A 803 26.65 8.23 0.32
C GLU A 803 25.81 9.03 -0.68
N ALA A 804 24.75 8.39 -1.14
CA ALA A 804 23.85 9.03 -2.08
C ALA A 804 23.40 10.38 -1.54
N ILE A 805 22.83 10.39 -0.32
CA ILE A 805 22.38 11.63 0.30
C ILE A 805 23.54 12.61 0.38
N LEU A 806 24.59 12.18 1.08
CA LEU A 806 25.82 12.95 1.25
C LEU A 806 26.23 13.67 -0.02
N ARG A 807 26.40 12.88 -1.09
CA ARG A 807 26.82 13.38 -2.41
C ARG A 807 25.98 14.54 -2.91
N GLU A 808 24.71 14.58 -2.54
CA GLU A 808 23.89 15.68 -3.00
C GLU A 808 24.10 16.86 -2.08
N ILE A 809 24.07 16.61 -0.79
CA ILE A 809 24.23 17.65 0.23
C ILE A 809 25.50 18.47 0.10
N LEU A 810 26.60 17.82 -0.26
CA LEU A 810 27.86 18.51 -0.38
C LEU A 810 27.92 19.46 -1.56
N ARG A 811 26.89 19.43 -2.40
CA ARG A 811 26.86 20.30 -3.56
C ARG A 811 25.74 21.32 -3.45
N GLY A 812 25.13 21.36 -2.27
CA GLY A 812 24.05 22.31 -1.99
C GLY A 812 22.71 21.93 -2.57
N GLY A 813 22.42 20.64 -2.59
CA GLY A 813 21.15 20.21 -3.17
C GLY A 813 20.35 19.40 -2.18
N GLN A 814 19.14 19.02 -2.58
CA GLN A 814 18.31 18.25 -1.70
C GLN A 814 18.02 16.88 -2.28
N VAL A 815 17.38 16.03 -1.47
CA VAL A 815 17.08 14.69 -1.88
C VAL A 815 15.64 14.28 -1.59
N TYR A 816 15.00 13.63 -2.57
CA TYR A 816 13.65 13.13 -2.39
C TYR A 816 13.90 11.74 -1.86
N TYR A 817 13.06 11.23 -0.96
CA TYR A 817 13.25 9.89 -0.42
C TYR A 817 11.93 9.17 -0.32
N LEU A 818 11.41 8.68 -1.43
CA LEU A 818 10.14 7.99 -1.39
C LEU A 818 10.32 6.73 -0.56
N TYR A 819 9.41 6.52 0.39
CA TYR A 819 9.54 5.39 1.29
C TYR A 819 8.50 4.25 1.15
N ASN A 820 8.85 3.06 1.68
CA ASN A 820 8.03 1.84 1.66
C ASN A 820 6.62 1.93 2.17
N ASP A 821 6.47 2.64 3.27
CA ASP A 821 5.16 2.82 3.86
C ASP A 821 4.78 1.59 4.74
N VAL A 822 5.75 0.77 5.16
CA VAL A 822 5.39 -0.31 6.12
C VAL A 822 5.07 0.38 7.47
N GLU A 823 6.15 0.76 8.16
CA GLU A 823 6.13 1.41 9.49
C GLU A 823 5.42 2.79 9.47
N ASN A 824 5.75 3.57 10.53
CA ASN A 824 5.29 4.90 10.83
C ASN A 824 6.29 5.84 10.15
N ILE A 825 5.80 6.61 9.15
CA ILE A 825 6.69 7.55 8.37
C ILE A 825 7.53 8.46 9.27
N GLN A 826 7.13 8.57 10.54
CA GLN A 826 7.81 9.43 11.49
C GLN A 826 9.05 8.74 12.00
N LYS A 827 9.01 7.41 12.05
CA LYS A 827 10.20 6.69 12.53
C LYS A 827 11.23 6.63 11.42
N ALA A 828 10.76 6.30 10.22
CA ALA A 828 11.61 6.22 9.06
C ALA A 828 12.44 7.49 8.96
N ALA A 829 11.81 8.62 9.24
CA ALA A 829 12.48 9.91 9.20
C ALA A 829 13.63 9.94 10.20
N GLU A 830 13.39 9.47 11.42
CA GLU A 830 14.44 9.45 12.43
C GLU A 830 15.55 8.50 11.98
N ARG A 831 15.16 7.24 11.78
CA ARG A 831 16.02 6.16 11.33
C ARG A 831 17.00 6.65 10.24
N LEU A 832 16.56 7.61 9.45
CA LEU A 832 17.37 8.17 8.37
C LEU A 832 18.23 9.34 8.83
N ALA A 833 17.76 10.10 9.82
CA ALA A 833 18.53 11.23 10.33
C ALA A 833 19.69 10.68 11.14
N GLU A 834 19.49 9.50 11.70
CA GLU A 834 20.50 8.80 12.49
C GLU A 834 21.60 8.40 11.51
N LEU A 835 21.18 7.76 10.43
CA LEU A 835 22.10 7.31 9.38
C LEU A 835 22.91 8.48 8.85
N VAL A 836 22.22 9.57 8.57
CA VAL A 836 22.86 10.74 8.02
C VAL A 836 22.71 11.99 8.87
N PRO A 837 23.47 12.08 9.98
CA PRO A 837 23.40 13.25 10.86
C PRO A 837 23.81 14.53 10.18
N GLU A 838 24.61 14.41 9.14
CA GLU A 838 25.08 15.59 8.44
C GLU A 838 23.89 16.27 7.77
N ALA A 839 22.83 15.50 7.58
CA ALA A 839 21.63 16.03 6.91
C ALA A 839 20.50 16.44 7.85
N ARG A 840 19.46 17.02 7.27
CA ARG A 840 18.32 17.46 8.05
C ARG A 840 17.02 17.13 7.34
N ILE A 841 16.36 16.09 7.83
CA ILE A 841 15.13 15.57 7.27
C ILE A 841 13.78 16.26 7.51
N ALA A 842 12.98 16.30 6.46
CA ALA A 842 11.65 16.88 6.48
C ALA A 842 10.68 15.76 6.05
N ILE A 843 9.39 15.92 6.33
CA ILE A 843 8.42 14.90 5.92
C ILE A 843 7.42 15.50 4.92
N GLY A 844 6.79 14.65 4.11
CA GLY A 844 5.87 15.18 3.10
C GLY A 844 4.48 14.63 2.89
N HIS A 845 3.81 14.21 3.96
CA HIS A 845 2.44 13.69 3.92
C HIS A 845 1.62 13.80 2.63
N GLY A 846 0.72 12.84 2.44
CA GLY A 846 -0.12 12.81 1.26
C GLY A 846 -1.11 13.93 1.32
N GLN A 847 -1.59 14.37 0.16
CA GLN A 847 -2.59 15.43 0.09
C GLN A 847 -2.09 16.69 0.80
N MET A 848 -0.90 17.14 0.43
CA MET A 848 -0.34 18.34 1.04
C MET A 848 -1.24 19.53 0.74
N ARG A 849 -1.49 20.35 1.76
CA ARG A 849 -2.30 21.57 1.59
C ARG A 849 -1.36 22.59 0.97
N GLU A 850 -1.90 23.58 0.29
CA GLU A 850 -1.06 24.57 -0.32
C GLU A 850 -0.12 25.14 0.71
N ARG A 851 -0.63 25.34 1.91
CA ARG A 851 0.16 25.92 2.99
C ARG A 851 1.36 25.04 3.31
N GLU A 852 1.13 23.73 3.36
CA GLU A 852 2.20 22.79 3.64
C GLU A 852 3.16 22.90 2.51
N LEU A 853 2.64 22.85 1.30
CA LEU A 853 3.44 22.93 0.10
C LEU A 853 4.42 24.09 0.09
N GLU A 854 3.95 25.33 0.32
CA GLU A 854 4.86 26.47 0.30
C GLU A 854 5.88 26.46 1.44
N ARG A 855 5.50 25.90 2.57
CA ARG A 855 6.41 25.82 3.69
C ARG A 855 7.59 24.95 3.31
N VAL A 856 7.29 23.75 2.83
CA VAL A 856 8.32 22.83 2.45
C VAL A 856 9.15 23.37 1.32
N MET A 857 8.51 24.00 0.35
CA MET A 857 9.27 24.54 -0.75
C MET A 857 10.22 25.60 -0.28
N ASN A 858 9.75 26.48 0.58
CA ASN A 858 10.61 27.55 1.06
C ASN A 858 11.73 27.03 1.93
N ASP A 859 11.40 26.17 2.87
CA ASP A 859 12.43 25.65 3.73
C ASP A 859 13.60 25.13 2.90
N PHE A 860 13.26 24.43 1.80
CA PHE A 860 14.28 23.86 0.91
C PHE A 860 15.06 24.86 0.08
N HIS A 861 14.45 26.00 -0.17
CA HIS A 861 15.10 27.05 -0.91
C HIS A 861 16.08 27.75 0.02
N HIS A 862 15.94 27.51 1.32
CA HIS A 862 16.83 28.13 2.28
C HIS A 862 17.72 27.08 2.93
N GLN A 863 17.92 25.97 2.23
CA GLN A 863 18.78 24.93 2.74
C GLN A 863 18.42 24.53 4.16
N ARG A 864 17.29 25.05 4.64
CA ARG A 864 16.82 24.75 5.99
C ARG A 864 16.66 23.23 6.12
N PHE A 865 16.28 22.58 5.02
CA PHE A 865 16.15 21.13 5.00
C PHE A 865 16.76 20.64 3.70
N ASN A 866 17.43 19.49 3.71
CA ASN A 866 18.00 18.99 2.47
C ASN A 866 17.64 17.54 2.10
N VAL A 867 16.57 17.02 2.68
CA VAL A 867 16.11 15.68 2.36
C VAL A 867 14.63 15.72 2.67
N LEU A 868 13.81 15.18 1.77
CA LEU A 868 12.37 15.17 1.98
C LEU A 868 11.84 13.76 1.88
N VAL A 869 11.32 13.24 2.98
CA VAL A 869 10.76 11.91 2.96
C VAL A 869 9.34 11.95 2.44
N CYS A 870 9.06 11.17 1.40
CA CYS A 870 7.74 11.12 0.79
C CYS A 870 7.09 9.76 0.99
N THR A 871 5.81 9.70 0.65
CA THR A 871 5.03 8.49 0.83
C THR A 871 4.29 8.09 -0.46
N THR A 872 4.19 9.03 -1.39
CA THR A 872 3.49 8.81 -2.64
C THR A 872 4.20 9.49 -3.80
N ILE A 873 3.89 9.05 -5.02
CA ILE A 873 4.47 9.62 -6.21
C ILE A 873 4.08 11.08 -6.35
N ILE A 874 2.81 11.38 -6.05
CA ILE A 874 2.29 12.73 -6.18
C ILE A 874 3.08 13.74 -5.35
N GLU A 875 3.55 13.28 -4.21
CA GLU A 875 4.30 14.14 -3.31
C GLU A 875 5.64 14.46 -3.93
N THR A 876 6.21 13.48 -4.63
CA THR A 876 7.49 13.64 -5.29
C THR A 876 7.34 14.59 -6.48
N GLY A 877 6.10 14.98 -6.77
CA GLY A 877 5.86 15.88 -7.88
C GLY A 877 6.21 17.31 -7.57
N ILE A 878 6.42 17.62 -6.27
CA ILE A 878 6.75 18.97 -5.82
C ILE A 878 7.79 19.66 -6.71
N ASP A 879 7.76 20.98 -6.72
CA ASP A 879 8.70 21.71 -7.56
C ASP A 879 9.94 22.24 -6.86
N ILE A 880 10.99 21.41 -6.78
CA ILE A 880 12.24 21.85 -6.19
C ILE A 880 13.30 21.53 -7.22
N PRO A 881 13.94 22.56 -7.76
CA PRO A 881 14.99 22.53 -8.77
C PRO A 881 16.38 22.11 -8.30
N THR A 882 16.60 22.11 -7.00
CA THR A 882 17.90 21.74 -6.50
C THR A 882 17.85 20.36 -5.86
N ALA A 883 16.73 19.70 -6.06
CA ALA A 883 16.58 18.36 -5.56
C ALA A 883 16.93 17.51 -6.77
N ASN A 884 18.15 16.99 -6.81
CA ASN A 884 18.54 16.19 -7.94
C ASN A 884 19.00 14.79 -7.63
N THR A 885 18.44 14.20 -6.59
CA THR A 885 18.74 12.82 -6.27
C THR A 885 17.49 12.29 -5.68
N ILE A 886 16.93 11.25 -6.28
CA ILE A 886 15.70 10.69 -5.77
C ILE A 886 15.93 9.23 -5.39
N ILE A 887 15.47 8.86 -4.21
CA ILE A 887 15.66 7.48 -3.76
C ILE A 887 14.29 6.87 -3.57
N ILE A 888 14.14 5.62 -3.98
CA ILE A 888 12.87 4.93 -3.90
C ILE A 888 13.12 3.62 -3.18
N GLU A 889 12.72 3.56 -1.92
CA GLU A 889 12.97 2.40 -1.05
C GLU A 889 12.53 1.04 -1.52
N ARG A 890 11.38 0.99 -2.17
CA ARG A 890 10.90 -0.29 -2.62
C ARG A 890 10.42 -0.07 -4.02
N ALA A 891 11.35 0.23 -4.91
CA ALA A 891 11.06 0.50 -6.30
C ALA A 891 10.34 -0.65 -6.99
N ASP A 892 10.64 -1.87 -6.60
CA ASP A 892 10.02 -3.02 -7.22
C ASP A 892 8.54 -2.83 -7.47
N HIS A 893 7.75 -2.51 -6.43
CA HIS A 893 6.33 -2.36 -6.69
C HIS A 893 5.87 -1.04 -7.31
N PHE A 894 6.35 -0.81 -8.53
CA PHE A 894 6.03 0.35 -9.35
C PHE A 894 6.16 -0.09 -10.81
N GLY A 895 5.32 0.47 -11.67
CA GLY A 895 5.38 0.15 -13.09
C GLY A 895 6.17 1.20 -13.83
N LEU A 896 6.72 0.84 -15.00
CA LEU A 896 7.50 1.79 -15.81
C LEU A 896 6.77 3.11 -15.78
N ALA A 897 5.46 3.00 -15.94
CA ALA A 897 4.58 4.15 -15.91
C ALA A 897 5.15 5.12 -14.90
N GLN A 898 5.10 4.71 -13.63
CA GLN A 898 5.54 5.54 -12.52
C GLN A 898 7.03 5.74 -12.37
N LEU A 899 7.82 4.67 -12.47
CA LEU A 899 9.25 4.84 -12.34
C LEU A 899 9.61 6.08 -13.14
N HIS A 900 9.49 5.95 -14.45
CA HIS A 900 9.76 7.04 -15.37
C HIS A 900 9.23 8.34 -14.84
N GLN A 901 8.01 8.30 -14.33
CA GLN A 901 7.40 9.49 -13.79
C GLN A 901 8.30 10.04 -12.68
N LEU A 902 8.84 9.12 -11.86
CA LEU A 902 9.72 9.47 -10.75
C LEU A 902 11.09 9.87 -11.24
N ARG A 903 11.62 9.03 -12.09
CA ARG A 903 12.93 9.23 -12.66
C ARG A 903 13.12 10.65 -13.13
N GLY A 904 12.11 11.20 -13.78
CA GLY A 904 12.20 12.53 -14.31
C GLY A 904 12.12 13.67 -13.32
N ARG A 905 11.64 13.41 -12.09
CA ARG A 905 11.47 14.46 -11.06
C ARG A 905 12.77 15.13 -10.66
N VAL A 906 13.88 14.52 -11.02
CA VAL A 906 15.22 15.00 -10.75
C VAL A 906 15.84 15.49 -12.06
N GLY A 907 16.89 16.29 -12.02
CA GLY A 907 17.49 16.73 -13.27
C GLY A 907 17.68 18.20 -13.46
N ARG A 908 18.92 18.60 -13.73
CA ARG A 908 19.28 20.00 -13.91
C ARG A 908 20.25 20.01 -15.06
N SER A 909 20.12 20.96 -15.97
CA SER A 909 21.04 21.00 -17.10
C SER A 909 22.43 21.42 -16.68
N HIS A 910 23.43 20.82 -17.33
CA HIS A 910 24.82 21.10 -17.04
C HIS A 910 25.24 20.46 -15.74
N HIS A 911 24.47 19.52 -15.23
CA HIS A 911 24.78 18.85 -13.95
C HIS A 911 24.31 17.43 -13.87
N GLN A 912 25.03 16.59 -13.15
CA GLN A 912 24.61 15.21 -13.06
C GLN A 912 23.53 15.01 -12.01
N ALA A 913 22.45 14.31 -12.37
CA ALA A 913 21.40 14.03 -11.40
C ALA A 913 21.34 12.52 -11.23
N TYR A 914 20.90 12.02 -10.08
CA TYR A 914 20.88 10.57 -9.85
C TYR A 914 19.55 10.05 -9.40
N ALA A 915 19.34 8.75 -9.56
CA ALA A 915 18.10 8.10 -9.12
C ALA A 915 18.41 6.68 -8.71
N TRP A 916 18.18 6.33 -7.46
CA TRP A 916 18.46 4.99 -6.99
C TRP A 916 17.21 4.18 -6.75
N LEU A 917 16.90 3.32 -7.71
CA LEU A 917 15.74 2.46 -7.60
C LEU A 917 16.18 1.30 -6.71
N LEU A 918 15.82 1.38 -5.43
CA LEU A 918 16.17 0.34 -4.47
C LEU A 918 15.20 -0.82 -4.41
N THR A 919 15.75 -2.00 -4.20
CA THR A 919 14.99 -3.24 -4.14
C THR A 919 15.26 -4.11 -2.91
N PRO A 920 14.52 -5.23 -2.81
CA PRO A 920 14.63 -6.18 -1.71
C PRO A 920 15.38 -7.43 -2.16
N HIS A 921 15.44 -8.41 -1.27
CA HIS A 921 16.11 -9.68 -1.52
C HIS A 921 15.48 -10.32 -2.76
N PRO A 922 16.29 -10.67 -3.78
CA PRO A 922 15.82 -11.29 -5.02
C PRO A 922 14.62 -12.25 -4.88
N LYS A 923 14.51 -12.90 -3.73
CA LYS A 923 13.41 -13.84 -3.49
C LYS A 923 12.09 -13.17 -3.09
N ALA A 924 12.15 -11.88 -2.74
CA ALA A 924 10.95 -11.12 -2.35
C ALA A 924 10.45 -10.28 -3.53
N MET A 925 11.15 -10.38 -4.66
CA MET A 925 10.81 -9.67 -5.88
C MET A 925 10.09 -10.58 -6.86
N THR A 926 9.13 -10.00 -7.57
CA THR A 926 8.34 -10.71 -8.57
C THR A 926 9.12 -10.80 -9.86
N THR A 927 9.19 -11.99 -10.45
CA THR A 927 9.92 -12.19 -11.68
C THR A 927 9.63 -11.10 -12.69
N ASP A 928 8.36 -10.71 -12.81
CA ASP A 928 8.01 -9.64 -13.74
C ASP A 928 8.66 -8.32 -13.36
N ALA A 929 8.54 -7.95 -12.10
CA ALA A 929 9.10 -6.70 -11.62
C ALA A 929 10.61 -6.63 -11.84
N GLN A 930 11.31 -7.74 -11.60
CA GLN A 930 12.76 -7.74 -11.77
C GLN A 930 13.15 -7.31 -13.19
N LYS A 931 12.51 -7.90 -14.18
CA LYS A 931 12.80 -7.56 -15.57
C LYS A 931 12.40 -6.12 -15.86
N ARG A 932 11.27 -5.71 -15.30
CA ARG A 932 10.80 -4.36 -15.49
C ARG A 932 11.86 -3.37 -15.05
N LEU A 933 12.51 -3.66 -13.94
CA LEU A 933 13.54 -2.76 -13.43
C LEU A 933 14.77 -2.73 -14.32
N GLU A 934 15.43 -3.88 -14.45
CA GLU A 934 16.63 -3.98 -15.26
C GLU A 934 16.50 -3.26 -16.59
N ALA A 935 15.27 -3.14 -17.07
CA ALA A 935 15.03 -2.45 -18.32
C ALA A 935 15.43 -1.00 -18.20
N ILE A 936 14.91 -0.31 -17.19
CA ILE A 936 15.25 1.10 -17.00
C ILE A 936 16.70 1.28 -16.58
N ALA A 937 17.19 0.37 -15.77
CA ALA A 937 18.58 0.44 -15.32
C ALA A 937 19.51 0.59 -16.51
N SER A 938 18.98 0.27 -17.69
CA SER A 938 19.74 0.34 -18.92
C SER A 938 19.83 1.74 -19.51
N LEU A 939 18.94 2.63 -19.08
CA LEU A 939 18.92 3.99 -19.61
C LEU A 939 20.00 4.89 -18.98
N GLU A 940 20.77 5.53 -19.85
CA GLU A 940 21.87 6.37 -19.39
C GLU A 940 21.55 7.84 -19.20
N ASP A 941 20.39 8.28 -19.64
CA ASP A 941 20.04 9.66 -19.46
C ASP A 941 18.57 9.76 -19.64
N LEU A 942 17.99 10.89 -19.28
CA LEU A 942 16.55 11.09 -19.41
C LEU A 942 16.19 11.62 -20.80
N GLY A 943 15.98 10.73 -21.76
CA GLY A 943 15.63 11.15 -23.11
C GLY A 943 14.28 10.76 -23.68
N ALA A 944 14.26 9.69 -24.48
CA ALA A 944 13.02 9.25 -25.12
C ALA A 944 11.98 8.73 -24.14
N GLY A 945 12.14 7.46 -23.79
CA GLY A 945 11.25 6.76 -22.87
C GLY A 945 10.48 7.60 -21.88
N PHE A 946 11.11 8.61 -21.30
CA PHE A 946 10.43 9.47 -20.35
C PHE A 946 9.41 10.33 -21.10
N ALA A 947 9.89 11.01 -22.12
CA ALA A 947 9.04 11.87 -22.94
C ALA A 947 7.91 11.04 -23.56
N LEU A 948 8.21 9.77 -23.82
CA LEU A 948 7.23 8.87 -24.39
C LEU A 948 6.19 8.47 -23.35
N ALA A 949 6.67 8.22 -22.12
CA ALA A 949 5.80 7.83 -21.02
C ALA A 949 4.96 9.03 -20.65
N THR A 950 5.51 10.20 -20.85
CA THR A 950 4.78 11.43 -20.53
C THR A 950 3.65 11.49 -21.51
N HIS A 951 3.88 10.95 -22.70
CA HIS A 951 2.86 10.90 -23.75
C HIS A 951 1.77 9.90 -23.36
N ASP A 952 2.16 8.65 -23.13
CA ASP A 952 1.19 7.65 -22.72
C ASP A 952 0.24 8.25 -21.68
N LEU A 953 0.80 8.80 -20.63
CA LEU A 953 -0.03 9.42 -19.60
C LEU A 953 -1.12 10.28 -20.17
N GLU A 954 -0.75 11.32 -20.91
CA GLU A 954 -1.75 12.19 -21.47
C GLU A 954 -2.84 11.40 -22.17
N ILE A 955 -2.50 10.21 -22.66
CA ILE A 955 -3.49 9.38 -23.35
C ILE A 955 -4.52 8.82 -22.36
N ARG A 956 -4.08 8.26 -21.25
CA ARG A 956 -5.04 7.74 -20.28
C ARG A 956 -5.96 8.90 -19.94
N GLY A 957 -5.39 10.10 -19.86
CA GLY A 957 -6.20 11.26 -19.57
C GLY A 957 -7.29 11.33 -20.61
N ALA A 958 -6.89 11.17 -21.87
CA ALA A 958 -7.82 11.20 -22.97
C ALA A 958 -8.89 10.16 -22.70
N GLY A 959 -8.44 8.93 -22.47
CA GLY A 959 -9.38 7.86 -22.19
C GLY A 959 -10.40 8.29 -21.16
N GLU A 960 -9.91 8.90 -20.10
CA GLU A 960 -10.77 9.37 -19.02
C GLU A 960 -11.81 10.41 -19.45
N LEU A 961 -11.37 11.37 -20.26
CA LEU A 961 -12.25 12.42 -20.75
C LEU A 961 -13.38 11.87 -21.60
N LEU A 962 -13.03 11.02 -22.56
CA LEU A 962 -13.97 10.42 -23.49
C LEU A 962 -14.80 9.26 -22.95
N GLY A 963 -14.16 8.23 -22.41
CA GLY A 963 -14.92 7.11 -21.89
C GLY A 963 -14.22 5.76 -21.95
N GLU A 964 -14.54 4.89 -20.99
CA GLU A 964 -13.95 3.56 -20.93
C GLU A 964 -14.18 2.86 -22.28
N GLU A 965 -15.23 3.30 -22.97
CA GLU A 965 -15.59 2.75 -24.25
C GLU A 965 -14.59 3.18 -25.32
N GLN A 966 -14.16 4.44 -25.24
CA GLN A 966 -13.21 4.97 -26.20
C GLN A 966 -11.78 4.56 -25.88
N SER A 967 -11.47 4.45 -24.59
CA SER A 967 -10.13 4.05 -24.21
C SER A 967 -9.83 2.71 -24.86
N GLY A 968 -10.90 1.97 -25.14
CA GLY A 968 -10.79 0.65 -25.74
C GLY A 968 -10.28 0.67 -27.17
N SER A 969 -11.02 1.33 -28.05
CA SER A 969 -10.59 1.40 -29.43
C SER A 969 -9.25 2.11 -29.48
N MET A 970 -8.98 2.97 -28.51
CA MET A 970 -7.71 3.68 -28.44
C MET A 970 -6.60 2.67 -28.20
N GLU A 971 -6.89 1.72 -27.31
CA GLU A 971 -5.94 0.68 -26.95
C GLU A 971 -5.90 -0.39 -28.03
N THR A 972 -6.92 -0.45 -28.90
CA THR A 972 -6.93 -1.46 -29.93
C THR A 972 -6.35 -1.07 -31.29
N ILE A 973 -6.30 0.22 -31.61
CA ILE A 973 -5.75 0.64 -32.89
C ILE A 973 -4.58 1.61 -32.79
N GLY A 974 -4.40 2.21 -31.62
CA GLY A 974 -3.31 3.15 -31.42
C GLY A 974 -3.79 4.60 -31.44
N PHE A 975 -3.60 5.30 -30.33
CA PHE A 975 -4.05 6.69 -30.23
C PHE A 975 -3.77 7.49 -31.49
N SER A 976 -2.67 7.20 -32.16
CA SER A 976 -2.35 7.96 -33.36
C SER A 976 -3.46 7.88 -34.41
N LEU A 977 -3.89 6.68 -34.76
CA LEU A 977 -4.94 6.49 -35.76
C LEU A 977 -6.29 6.92 -35.23
N TYR A 978 -6.53 6.67 -33.95
CA TYR A 978 -7.79 7.03 -33.32
C TYR A 978 -8.07 8.52 -33.53
N MET A 979 -7.06 9.34 -33.25
CA MET A 979 -7.18 10.78 -33.39
C MET A 979 -7.36 11.11 -34.83
N GLU A 980 -6.84 10.23 -35.68
CA GLU A 980 -6.94 10.41 -37.13
C GLU A 980 -8.40 10.32 -37.53
N LEU A 981 -9.08 9.28 -37.05
CA LEU A 981 -10.48 9.06 -37.34
C LEU A 981 -11.30 10.17 -36.72
N LEU A 982 -10.98 10.49 -35.46
CA LEU A 982 -11.68 11.51 -34.72
C LEU A 982 -11.62 12.87 -35.40
N GLU A 983 -10.41 13.42 -35.54
CA GLU A 983 -10.27 14.72 -36.17
C GLU A 983 -11.17 14.75 -37.40
N ASN A 984 -11.29 13.61 -38.04
CA ASN A 984 -12.11 13.46 -39.23
C ASN A 984 -13.59 13.47 -38.88
N ALA A 985 -14.03 12.44 -38.15
CA ALA A 985 -15.43 12.35 -37.75
C ALA A 985 -15.96 13.71 -37.36
N VAL A 986 -15.13 14.52 -36.71
CA VAL A 986 -15.54 15.85 -36.28
C VAL A 986 -15.72 16.80 -37.45
N ASP A 987 -14.63 17.14 -38.14
CA ASP A 987 -14.72 18.03 -39.28
C ASP A 987 -15.96 17.67 -40.10
N ALA A 988 -16.17 16.35 -40.24
CA ALA A 988 -17.31 15.82 -41.00
C ALA A 988 -18.67 16.16 -40.41
N LEU A 989 -18.91 15.75 -39.17
CA LEU A 989 -20.19 16.02 -38.52
C LEU A 989 -20.48 17.51 -38.38
N LYS A 990 -19.43 18.32 -38.47
CA LYS A 990 -19.56 19.77 -38.36
C LYS A 990 -20.03 20.37 -39.67
N ALA A 991 -19.36 20.01 -40.77
CA ALA A 991 -19.71 20.52 -42.09
C ALA A 991 -21.10 20.04 -42.52
N GLY A 992 -21.57 18.94 -41.94
CA GLY A 992 -22.88 18.44 -42.27
C GLY A 992 -22.96 17.08 -42.93
N ARG A 993 -21.82 16.52 -43.31
CA ARG A 993 -21.83 15.20 -43.95
C ARG A 993 -21.86 14.05 -42.97
N GLU A 994 -21.32 12.91 -43.39
CA GLU A 994 -21.31 11.72 -42.56
C GLU A 994 -19.90 11.15 -42.35
N PRO A 995 -19.66 10.49 -41.21
CA PRO A 995 -18.42 9.86 -40.76
C PRO A 995 -17.82 8.75 -41.62
N SER A 996 -18.65 8.10 -42.44
CA SER A 996 -18.21 6.99 -43.30
C SER A 996 -17.16 7.48 -44.29
N LEU A 997 -16.59 8.63 -43.97
CA LEU A 997 -15.55 9.28 -44.74
C LEU A 997 -14.27 8.45 -44.60
N GLU A 998 -14.40 7.13 -44.82
CA GLU A 998 -13.31 6.18 -44.73
C GLU A 998 -12.24 6.54 -45.75
N ASP A 999 -12.29 7.80 -46.17
CA ASP A 999 -11.39 8.39 -47.14
C ASP A 999 -9.99 8.23 -46.60
N LEU A 1000 -9.95 7.90 -45.30
CA LEU A 1000 -8.69 7.68 -44.62
C LEU A 1000 -7.75 6.84 -45.47
N THR A 1001 -8.27 5.96 -46.33
CA THR A 1001 -7.41 5.13 -47.19
C THR A 1001 -6.67 6.01 -48.21
N SER A 1002 -5.40 5.67 -48.46
CA SER A 1002 -4.57 6.43 -49.40
C SER A 1002 -4.82 6.14 -50.88
N GLN A 1003 -4.36 7.06 -51.72
CA GLN A 1003 -4.49 6.95 -53.17
C GLN A 1003 -3.76 5.73 -53.71
N GLN A 1004 -2.98 5.08 -52.84
CA GLN A 1004 -2.20 3.90 -53.21
C GLN A 1004 -1.34 4.23 -54.43
N THR A 1005 -0.59 5.33 -54.35
CA THR A 1005 0.25 5.74 -55.46
C THR A 1005 1.58 5.00 -55.37
N GLU A 1006 2.08 4.58 -56.51
CA GLU A 1006 3.35 3.86 -56.54
C GLU A 1006 4.14 4.41 -57.72
N VAL A 1007 5.29 5.02 -57.46
CA VAL A 1007 6.08 5.56 -58.54
C VAL A 1007 7.46 4.95 -58.58
N GLU A 1008 7.62 3.88 -59.37
CA GLU A 1008 8.89 3.17 -59.48
C GLU A 1008 9.61 3.41 -60.81
N LEU A 1009 10.89 3.79 -60.75
CA LEU A 1009 11.66 4.07 -61.95
C LEU A 1009 12.86 3.16 -62.15
N ARG A 1010 12.79 1.99 -61.55
CA ARG A 1010 13.86 1.02 -61.65
C ARG A 1010 15.29 1.54 -61.46
N MET A 1011 15.48 2.37 -60.43
CA MET A 1011 16.80 2.91 -60.04
C MET A 1011 16.84 2.78 -58.53
N PRO A 1012 18.03 2.92 -57.91
CA PRO A 1012 18.06 2.80 -56.45
C PRO A 1012 17.40 4.00 -55.79
N SER A 1013 16.51 3.76 -54.84
CA SER A 1013 15.84 4.86 -54.16
C SER A 1013 16.03 4.58 -52.67
N LEU A 1014 16.97 5.29 -52.05
CA LEU A 1014 17.21 5.06 -50.65
C LEU A 1014 18.34 5.90 -50.09
N LEU A 1015 18.47 5.84 -48.77
CA LEU A 1015 19.51 6.53 -48.05
C LEU A 1015 20.61 5.48 -47.85
N PRO A 1016 21.77 5.68 -48.47
CA PRO A 1016 22.93 4.79 -48.40
C PRO A 1016 23.55 4.59 -47.01
N ASP A 1017 23.84 3.34 -46.66
CA ASP A 1017 24.49 2.99 -45.38
C ASP A 1017 25.62 3.92 -44.98
N ASP A 1018 26.55 4.20 -45.89
CA ASP A 1018 27.68 5.05 -45.54
C ASP A 1018 27.43 6.55 -45.70
N PHE A 1019 26.15 6.92 -45.77
CA PHE A 1019 25.75 8.33 -45.88
C PHE A 1019 25.14 8.67 -44.53
N ILE A 1020 24.32 7.75 -44.03
CA ILE A 1020 23.65 7.90 -42.76
C ILE A 1020 23.74 6.52 -42.13
N PRO A 1021 24.87 6.23 -41.48
CA PRO A 1021 25.11 4.94 -40.82
C PRO A 1021 24.09 4.53 -39.76
N ASP A 1022 23.68 5.48 -38.94
CA ASP A 1022 22.73 5.10 -37.91
C ASP A 1022 21.40 4.62 -38.47
N VAL A 1023 21.17 3.32 -38.44
CA VAL A 1023 19.92 2.81 -38.96
C VAL A 1023 18.77 3.70 -38.51
N ASN A 1024 18.52 3.71 -37.22
CA ASN A 1024 17.44 4.51 -36.67
C ASN A 1024 17.32 5.94 -37.21
N THR A 1025 18.45 6.63 -37.36
CA THR A 1025 18.45 8.02 -37.88
C THR A 1025 17.85 8.02 -39.28
N ARG A 1026 18.28 7.06 -40.09
CA ARG A 1026 17.79 6.91 -41.46
C ARG A 1026 16.29 6.72 -41.41
N LEU A 1027 15.88 5.69 -40.69
CA LEU A 1027 14.49 5.38 -40.56
C LEU A 1027 13.69 6.65 -40.36
N SER A 1028 14.13 7.53 -39.47
CA SER A 1028 13.37 8.75 -39.24
C SER A 1028 13.21 9.53 -40.52
N PHE A 1029 14.28 9.67 -41.29
CA PHE A 1029 14.16 10.44 -42.52
C PHE A 1029 13.21 9.81 -43.52
N TYR A 1030 13.20 8.49 -43.57
CA TYR A 1030 12.30 7.81 -44.47
C TYR A 1030 10.91 8.27 -44.14
N LYS A 1031 10.46 7.96 -42.93
CA LYS A 1031 9.13 8.34 -42.50
C LYS A 1031 8.86 9.81 -42.80
N ARG A 1032 9.82 10.67 -42.48
CA ARG A 1032 9.61 12.08 -42.72
C ARG A 1032 9.33 12.37 -44.17
N ILE A 1033 10.14 11.78 -45.07
CA ILE A 1033 9.98 11.96 -46.52
C ILE A 1033 8.68 11.32 -47.05
N ALA A 1034 8.45 10.09 -46.61
CA ALA A 1034 7.26 9.37 -47.01
C ALA A 1034 6.04 10.19 -46.68
N SER A 1035 6.05 10.71 -45.46
CA SER A 1035 4.95 11.49 -44.93
C SER A 1035 4.92 12.95 -45.35
N ALA A 1036 6.04 13.49 -45.80
CA ALA A 1036 6.06 14.87 -46.25
C ALA A 1036 4.83 15.04 -47.12
N LYS A 1037 4.41 16.26 -47.41
CA LYS A 1037 3.21 16.39 -48.21
C LYS A 1037 3.24 17.52 -49.23
N THR A 1038 4.12 18.49 -49.06
CA THR A 1038 4.21 19.57 -50.02
C THR A 1038 5.54 19.50 -50.74
N GLU A 1039 5.79 20.44 -51.63
CA GLU A 1039 7.05 20.43 -52.34
C GLU A 1039 8.10 21.02 -51.41
N ASN A 1040 7.65 21.94 -50.55
CA ASN A 1040 8.55 22.61 -49.60
C ASN A 1040 8.97 21.71 -48.46
N GLU A 1041 8.12 20.79 -48.06
CA GLU A 1041 8.49 19.89 -46.99
C GLU A 1041 9.64 18.98 -47.44
N LEU A 1042 9.64 18.57 -48.71
CA LEU A 1042 10.70 17.72 -49.22
C LEU A 1042 12.00 18.50 -49.40
N GLU A 1043 11.92 19.78 -49.76
CA GLU A 1043 13.14 20.56 -49.91
C GLU A 1043 13.76 20.77 -48.54
N GLU A 1044 12.93 21.20 -47.60
CA GLU A 1044 13.42 21.44 -46.26
C GLU A 1044 14.19 20.22 -45.83
N ILE A 1045 13.55 19.07 -45.97
CA ILE A 1045 14.22 17.84 -45.59
C ILE A 1045 15.51 17.68 -46.36
N LYS A 1046 15.53 18.11 -47.62
CA LYS A 1046 16.74 17.97 -48.41
C LYS A 1046 17.83 18.83 -47.80
N VAL A 1047 17.48 20.06 -47.47
CA VAL A 1047 18.44 20.98 -46.91
C VAL A 1047 19.01 20.45 -45.61
N GLU A 1048 18.15 19.88 -44.78
CA GLU A 1048 18.61 19.35 -43.51
C GLU A 1048 19.69 18.32 -43.84
N LEU A 1049 19.32 17.32 -44.62
CA LEU A 1049 20.25 16.28 -45.01
C LEU A 1049 21.63 16.79 -45.42
N ILE A 1050 21.68 17.70 -46.39
CA ILE A 1050 22.94 18.23 -46.86
C ILE A 1050 23.72 18.92 -45.76
N ASP A 1051 23.01 19.66 -44.93
CA ASP A 1051 23.63 20.44 -43.83
C ASP A 1051 24.10 19.63 -42.65
N ARG A 1052 23.70 18.37 -42.63
CA ARG A 1052 23.98 17.50 -41.53
C ARG A 1052 24.78 16.30 -41.95
N PHE A 1053 24.81 16.04 -43.25
CA PHE A 1053 25.57 14.92 -43.78
C PHE A 1053 26.22 15.30 -45.08
N GLY A 1054 26.13 16.57 -45.44
CA GLY A 1054 26.79 17.01 -46.66
C GLY A 1054 26.31 16.53 -48.02
N LEU A 1055 27.26 16.35 -48.93
CA LEU A 1055 26.96 15.93 -50.30
C LEU A 1055 25.94 14.84 -50.36
N LEU A 1056 24.90 15.10 -51.15
CA LEU A 1056 23.80 14.19 -51.33
C LEU A 1056 24.13 13.13 -52.37
N PRO A 1057 24.19 11.85 -51.98
CA PRO A 1057 24.50 10.73 -52.88
C PRO A 1057 23.53 10.71 -54.03
N ASP A 1058 23.59 9.69 -54.87
CA ASP A 1058 22.64 9.60 -55.99
C ASP A 1058 21.39 8.88 -55.52
N PRO A 1059 21.54 7.78 -54.78
CA PRO A 1059 20.33 7.10 -54.33
C PRO A 1059 19.48 8.03 -53.49
N ALA A 1060 20.11 9.08 -52.95
CA ALA A 1060 19.41 10.02 -52.11
C ALA A 1060 18.59 11.00 -52.93
N ARG A 1061 19.25 11.69 -53.85
CA ARG A 1061 18.54 12.65 -54.68
C ARG A 1061 17.33 11.94 -55.24
N THR A 1062 17.57 10.71 -55.71
CA THR A 1062 16.52 9.89 -56.26
C THR A 1062 15.39 9.77 -55.29
N LEU A 1063 15.69 9.23 -54.11
CA LEU A 1063 14.68 9.03 -53.08
C LEU A 1063 13.76 10.23 -53.01
N LEU A 1064 14.37 11.37 -52.78
CA LEU A 1064 13.64 12.61 -52.66
C LEU A 1064 12.86 12.93 -53.91
N ASP A 1065 13.54 12.96 -55.06
CA ASP A 1065 12.87 13.27 -56.32
C ASP A 1065 11.65 12.40 -56.61
N ILE A 1066 11.81 11.10 -56.49
CA ILE A 1066 10.71 10.23 -56.73
C ILE A 1066 9.62 10.62 -55.76
N ALA A 1067 10.00 10.93 -54.53
CA ALA A 1067 9.02 11.27 -53.50
C ALA A 1067 8.14 12.40 -53.98
N ARG A 1068 8.76 13.33 -54.69
CA ARG A 1068 8.07 14.49 -55.23
C ARG A 1068 7.14 14.12 -56.39
N LEU A 1069 7.59 13.18 -57.24
CA LEU A 1069 6.78 12.73 -58.35
C LEU A 1069 5.56 12.10 -57.72
N ARG A 1070 5.76 11.12 -56.88
CA ARG A 1070 4.62 10.47 -56.23
C ARG A 1070 3.55 11.46 -55.79
N GLN A 1071 3.96 12.65 -55.39
CA GLN A 1071 2.98 13.62 -54.94
C GLN A 1071 2.27 14.08 -56.17
N GLN A 1072 3.01 14.75 -57.05
CA GLN A 1072 2.46 15.27 -58.31
C GLN A 1072 1.52 14.21 -58.85
N ALA A 1073 1.93 12.95 -58.74
CA ALA A 1073 1.13 11.84 -59.21
C ALA A 1073 -0.28 11.90 -58.65
N GLN A 1074 -0.42 12.10 -57.35
CA GLN A 1074 -1.75 12.15 -56.74
C GLN A 1074 -2.55 13.37 -57.23
N LYS A 1075 -1.93 14.54 -57.16
CA LYS A 1075 -2.63 15.73 -57.61
C LYS A 1075 -3.15 15.54 -59.02
N LEU A 1076 -2.49 14.69 -59.81
CA LEU A 1076 -2.91 14.49 -61.17
C LEU A 1076 -3.73 13.24 -61.46
N GLY A 1077 -3.79 12.31 -60.53
CA GLY A 1077 -4.52 11.06 -60.76
C GLY A 1077 -3.44 9.99 -60.70
N ILE A 1078 -3.11 9.39 -61.83
CA ILE A 1078 -2.05 8.39 -61.89
C ILE A 1078 -1.92 7.42 -60.72
N ARG A 1079 -2.64 6.32 -60.75
CA ARG A 1079 -2.58 5.34 -59.68
C ARG A 1079 -1.35 4.43 -59.79
N LYS A 1080 -0.34 4.87 -60.53
CA LYS A 1080 0.87 4.07 -60.73
C LYS A 1080 1.67 4.62 -61.91
N LEU A 1081 2.99 4.44 -61.89
CA LEU A 1081 3.85 4.90 -62.98
C LEU A 1081 5.15 4.15 -62.97
N GLU A 1082 5.26 3.17 -63.85
CA GLU A 1082 6.49 2.38 -63.93
C GLU A 1082 7.35 2.95 -65.03
N GLY A 1083 8.64 3.00 -64.79
CA GLY A 1083 9.56 3.52 -65.80
C GLY A 1083 10.75 2.59 -65.89
N ASN A 1084 11.35 2.50 -67.07
CA ASN A 1084 12.53 1.68 -67.25
C ASN A 1084 13.48 2.25 -68.28
N GLU A 1085 14.45 1.44 -68.65
CA GLU A 1085 15.47 1.82 -69.60
C GLU A 1085 14.86 2.21 -70.96
N LYS A 1086 13.79 1.52 -71.33
CA LYS A 1086 13.13 1.71 -72.62
C LYS A 1086 12.00 2.70 -72.66
N GLY A 1087 11.29 2.86 -71.56
CA GLY A 1087 10.19 3.82 -71.54
C GLY A 1087 9.40 3.70 -70.25
N GLY A 1088 8.16 3.26 -70.34
CA GLY A 1088 7.38 3.12 -69.14
C GLY A 1088 5.90 3.00 -69.37
N VAL A 1089 5.14 2.98 -68.27
CA VAL A 1089 3.69 2.82 -68.29
C VAL A 1089 2.96 3.60 -67.19
N ILE A 1090 2.18 4.60 -67.59
CA ILE A 1090 1.39 5.39 -66.65
C ILE A 1090 0.03 4.72 -66.50
N GLU A 1091 -0.42 4.48 -65.27
CA GLU A 1091 -1.73 3.86 -65.02
C GLU A 1091 -2.59 4.89 -64.30
N PHE A 1092 -3.51 5.53 -65.00
CA PHE A 1092 -4.36 6.55 -64.40
C PHE A 1092 -5.53 6.10 -63.56
N ALA A 1093 -6.10 7.05 -62.83
CA ALA A 1093 -7.23 6.78 -61.97
C ALA A 1093 -8.50 7.29 -62.64
N GLU A 1094 -9.60 6.62 -62.35
CA GLU A 1094 -10.90 6.96 -62.92
C GLU A 1094 -11.09 8.47 -62.94
N LYS A 1095 -10.71 9.12 -61.84
CA LYS A 1095 -10.85 10.56 -61.78
C LYS A 1095 -9.48 11.16 -61.97
N ASN A 1096 -9.16 11.57 -63.20
CA ASN A 1096 -7.86 12.17 -63.43
C ASN A 1096 -8.01 13.56 -64.01
N HIS A 1097 -6.88 14.22 -64.24
CA HIS A 1097 -6.91 15.56 -64.78
C HIS A 1097 -6.16 15.63 -66.09
N VAL A 1098 -6.25 14.55 -66.87
CA VAL A 1098 -5.56 14.51 -68.15
C VAL A 1098 -6.45 15.04 -69.25
N ASN A 1099 -6.03 16.14 -69.87
CA ASN A 1099 -6.81 16.71 -70.96
C ASN A 1099 -6.67 15.80 -72.17
N PRO A 1100 -7.80 15.42 -72.79
CA PRO A 1100 -7.80 14.55 -73.95
C PRO A 1100 -7.22 15.22 -75.19
N ALA A 1101 -7.56 16.49 -75.39
CA ALA A 1101 -7.06 17.24 -76.54
C ALA A 1101 -5.56 17.16 -76.54
N TRP A 1102 -4.97 17.24 -75.35
CA TRP A 1102 -3.53 17.17 -75.17
C TRP A 1102 -3.00 15.78 -75.53
N LEU A 1103 -3.55 14.76 -74.88
CA LEU A 1103 -3.13 13.38 -75.09
C LEU A 1103 -3.28 12.93 -76.51
N ILE A 1104 -4.45 13.21 -77.09
CA ILE A 1104 -4.70 12.84 -78.47
C ILE A 1104 -3.70 13.54 -79.38
N GLY A 1105 -3.34 14.77 -79.03
CA GLY A 1105 -2.41 15.51 -79.85
C GLY A 1105 -1.01 14.99 -79.63
N LEU A 1106 -0.86 14.24 -78.56
CA LEU A 1106 0.42 13.67 -78.24
C LEU A 1106 0.53 12.37 -78.99
N LEU A 1107 -0.57 11.65 -79.03
CA LEU A 1107 -0.65 10.37 -79.71
C LEU A 1107 -0.41 10.47 -81.21
N GLN A 1108 -0.83 11.57 -81.82
CA GLN A 1108 -0.66 11.71 -83.27
C GLN A 1108 0.65 12.34 -83.73
N LYS A 1109 1.09 13.43 -83.10
CA LYS A 1109 2.34 14.04 -83.54
C LYS A 1109 3.55 13.21 -83.12
N GLN A 1110 3.37 12.32 -82.15
CA GLN A 1110 4.48 11.54 -81.63
C GLN A 1110 4.18 10.06 -81.41
N PRO A 1111 3.63 9.39 -82.43
CA PRO A 1111 3.25 7.98 -82.45
C PRO A 1111 4.24 7.00 -81.90
N GLN A 1112 5.50 7.12 -82.31
CA GLN A 1112 6.55 6.22 -81.88
C GLN A 1112 7.02 6.50 -80.46
N HIS A 1113 6.29 7.37 -79.76
CA HIS A 1113 6.66 7.71 -78.41
C HIS A 1113 5.56 7.53 -77.36
N TYR A 1114 4.31 7.38 -77.81
CA TYR A 1114 3.17 7.20 -76.88
C TYR A 1114 2.07 6.36 -77.48
N ARG A 1115 1.75 5.22 -76.86
CA ARG A 1115 0.66 4.34 -77.33
C ARG A 1115 -0.32 4.08 -76.20
N LEU A 1116 -1.63 4.06 -76.48
CA LEU A 1116 -2.57 3.77 -75.41
C LEU A 1116 -2.58 2.26 -75.20
N ASP A 1117 -2.97 1.82 -74.02
CA ASP A 1117 -3.02 0.39 -73.68
C ASP A 1117 -4.15 0.23 -72.68
N GLY A 1118 -5.34 -0.07 -73.17
CA GLY A 1118 -6.46 -0.24 -72.29
C GLY A 1118 -7.05 1.13 -72.05
N PRO A 1119 -8.23 1.19 -71.42
CA PRO A 1119 -8.93 2.45 -71.13
C PRO A 1119 -8.28 3.24 -69.99
N THR A 1120 -7.27 2.64 -69.35
CA THR A 1120 -6.60 3.25 -68.21
C THR A 1120 -5.09 3.48 -68.27
N ARG A 1121 -4.38 2.63 -69.00
CA ARG A 1121 -2.95 2.78 -69.09
C ARG A 1121 -2.58 3.66 -70.29
N LEU A 1122 -1.32 4.08 -70.31
CA LEU A 1122 -0.76 4.89 -71.39
C LEU A 1122 0.72 4.56 -71.38
N LYS A 1123 1.14 3.80 -72.37
CA LYS A 1123 2.52 3.38 -72.50
C LYS A 1123 3.36 4.52 -73.11
N PHE A 1124 4.64 4.61 -72.78
CA PHE A 1124 5.48 5.65 -73.38
C PHE A 1124 6.84 5.07 -73.75
N ILE A 1125 7.36 5.42 -74.92
CA ILE A 1125 8.64 4.89 -75.38
C ILE A 1125 9.68 5.95 -75.62
N GLN A 1126 10.74 5.92 -74.82
CA GLN A 1126 11.78 6.91 -74.97
C GLN A 1126 13.12 6.34 -74.57
N ASP A 1127 14.19 7.01 -74.99
CA ASP A 1127 15.53 6.57 -74.70
C ASP A 1127 15.97 6.86 -73.29
N LEU A 1128 15.50 6.05 -72.34
CA LEU A 1128 15.89 6.29 -70.97
C LEU A 1128 16.90 5.22 -70.58
N SER A 1129 18.06 5.33 -71.21
CA SER A 1129 19.17 4.41 -71.01
C SER A 1129 19.99 4.73 -69.74
N GLU A 1130 20.14 6.01 -69.46
CA GLU A 1130 20.89 6.46 -68.29
C GLU A 1130 19.93 6.87 -67.18
N ARG A 1131 20.24 6.43 -65.95
CA ARG A 1131 19.41 6.74 -64.79
C ARG A 1131 19.06 8.22 -64.63
N LYS A 1132 20.00 9.10 -64.96
CA LYS A 1132 19.73 10.51 -64.80
C LYS A 1132 18.77 11.03 -65.85
N THR A 1133 18.77 10.39 -67.02
CA THR A 1133 17.90 10.82 -68.11
C THR A 1133 16.47 10.43 -67.80
N ARG A 1134 16.30 9.16 -67.43
CA ARG A 1134 15.01 8.62 -67.08
C ARG A 1134 14.28 9.61 -66.20
N ILE A 1135 14.75 9.74 -64.98
CA ILE A 1135 14.15 10.67 -64.04
C ILE A 1135 13.82 12.02 -64.68
N GLU A 1136 14.79 12.65 -65.32
CA GLU A 1136 14.54 13.97 -65.93
C GLU A 1136 13.29 14.03 -66.77
N TRP A 1137 13.17 13.08 -67.70
CA TRP A 1137 12.04 13.00 -68.61
C TRP A 1137 10.72 12.80 -67.90
N VAL A 1138 10.71 11.88 -66.93
CA VAL A 1138 9.52 11.59 -66.17
C VAL A 1138 9.03 12.83 -65.44
N ARG A 1139 9.95 13.68 -65.01
CA ARG A 1139 9.61 14.90 -64.32
C ARG A 1139 9.05 15.82 -65.38
N GLN A 1140 9.83 16.01 -66.44
CA GLN A 1140 9.39 16.86 -67.52
C GLN A 1140 7.96 16.45 -67.92
N PHE A 1141 7.75 15.15 -68.14
CA PHE A 1141 6.43 14.68 -68.52
C PHE A 1141 5.34 15.05 -67.51
N MET A 1142 5.63 14.97 -66.21
CA MET A 1142 4.63 15.35 -65.19
C MET A 1142 4.35 16.84 -65.38
N ARG A 1143 5.42 17.62 -65.50
CA ARG A 1143 5.29 19.05 -65.70
C ARG A 1143 4.26 19.30 -66.78
N GLU A 1144 4.62 18.88 -68.00
CA GLU A 1144 3.77 19.04 -69.19
C GLU A 1144 2.36 18.53 -68.94
N LEU A 1145 2.22 17.45 -68.21
CA LEU A 1145 0.91 16.90 -67.92
C LEU A 1145 0.07 17.89 -67.13
N GLU A 1146 0.58 18.33 -65.98
CA GLU A 1146 -0.18 19.26 -65.18
C GLU A 1146 -0.35 20.66 -65.80
N GLU A 1147 0.61 21.12 -66.60
CA GLU A 1147 0.51 22.45 -67.21
C GLU A 1147 -0.62 22.49 -68.24
N ASN A 1148 -1.21 21.32 -68.50
CA ASN A 1148 -2.29 21.17 -69.47
C ASN A 1148 -3.55 20.62 -68.85
N ALA A 1149 -3.43 20.11 -67.63
CA ALA A 1149 -4.55 19.51 -66.89
C ALA A 1149 -5.89 20.24 -67.02
N ILE A 1150 -6.93 19.63 -66.46
CA ILE A 1150 -8.27 20.20 -66.52
C ILE A 1150 -9.10 20.05 -65.22
N TYR B 8 -60.55 -20.21 25.39
CA TYR B 8 -59.50 -20.30 24.35
C TYR B 8 -60.04 -19.87 22.98
N ARG B 9 -59.67 -18.67 22.54
CA ARG B 9 -60.11 -18.09 21.27
C ARG B 9 -60.25 -19.10 20.13
N TYR B 10 -59.19 -19.86 19.87
CA TYR B 10 -59.23 -20.84 18.80
C TYR B 10 -58.52 -22.13 19.21
N THR B 11 -59.04 -23.25 18.72
CA THR B 11 -58.46 -24.56 19.01
C THR B 11 -57.39 -24.90 17.99
N LEU B 12 -57.80 -25.29 16.78
CA LEU B 12 -56.89 -25.66 15.70
C LEU B 12 -57.61 -26.52 14.66
N PRO B 13 -57.02 -26.66 13.45
CA PRO B 13 -57.54 -27.44 12.32
C PRO B 13 -57.05 -28.91 12.41
N VAL B 14 -57.89 -29.88 11.99
CA VAL B 14 -57.53 -31.31 12.11
C VAL B 14 -57.51 -32.18 10.84
N LYS B 15 -58.04 -31.66 9.74
CA LYS B 15 -58.07 -32.45 8.52
C LYS B 15 -57.34 -31.82 7.34
N ALA B 16 -56.79 -32.70 6.51
CA ALA B 16 -56.05 -32.32 5.31
C ALA B 16 -56.79 -31.25 4.53
N GLY B 17 -56.28 -30.03 4.63
CA GLY B 17 -56.88 -28.92 3.93
C GLY B 17 -57.49 -27.89 4.85
N GLU B 18 -57.59 -28.19 6.15
CA GLU B 18 -58.18 -27.21 7.07
C GLU B 18 -57.23 -26.02 7.26
N GLN B 19 -57.27 -25.11 6.29
CA GLN B 19 -56.44 -23.91 6.30
C GLN B 19 -56.94 -22.88 7.31
N ARG B 20 -56.01 -22.28 8.03
CA ARG B 20 -56.37 -21.25 9.00
C ARG B 20 -55.68 -19.96 8.59
N LEU B 21 -55.68 -19.00 9.52
CA LEU B 21 -55.05 -17.70 9.31
C LEU B 21 -54.89 -16.99 10.64
N LEU B 22 -53.64 -16.78 11.04
CA LEU B 22 -53.34 -16.06 12.28
C LEU B 22 -53.56 -14.60 11.88
N GLY B 23 -54.30 -13.86 12.70
CA GLY B 23 -54.58 -12.47 12.34
C GLY B 23 -54.00 -11.33 13.16
N GLU B 24 -53.60 -10.28 12.44
CA GLU B 24 -53.04 -9.08 13.04
C GLU B 24 -51.70 -9.35 13.73
N LEU B 25 -50.97 -10.33 13.21
CA LEU B 25 -49.69 -10.71 13.78
C LEU B 25 -48.52 -9.91 13.20
N THR B 26 -47.62 -9.47 14.08
CA THR B 26 -46.43 -8.72 13.69
C THR B 26 -45.35 -8.85 14.78
N GLY B 27 -44.13 -9.15 14.36
CA GLY B 27 -43.03 -9.28 15.29
C GLY B 27 -43.02 -10.49 16.21
N ALA B 28 -42.68 -10.25 17.47
CA ALA B 28 -42.60 -11.28 18.49
C ALA B 28 -43.87 -12.13 18.57
N ALA B 29 -45.00 -11.50 18.29
CA ALA B 29 -46.29 -12.18 18.34
C ALA B 29 -46.18 -13.66 18.05
N CYS B 30 -45.89 -13.96 16.77
CA CYS B 30 -45.74 -15.32 16.28
C CYS B 30 -45.25 -16.29 17.33
N ALA B 31 -44.04 -16.06 17.85
CA ALA B 31 -43.47 -16.92 18.87
C ALA B 31 -44.53 -17.24 19.93
N THR B 32 -44.94 -16.23 20.68
CA THR B 32 -45.95 -16.40 21.72
C THR B 32 -47.10 -17.26 21.21
N LEU B 33 -47.36 -17.15 19.92
CA LEU B 33 -48.42 -17.90 19.25
C LEU B 33 -48.03 -19.36 19.08
N VAL B 34 -47.04 -19.61 18.22
CA VAL B 34 -46.57 -20.97 17.96
C VAL B 34 -46.18 -21.67 19.26
N ALA B 35 -46.22 -20.93 20.36
CA ALA B 35 -45.93 -21.51 21.66
C ALA B 35 -47.19 -22.28 22.03
N GLU B 36 -48.35 -21.65 21.81
CA GLU B 36 -49.64 -22.27 22.11
C GLU B 36 -50.05 -23.26 21.03
N ILE B 37 -49.93 -22.85 19.77
CA ILE B 37 -50.30 -23.71 18.65
C ILE B 37 -49.73 -25.12 18.81
N ALA B 38 -48.72 -25.27 19.67
CA ALA B 38 -48.11 -26.55 19.90
C ALA B 38 -48.63 -27.14 21.21
N GLU B 39 -48.86 -26.28 22.20
CA GLU B 39 -49.36 -26.72 23.49
C GLU B 39 -50.85 -27.05 23.34
N ARG B 40 -51.52 -26.33 22.45
CA ARG B 40 -52.95 -26.54 22.19
C ARG B 40 -53.16 -27.59 21.12
N HIS B 41 -52.18 -28.48 20.97
CA HIS B 41 -52.26 -29.57 20.01
C HIS B 41 -51.53 -30.77 20.59
N ALA B 42 -52.16 -31.92 20.47
CA ALA B 42 -51.55 -33.15 20.99
C ALA B 42 -50.74 -33.82 19.88
N GLY B 43 -49.43 -33.56 19.90
CA GLY B 43 -48.54 -34.16 18.91
C GLY B 43 -47.49 -33.25 18.27
N PRO B 44 -46.98 -33.64 17.09
CA PRO B 44 -45.97 -32.98 16.25
C PRO B 44 -46.43 -31.71 15.52
N VAL B 45 -45.65 -30.65 15.66
CA VAL B 45 -45.93 -29.36 15.00
C VAL B 45 -44.73 -29.16 14.09
N VAL B 46 -44.98 -28.83 12.82
CA VAL B 46 -43.87 -28.64 11.90
C VAL B 46 -43.85 -27.23 11.31
N LEU B 47 -43.23 -26.31 12.05
CA LEU B 47 -43.12 -24.92 11.64
C LEU B 47 -42.20 -24.75 10.44
N ILE B 48 -42.77 -24.62 9.25
CA ILE B 48 -41.95 -24.45 8.05
C ILE B 48 -41.76 -22.97 7.73
N ALA B 49 -40.52 -22.51 7.73
CA ALA B 49 -40.22 -21.09 7.45
C ALA B 49 -39.89 -20.83 5.98
N PRO B 50 -39.95 -19.55 5.56
CA PRO B 50 -39.67 -19.10 4.18
C PRO B 50 -38.23 -19.33 3.77
N ASP B 51 -37.33 -18.75 4.53
CA ASP B 51 -35.90 -18.88 4.28
C ASP B 51 -35.13 -19.18 5.55
N MET B 52 -33.95 -19.76 5.34
CA MET B 52 -33.05 -20.16 6.42
C MET B 52 -33.03 -19.11 7.54
N GLN B 53 -32.78 -17.86 7.14
CA GLN B 53 -32.73 -16.74 8.07
C GLN B 53 -33.73 -16.86 9.19
N ASN B 54 -35.00 -16.74 8.82
CA ASN B 54 -36.12 -16.81 9.74
C ASN B 54 -36.06 -18.05 10.62
N ALA B 55 -35.48 -19.13 10.08
CA ALA B 55 -35.38 -20.38 10.82
C ALA B 55 -34.81 -20.13 12.21
N LEU B 56 -33.48 -20.03 12.28
CA LEU B 56 -32.79 -19.80 13.54
C LEU B 56 -33.55 -18.78 14.38
N ARG B 57 -33.97 -17.70 13.72
CA ARG B 57 -34.72 -16.62 14.37
C ARG B 57 -35.85 -17.22 15.18
N LEU B 58 -36.77 -17.86 14.47
CA LEU B 58 -37.93 -18.46 15.11
C LEU B 58 -37.49 -19.44 16.19
N HIS B 59 -36.59 -20.34 15.82
CA HIS B 59 -36.06 -21.34 16.74
C HIS B 59 -35.74 -20.79 18.12
N ASP B 60 -35.13 -19.61 18.18
CA ASP B 60 -34.73 -19.01 19.45
C ASP B 60 -35.78 -18.15 20.12
N GLU B 61 -36.62 -17.52 19.31
CA GLU B 61 -37.68 -16.65 19.81
C GLU B 61 -38.74 -17.53 20.50
N ILE B 62 -39.16 -18.57 19.79
CA ILE B 62 -40.15 -19.51 20.27
C ILE B 62 -39.79 -20.16 21.59
N SER B 63 -38.59 -20.71 21.68
CA SER B 63 -38.14 -21.38 22.89
C SER B 63 -38.24 -20.49 24.15
N GLN B 64 -38.47 -19.19 23.95
CA GLN B 64 -38.58 -18.28 25.08
C GLN B 64 -39.89 -18.51 25.81
N PHE B 65 -40.93 -18.71 25.02
CA PHE B 65 -42.28 -18.89 25.52
C PHE B 65 -42.74 -20.33 25.76
N THR B 66 -42.03 -21.31 25.19
CA THR B 66 -42.42 -22.70 25.38
C THR B 66 -41.37 -23.52 26.13
N ASP B 67 -41.82 -24.26 27.15
CA ASP B 67 -40.92 -25.10 27.91
C ASP B 67 -40.82 -26.47 27.23
N GLN B 68 -41.50 -26.59 26.10
CA GLN B 68 -41.46 -27.85 25.35
C GLN B 68 -40.21 -27.92 24.48
N MET B 69 -40.14 -28.95 23.65
CA MET B 69 -38.98 -29.15 22.80
C MET B 69 -39.14 -28.47 21.44
N VAL B 70 -38.16 -27.64 21.08
CA VAL B 70 -38.17 -26.95 19.80
C VAL B 70 -36.88 -27.27 19.07
N MET B 71 -36.98 -28.00 17.96
CA MET B 71 -35.80 -28.38 17.19
C MET B 71 -35.65 -27.65 15.87
N ASN B 72 -34.84 -28.24 14.99
CA ASN B 72 -34.54 -27.64 13.68
C ASN B 72 -33.97 -28.74 12.75
N LEU B 73 -34.52 -28.88 11.56
CA LEU B 73 -33.98 -29.88 10.62
C LEU B 73 -32.82 -29.20 9.91
N ALA B 74 -31.60 -29.65 10.14
CA ALA B 74 -30.46 -29.01 9.51
C ALA B 74 -30.39 -29.13 7.99
N ASP B 75 -30.08 -28.02 7.34
CA ASP B 75 -29.95 -28.00 5.90
C ASP B 75 -28.48 -28.29 5.60
N TRP B 76 -28.20 -28.91 4.47
CA TRP B 76 -26.82 -29.22 4.13
C TRP B 76 -25.94 -27.96 4.10
N GLU B 77 -26.58 -26.80 3.96
CA GLU B 77 -25.85 -25.54 3.86
C GLU B 77 -24.92 -25.61 2.66
N THR B 78 -25.17 -26.57 1.79
CA THR B 78 -24.39 -26.75 0.59
C THR B 78 -25.14 -26.12 -0.59
N LEU B 79 -24.50 -26.07 -1.75
CA LEU B 79 -25.12 -25.49 -2.93
C LEU B 79 -25.46 -26.57 -3.94
N PRO B 80 -26.72 -26.60 -4.43
CA PRO B 80 -27.07 -27.64 -5.40
C PRO B 80 -25.96 -27.88 -6.42
N TYR B 81 -25.41 -29.10 -6.40
CA TYR B 81 -24.34 -29.51 -7.30
C TYR B 81 -23.06 -28.76 -6.94
N ASP B 82 -22.79 -28.76 -5.64
CA ASP B 82 -21.65 -28.08 -5.07
C ASP B 82 -20.39 -28.91 -5.13
N SER B 83 -19.25 -28.29 -4.84
CA SER B 83 -17.99 -29.00 -4.80
C SER B 83 -17.58 -29.28 -3.35
N PHE B 84 -18.57 -29.26 -2.45
CA PHE B 84 -18.34 -29.50 -1.04
C PHE B 84 -19.45 -30.37 -0.48
N SER B 85 -19.09 -31.29 0.42
CA SER B 85 -20.06 -32.16 1.07
C SER B 85 -20.50 -31.40 2.31
N PRO B 86 -21.63 -31.80 2.90
CA PRO B 86 -22.07 -31.08 4.09
C PRO B 86 -21.05 -31.25 5.21
N HIS B 87 -21.25 -30.51 6.28
CA HIS B 87 -20.38 -30.58 7.44
C HIS B 87 -20.85 -31.71 8.34
N GLN B 88 -19.92 -32.55 8.76
CA GLN B 88 -20.20 -33.67 9.65
C GLN B 88 -21.25 -33.36 10.73
N ASP B 89 -21.06 -32.27 11.46
CA ASP B 89 -22.00 -31.93 12.52
C ASP B 89 -23.42 -31.64 12.01
N ILE B 90 -23.54 -31.43 10.70
CA ILE B 90 -24.84 -31.14 10.07
C ILE B 90 -25.51 -32.49 9.76
N ILE B 91 -24.77 -33.32 9.03
CA ILE B 91 -25.23 -34.64 8.66
C ILE B 91 -25.61 -35.38 9.92
N SER B 92 -24.83 -35.20 10.97
CA SER B 92 -25.13 -35.88 12.22
C SER B 92 -26.28 -35.29 12.98
N SER B 93 -26.80 -34.15 12.53
CA SER B 93 -27.91 -33.55 13.24
C SER B 93 -29.16 -33.90 12.46
N ARG B 94 -28.95 -34.18 11.18
CA ARG B 94 -30.05 -34.56 10.33
C ARG B 94 -30.54 -35.91 10.83
N LEU B 95 -29.67 -36.90 10.71
CA LEU B 95 -29.99 -38.26 11.11
C LEU B 95 -30.61 -38.33 12.50
N SER B 96 -30.33 -37.36 13.36
CA SER B 96 -30.94 -37.40 14.69
C SER B 96 -32.35 -36.86 14.59
N THR B 97 -32.65 -36.25 13.45
CA THR B 97 -33.96 -35.68 13.22
C THR B 97 -34.79 -36.65 12.40
N LEU B 98 -34.14 -37.31 11.45
CA LEU B 98 -34.83 -38.27 10.60
C LEU B 98 -35.13 -39.59 11.30
N TYR B 99 -34.60 -39.78 12.50
CA TYR B 99 -34.83 -41.02 13.23
C TYR B 99 -35.97 -40.78 14.20
N GLN B 100 -35.73 -39.94 15.20
CA GLN B 100 -36.74 -39.66 16.19
C GLN B 100 -38.07 -39.23 15.59
N LEU B 101 -38.05 -38.65 14.38
CA LEU B 101 -39.27 -38.15 13.74
C LEU B 101 -40.53 -38.99 13.90
N PRO B 102 -40.51 -40.24 13.42
CA PRO B 102 -41.70 -41.10 13.56
C PRO B 102 -42.28 -41.05 14.97
N THR B 103 -41.50 -41.45 15.95
CA THR B 103 -41.94 -41.46 17.34
C THR B 103 -42.46 -40.10 17.83
N MET B 104 -41.70 -39.03 17.54
CA MET B 104 -42.02 -37.66 17.96
C MET B 104 -43.45 -37.55 18.47
N GLN B 105 -43.60 -37.37 19.78
CA GLN B 105 -44.92 -37.27 20.37
C GLN B 105 -45.38 -35.84 20.66
N ARG B 106 -44.47 -34.88 20.61
CA ARG B 106 -44.84 -33.49 20.88
C ARG B 106 -43.69 -32.54 20.56
N GLY B 107 -44.02 -31.28 20.31
CA GLY B 107 -43.00 -30.29 20.01
C GLY B 107 -42.99 -29.77 18.58
N VAL B 108 -42.12 -28.79 18.32
CA VAL B 108 -42.00 -28.17 17.00
C VAL B 108 -40.69 -28.52 16.29
N LEU B 109 -40.76 -28.64 14.97
CA LEU B 109 -39.59 -28.94 14.17
C LEU B 109 -39.60 -28.00 13.00
N ILE B 110 -38.80 -26.94 13.10
CA ILE B 110 -38.74 -25.93 12.08
C ILE B 110 -38.02 -26.38 10.82
N VAL B 111 -38.69 -26.28 9.68
CA VAL B 111 -38.06 -26.71 8.45
C VAL B 111 -38.05 -25.59 7.45
N PRO B 112 -36.89 -25.37 6.82
CA PRO B 112 -36.86 -24.31 5.82
C PRO B 112 -37.54 -24.86 4.58
N VAL B 113 -38.18 -24.00 3.81
CA VAL B 113 -38.83 -24.46 2.60
C VAL B 113 -37.77 -25.18 1.78
N ASN B 114 -36.85 -24.41 1.22
CA ASN B 114 -35.77 -24.96 0.40
C ASN B 114 -35.27 -26.31 0.90
N THR B 115 -35.33 -26.52 2.21
CA THR B 115 -34.88 -27.78 2.78
C THR B 115 -35.89 -28.88 2.45
N LEU B 116 -37.13 -28.62 2.84
CA LEU B 116 -38.26 -29.52 2.63
C LEU B 116 -38.32 -30.09 1.21
N MET B 117 -38.07 -29.24 0.22
CA MET B 117 -38.10 -29.65 -1.18
C MET B 117 -37.00 -30.65 -1.52
N GLN B 118 -36.10 -30.90 -0.57
CA GLN B 118 -35.01 -31.84 -0.80
C GLN B 118 -35.45 -33.24 -0.41
N ARG B 119 -35.29 -34.17 -1.34
CA ARG B 119 -35.66 -35.56 -1.12
C ARG B 119 -34.76 -36.15 -0.05
N VAL B 120 -35.37 -36.80 0.92
CA VAL B 120 -34.64 -37.42 2.00
C VAL B 120 -34.21 -38.81 1.54
N CYS B 121 -33.88 -39.68 2.48
CA CYS B 121 -33.46 -41.03 2.15
C CYS B 121 -34.52 -42.05 2.58
N PRO B 122 -34.43 -43.27 2.07
CA PRO B 122 -35.38 -44.33 2.41
C PRO B 122 -35.37 -44.61 3.90
N HIS B 123 -36.47 -45.12 4.44
CA HIS B 123 -36.46 -45.46 5.86
C HIS B 123 -35.95 -46.90 5.87
N SER B 124 -35.81 -47.43 4.65
CA SER B 124 -35.32 -48.78 4.43
C SER B 124 -33.81 -48.70 4.48
N PHE B 125 -33.32 -47.57 4.99
CA PHE B 125 -31.90 -47.33 5.13
C PHE B 125 -31.63 -46.89 6.54
N LEU B 126 -32.64 -46.28 7.16
CA LEU B 126 -32.48 -45.78 8.50
C LEU B 126 -32.75 -46.80 9.60
N HIS B 127 -33.93 -47.42 9.58
CA HIS B 127 -34.29 -48.37 10.64
C HIS B 127 -33.56 -49.71 10.65
N GLY B 128 -33.22 -50.22 9.47
CA GLY B 128 -32.51 -51.48 9.42
C GLY B 128 -31.05 -51.40 9.82
N HIS B 129 -30.43 -50.25 9.55
CA HIS B 129 -29.01 -50.04 9.86
C HIS B 129 -28.61 -49.64 11.29
N ALA B 130 -29.44 -48.86 11.98
CA ALA B 130 -29.13 -48.42 13.34
C ALA B 130 -28.83 -49.55 14.33
N LEU B 131 -27.54 -49.75 14.63
CA LEU B 131 -27.07 -50.79 15.56
C LEU B 131 -26.85 -50.25 16.96
N VAL B 132 -27.18 -51.05 17.97
CA VAL B 132 -27.00 -50.62 19.35
C VAL B 132 -25.92 -51.44 20.05
N MET B 133 -25.36 -50.86 21.11
CA MET B 133 -24.32 -51.50 21.90
C MET B 133 -24.53 -51.20 23.38
N LYS B 134 -24.73 -52.27 24.16
CA LYS B 134 -24.97 -52.16 25.59
C LYS B 134 -23.80 -52.59 26.46
N LYS B 135 -23.93 -52.24 27.74
CA LYS B 135 -22.94 -52.52 28.78
C LYS B 135 -22.23 -53.85 28.70
N GLY B 136 -23.00 -54.93 28.62
CA GLY B 136 -22.41 -56.24 28.58
C GLY B 136 -22.44 -56.95 27.24
N GLN B 137 -22.53 -56.20 26.16
CA GLN B 137 -22.56 -56.82 24.84
C GLN B 137 -21.40 -57.79 24.73
N ARG B 138 -21.38 -58.62 23.70
CA ARG B 138 -20.27 -59.53 23.53
C ARG B 138 -19.68 -59.34 22.14
N LEU B 139 -19.13 -58.15 21.91
CA LEU B 139 -18.50 -57.81 20.64
C LEU B 139 -17.00 -57.85 20.76
N SER B 140 -16.32 -58.46 19.80
CA SER B 140 -14.87 -58.44 19.88
C SER B 140 -14.52 -57.03 19.43
N ARG B 141 -13.40 -56.51 19.92
CA ARG B 141 -12.98 -55.16 19.56
C ARG B 141 -12.91 -55.03 18.04
N ASP B 142 -12.42 -56.08 17.38
CA ASP B 142 -12.30 -56.06 15.92
C ASP B 142 -13.58 -56.34 15.13
N ALA B 143 -14.57 -56.98 15.75
CA ALA B 143 -15.82 -57.25 15.03
C ALA B 143 -16.56 -55.92 14.94
N LEU B 144 -16.56 -55.16 16.02
CA LEU B 144 -17.23 -53.87 16.03
C LEU B 144 -16.45 -52.91 15.15
N ARG B 145 -15.13 -53.10 15.09
CA ARG B 145 -14.24 -52.27 14.28
C ARG B 145 -14.71 -52.41 12.84
N THR B 146 -15.04 -53.63 12.44
CA THR B 146 -15.53 -53.87 11.10
C THR B 146 -16.94 -53.32 10.92
N GLN B 147 -17.85 -53.63 11.84
CA GLN B 147 -19.22 -53.13 11.72
C GLN B 147 -19.18 -51.65 11.43
N LEU B 148 -18.13 -51.00 11.91
CA LEU B 148 -17.94 -49.57 11.70
C LEU B 148 -17.35 -49.27 10.34
N ASP B 149 -16.35 -50.03 9.92
CA ASP B 149 -15.75 -49.80 8.60
C ASP B 149 -16.83 -49.89 7.51
N SER B 150 -17.86 -50.68 7.77
CA SER B 150 -18.97 -50.84 6.83
C SER B 150 -19.91 -49.67 7.00
N ALA B 151 -20.23 -49.33 8.24
CA ALA B 151 -21.10 -48.20 8.47
C ALA B 151 -20.41 -46.96 7.89
N GLY B 152 -19.24 -47.17 7.28
CA GLY B 152 -18.50 -46.09 6.66
C GLY B 152 -17.74 -45.07 7.50
N TYR B 153 -17.52 -45.34 8.78
CA TYR B 153 -16.80 -44.40 9.64
C TYR B 153 -15.36 -44.38 9.21
N ARG B 154 -14.63 -43.38 9.70
CA ARG B 154 -13.22 -43.25 9.37
C ARG B 154 -12.32 -43.59 10.55
N HIS B 155 -11.27 -44.36 10.26
CA HIS B 155 -10.30 -44.79 11.26
C HIS B 155 -9.28 -43.67 11.49
N VAL B 156 -9.20 -43.20 12.73
CA VAL B 156 -8.28 -42.11 13.08
C VAL B 156 -7.37 -42.48 14.26
N ASP B 157 -6.40 -41.62 14.55
CA ASP B 157 -5.50 -41.86 15.66
C ASP B 157 -6.19 -41.36 16.90
N GLN B 158 -6.80 -40.19 16.74
CA GLN B 158 -7.50 -39.55 17.82
C GLN B 158 -8.85 -39.08 17.30
N VAL B 159 -9.90 -39.23 18.10
CA VAL B 159 -11.22 -38.82 17.65
C VAL B 159 -11.52 -37.38 17.98
N MET B 160 -11.87 -36.63 16.94
CA MET B 160 -12.17 -35.22 17.07
C MET B 160 -13.53 -34.85 16.52
N GLU B 161 -13.95 -35.55 15.47
CA GLU B 161 -15.23 -35.26 14.82
C GLU B 161 -16.21 -36.43 14.76
N HIS B 162 -17.44 -36.13 14.35
CA HIS B 162 -18.48 -37.14 14.19
C HIS B 162 -18.00 -38.11 13.09
N GLY B 163 -18.36 -39.38 13.18
CA GLY B 163 -17.95 -40.33 12.15
C GLY B 163 -16.51 -40.85 12.17
N GLU B 164 -15.79 -40.54 13.24
CA GLU B 164 -14.43 -40.99 13.36
C GLU B 164 -14.37 -42.02 14.49
N TYR B 165 -13.40 -42.94 14.43
CA TYR B 165 -13.26 -43.92 15.49
C TYR B 165 -11.78 -44.25 15.62
N ALA B 166 -11.29 -44.25 16.85
CA ALA B 166 -9.89 -44.54 17.07
C ALA B 166 -9.80 -45.85 17.81
N THR B 167 -8.76 -46.60 17.49
CA THR B 167 -8.58 -47.88 18.12
C THR B 167 -7.17 -47.96 18.70
N ARG B 168 -7.11 -48.31 19.97
CA ARG B 168 -5.83 -48.44 20.65
C ARG B 168 -6.06 -49.10 22.02
N GLY B 169 -5.25 -50.13 22.30
CA GLY B 169 -5.39 -50.85 23.54
C GLY B 169 -6.72 -51.56 23.56
N ALA B 170 -7.27 -51.78 24.75
CA ALA B 170 -8.56 -52.44 24.86
C ALA B 170 -9.60 -51.34 24.69
N LEU B 171 -9.15 -50.19 24.23
CA LEU B 171 -10.03 -49.05 24.04
C LEU B 171 -10.46 -48.82 22.61
N LEU B 172 -11.67 -48.28 22.45
CA LEU B 172 -12.21 -47.97 21.14
C LEU B 172 -12.97 -46.65 21.26
N ASP B 173 -12.39 -45.57 20.74
CA ASP B 173 -13.07 -44.27 20.80
C ASP B 173 -13.97 -44.10 19.58
N LEU B 174 -15.16 -43.56 19.79
CA LEU B 174 -16.11 -43.42 18.72
C LEU B 174 -17.04 -42.23 18.81
N PHE B 175 -17.26 -41.56 17.68
CA PHE B 175 -18.16 -40.41 17.62
C PHE B 175 -19.30 -40.75 16.66
N PRO B 176 -20.30 -41.48 17.15
CA PRO B 176 -21.49 -41.94 16.43
C PRO B 176 -22.35 -40.78 15.92
N MET B 177 -22.65 -40.81 14.63
CA MET B 177 -23.45 -39.76 14.00
C MET B 177 -24.72 -39.46 14.79
N GLY B 178 -25.15 -40.42 15.59
CA GLY B 178 -26.36 -40.23 16.37
C GLY B 178 -26.29 -39.12 17.39
N SER B 179 -25.48 -39.31 18.42
CA SER B 179 -25.33 -38.36 19.52
C SER B 179 -24.48 -37.15 19.24
N GLU B 180 -24.49 -36.23 20.20
CA GLU B 180 -23.71 -35.00 20.10
C GLU B 180 -22.44 -35.11 20.93
N LEU B 181 -22.23 -36.28 21.52
CA LEU B 181 -21.04 -36.55 22.32
C LEU B 181 -20.46 -37.93 21.95
N PRO B 182 -19.11 -38.05 21.95
CA PRO B 182 -18.38 -39.28 21.61
C PRO B 182 -18.24 -40.18 22.82
N TYR B 183 -18.07 -41.47 22.57
CA TYR B 183 -17.96 -42.42 23.66
C TYR B 183 -16.69 -43.25 23.57
N ARG B 184 -16.21 -43.67 24.74
CA ARG B 184 -15.01 -44.50 24.84
C ARG B 184 -15.43 -45.86 25.33
N LEU B 185 -15.03 -46.90 24.61
CA LEU B 185 -15.41 -48.24 24.99
C LEU B 185 -14.23 -49.06 25.50
N ASP B 186 -14.40 -49.68 26.67
CA ASP B 186 -13.34 -50.49 27.25
C ASP B 186 -13.64 -51.97 27.00
N PHE B 187 -12.67 -52.71 26.46
CA PHE B 187 -12.85 -54.12 26.19
C PHE B 187 -12.07 -55.05 27.10
N PHE B 188 -12.69 -56.18 27.43
CA PHE B 188 -12.05 -57.16 28.28
C PHE B 188 -12.81 -58.47 28.11
N ASP B 189 -12.11 -59.50 27.64
CA ASP B 189 -12.71 -60.81 27.41
C ASP B 189 -13.75 -60.73 26.29
N ASP B 190 -13.47 -59.91 25.29
CA ASP B 190 -14.38 -59.76 24.16
C ASP B 190 -15.77 -59.51 24.70
N GLU B 191 -15.94 -58.36 25.35
CA GLU B 191 -17.20 -57.97 25.93
C GLU B 191 -17.07 -56.51 26.40
N ILE B 192 -17.94 -55.64 25.95
CA ILE B 192 -17.85 -54.26 26.41
C ILE B 192 -17.94 -54.37 27.92
N ASP B 193 -16.97 -53.76 28.61
CA ASP B 193 -16.93 -53.77 30.06
C ASP B 193 -17.50 -52.47 30.61
N SER B 194 -17.38 -51.41 29.83
CA SER B 194 -17.86 -50.11 30.27
C SER B 194 -17.88 -49.14 29.11
N LEU B 195 -18.82 -48.21 29.16
CA LEU B 195 -18.97 -47.24 28.09
C LEU B 195 -19.02 -45.83 28.67
N ARG B 196 -18.02 -45.02 28.35
CA ARG B 196 -17.97 -43.65 28.87
C ARG B 196 -17.97 -42.56 27.82
N VAL B 197 -18.55 -41.42 28.21
CA VAL B 197 -18.63 -40.24 27.38
C VAL B 197 -17.34 -39.48 27.58
N PHE B 198 -16.76 -38.92 26.51
CA PHE B 198 -15.54 -38.16 26.68
C PHE B 198 -15.54 -36.83 25.93
N ASP B 199 -14.52 -36.01 26.16
CA ASP B 199 -14.43 -34.68 25.56
C ASP B 199 -13.34 -34.48 24.50
N VAL B 200 -13.75 -34.34 23.25
CA VAL B 200 -12.82 -34.19 22.13
C VAL B 200 -11.58 -33.35 22.32
N ASP B 201 -11.64 -32.36 23.21
CA ASP B 201 -10.49 -31.52 23.41
C ASP B 201 -9.74 -32.05 24.62
N SER B 202 -10.47 -32.15 25.72
CA SER B 202 -9.95 -32.67 26.98
C SER B 202 -9.39 -34.06 26.75
N GLN B 203 -10.11 -34.82 25.92
CA GLN B 203 -9.81 -36.19 25.54
C GLN B 203 -9.99 -37.13 26.72
N ARG B 204 -10.42 -36.57 27.86
CA ARG B 204 -10.65 -37.35 29.07
C ARG B 204 -12.10 -37.79 29.20
N THR B 205 -12.36 -38.82 29.99
CA THR B 205 -13.74 -39.29 30.15
C THR B 205 -14.52 -38.48 31.16
N LEU B 206 -15.83 -38.65 31.14
CA LEU B 206 -16.73 -37.93 32.04
C LEU B 206 -17.75 -38.85 32.70
N GLU B 207 -18.96 -38.87 32.14
CA GLU B 207 -20.08 -39.67 32.63
C GLU B 207 -19.98 -41.16 32.29
N GLU B 208 -20.98 -41.91 32.74
CA GLU B 208 -21.06 -43.35 32.49
C GLU B 208 -22.32 -43.62 31.68
N VAL B 209 -22.23 -44.51 30.71
CA VAL B 209 -23.39 -44.83 29.88
C VAL B 209 -23.65 -46.33 29.73
N GLU B 210 -24.93 -46.69 29.70
CA GLU B 210 -25.33 -48.09 29.59
C GLU B 210 -25.50 -48.56 28.15
N ALA B 211 -25.92 -47.65 27.28
CA ALA B 211 -26.11 -47.98 25.88
C ALA B 211 -25.83 -46.79 24.99
N ILE B 212 -25.46 -47.10 23.76
CA ILE B 212 -25.11 -46.09 22.76
C ILE B 212 -25.78 -46.46 21.45
N ASN B 213 -26.40 -45.50 20.78
CA ASN B 213 -27.07 -45.77 19.50
C ASN B 213 -26.14 -45.34 18.37
N LEU B 214 -25.94 -46.20 17.38
CA LEU B 214 -25.02 -45.87 16.29
C LEU B 214 -25.59 -45.94 14.85
N LEU B 215 -25.83 -44.77 14.25
CA LEU B 215 -26.39 -44.68 12.91
C LEU B 215 -25.27 -44.76 11.87
N PRO B 216 -25.59 -44.61 10.57
CA PRO B 216 -24.52 -44.69 9.56
C PRO B 216 -23.65 -43.43 9.50
N ALA B 217 -22.52 -43.53 8.82
CA ALA B 217 -21.61 -42.39 8.69
C ALA B 217 -22.19 -41.31 7.76
N HIS B 218 -23.14 -41.70 6.93
CA HIS B 218 -23.75 -40.75 6.02
C HIS B 218 -25.25 -40.93 5.89
N GLU B 219 -25.77 -40.49 4.75
CA GLU B 219 -27.19 -40.61 4.45
C GLU B 219 -27.25 -41.51 3.23
N PHE B 220 -26.34 -42.48 3.20
CA PHE B 220 -26.25 -43.46 2.13
C PHE B 220 -25.10 -44.40 2.42
N PRO B 221 -25.28 -45.71 2.16
CA PRO B 221 -24.26 -46.73 2.40
C PRO B 221 -22.91 -46.48 1.74
N THR B 222 -21.90 -47.17 2.22
CA THR B 222 -20.56 -47.01 1.71
C THR B 222 -19.84 -48.35 1.71
N ASP B 223 -20.60 -49.44 1.89
CA ASP B 223 -20.02 -50.78 1.90
C ASP B 223 -19.92 -51.37 0.49
N LYS B 224 -19.04 -52.35 0.30
CA LYS B 224 -18.86 -52.98 -1.00
C LYS B 224 -20.21 -53.18 -1.67
N ALA B 225 -21.17 -53.68 -0.90
CA ALA B 225 -22.52 -53.90 -1.41
C ALA B 225 -23.04 -52.63 -2.08
N ALA B 226 -22.94 -51.51 -1.36
CA ALA B 226 -23.41 -50.21 -1.86
C ALA B 226 -22.62 -49.75 -3.07
N ILE B 227 -21.30 -49.90 -3.03
CA ILE B 227 -20.48 -49.47 -4.15
C ILE B 227 -20.87 -50.13 -5.46
N GLU B 228 -21.16 -51.44 -5.41
CA GLU B 228 -21.56 -52.16 -6.60
C GLU B 228 -22.86 -51.61 -7.16
N LEU B 229 -23.75 -51.21 -6.26
CA LEU B 229 -25.03 -50.66 -6.67
C LEU B 229 -24.76 -49.36 -7.42
N PHE B 230 -23.92 -48.52 -6.83
CA PHE B 230 -23.57 -47.25 -7.45
C PHE B 230 -23.12 -47.53 -8.89
N ARG B 231 -22.02 -48.26 -9.05
CA ARG B 231 -21.47 -48.56 -10.37
C ARG B 231 -22.51 -48.99 -11.40
N SER B 232 -23.33 -49.99 -11.05
CA SER B 232 -24.36 -50.49 -11.95
C SER B 232 -25.42 -49.45 -12.28
N GLN B 233 -25.99 -48.83 -11.25
CA GLN B 233 -27.00 -47.81 -11.45
C GLN B 233 -26.45 -46.56 -12.13
N TRP B 234 -25.13 -46.39 -12.05
CA TRP B 234 -24.46 -45.25 -12.66
C TRP B 234 -24.46 -45.46 -14.17
N ARG B 235 -23.90 -46.59 -14.61
CA ARG B 235 -23.83 -46.94 -16.03
C ARG B 235 -25.22 -46.83 -16.66
N ASP B 236 -26.26 -47.11 -15.87
CA ASP B 236 -27.66 -47.06 -16.30
C ASP B 236 -28.21 -45.63 -16.36
N THR B 237 -27.30 -44.66 -16.29
CA THR B 237 -27.73 -43.26 -16.36
C THR B 237 -26.71 -42.36 -17.04
N PHE B 238 -25.43 -42.65 -16.88
CA PHE B 238 -24.39 -41.83 -17.50
C PHE B 238 -23.34 -42.67 -18.17
N GLU B 239 -22.43 -42.01 -18.88
CA GLU B 239 -21.32 -42.68 -19.56
C GLU B 239 -20.18 -42.84 -18.56
N VAL B 240 -19.07 -43.41 -19.00
CA VAL B 240 -17.92 -43.60 -18.12
C VAL B 240 -16.62 -43.11 -18.77
N LYS B 241 -15.60 -42.93 -17.93
CA LYS B 241 -14.30 -42.47 -18.41
C LYS B 241 -13.19 -43.21 -17.66
N ARG B 242 -12.02 -43.30 -18.29
CA ARG B 242 -10.86 -44.02 -17.73
C ARG B 242 -9.90 -43.16 -16.90
N ASP B 243 -9.92 -41.85 -17.12
CA ASP B 243 -9.06 -40.95 -16.36
C ASP B 243 -9.63 -40.82 -14.97
N PRO B 244 -8.76 -40.74 -13.96
CA PRO B 244 -9.22 -40.61 -12.56
C PRO B 244 -10.10 -39.36 -12.38
N GLU B 245 -10.17 -38.89 -11.14
CA GLU B 245 -10.97 -37.71 -10.81
C GLU B 245 -12.32 -37.71 -11.51
N HIS B 246 -12.84 -38.89 -11.82
CA HIS B 246 -14.14 -39.03 -12.46
C HIS B 246 -15.02 -39.81 -11.50
N ILE B 247 -16.02 -39.16 -10.91
CA ILE B 247 -16.91 -39.79 -9.93
C ILE B 247 -16.94 -41.32 -9.90
N TYR B 248 -17.34 -41.94 -11.00
CA TYR B 248 -17.39 -43.41 -11.07
C TYR B 248 -16.04 -43.97 -10.65
N GLN B 249 -15.00 -43.55 -11.35
CA GLN B 249 -13.65 -44.01 -11.07
C GLN B 249 -13.20 -43.68 -9.64
N GLN B 250 -13.69 -42.57 -9.09
CA GLN B 250 -13.33 -42.17 -7.73
C GLN B 250 -14.07 -42.98 -6.67
N VAL B 251 -15.34 -43.29 -6.92
CA VAL B 251 -16.11 -44.07 -5.98
C VAL B 251 -15.59 -45.51 -5.98
N SER B 252 -15.18 -45.97 -7.17
CA SER B 252 -14.65 -47.32 -7.38
C SER B 252 -13.34 -47.60 -6.65
N LYS B 253 -12.57 -46.55 -6.40
CA LYS B 253 -11.30 -46.71 -5.69
C LYS B 253 -11.63 -46.68 -4.20
N GLY B 254 -12.92 -46.54 -3.90
CA GLY B 254 -13.38 -46.52 -2.53
C GLY B 254 -13.29 -45.18 -1.80
N THR B 255 -13.46 -44.08 -2.53
CA THR B 255 -13.39 -42.75 -1.93
C THR B 255 -14.69 -42.00 -2.11
N LEU B 256 -14.81 -40.84 -1.46
CA LEU B 256 -16.02 -40.03 -1.57
C LEU B 256 -15.72 -38.60 -1.98
N PRO B 257 -15.78 -38.33 -3.30
CA PRO B 257 -15.53 -37.04 -3.93
C PRO B 257 -16.19 -35.88 -3.20
N ALA B 258 -15.60 -34.70 -3.39
CA ALA B 258 -16.08 -33.46 -2.78
C ALA B 258 -17.58 -33.42 -2.56
N GLY B 259 -18.31 -32.76 -3.46
CA GLY B 259 -19.73 -32.67 -3.27
C GLY B 259 -20.46 -33.93 -3.68
N ILE B 260 -19.99 -35.07 -3.20
CA ILE B 260 -20.61 -36.33 -3.58
C ILE B 260 -22.02 -36.60 -3.07
N GLU B 261 -22.55 -35.72 -2.24
CA GLU B 261 -23.89 -35.95 -1.71
C GLU B 261 -24.95 -35.63 -2.73
N TYR B 262 -24.54 -35.20 -3.92
CA TYR B 262 -25.49 -34.86 -4.96
C TYR B 262 -25.57 -35.91 -6.06
N TRP B 263 -25.49 -37.16 -5.62
CA TRP B 263 -25.57 -38.34 -6.46
C TRP B 263 -26.01 -39.41 -5.49
N GLN B 264 -26.62 -38.92 -4.42
CA GLN B 264 -27.16 -39.73 -3.35
C GLN B 264 -28.12 -40.77 -3.92
N PRO B 265 -28.81 -40.44 -5.03
CA PRO B 265 -29.74 -41.41 -5.64
C PRO B 265 -29.09 -42.71 -6.14
N LEU B 266 -27.90 -42.61 -6.72
CA LEU B 266 -27.20 -43.78 -7.25
C LEU B 266 -26.70 -44.78 -6.21
N PHE B 267 -27.02 -44.53 -4.93
CA PHE B 267 -26.60 -45.43 -3.85
C PHE B 267 -27.74 -46.26 -3.33
N PHE B 268 -28.95 -45.96 -3.81
CA PHE B 268 -30.14 -46.73 -3.42
C PHE B 268 -30.75 -47.32 -4.69
N SER B 269 -31.42 -48.46 -4.57
CA SER B 269 -32.08 -49.07 -5.72
C SER B 269 -33.43 -48.39 -5.89
N GLU B 270 -34.14 -48.19 -4.79
CA GLU B 270 -35.45 -47.55 -4.81
C GLU B 270 -35.30 -46.02 -4.76
N PRO B 271 -36.07 -45.29 -5.59
CA PRO B 271 -36.01 -43.83 -5.61
C PRO B 271 -36.12 -43.22 -4.23
N LEU B 272 -35.55 -42.02 -4.07
CA LEU B 272 -35.55 -41.31 -2.80
C LEU B 272 -36.92 -40.73 -2.43
N PRO B 273 -37.51 -41.17 -1.32
CA PRO B 273 -38.82 -40.67 -0.88
C PRO B 273 -38.75 -39.18 -0.61
N PRO B 274 -39.91 -38.52 -0.53
CA PRO B 274 -39.88 -37.08 -0.25
C PRO B 274 -39.85 -36.93 1.27
N LEU B 275 -39.29 -35.84 1.73
CA LEU B 275 -39.18 -35.60 3.16
C LEU B 275 -40.44 -35.91 3.97
N PHE B 276 -41.62 -35.71 3.40
CA PHE B 276 -42.85 -35.97 4.14
C PHE B 276 -42.94 -37.41 4.61
N SER B 277 -42.19 -38.29 3.95
CA SER B 277 -42.17 -39.71 4.26
C SER B 277 -42.08 -39.99 5.78
N TYR B 278 -41.28 -39.19 6.49
CA TYR B 278 -41.08 -39.37 7.92
C TYR B 278 -42.13 -38.71 8.82
N PHE B 279 -43.01 -37.93 8.21
CA PHE B 279 -44.07 -37.23 8.96
C PHE B 279 -45.11 -38.16 9.55
N PRO B 280 -45.38 -38.02 10.86
CA PRO B 280 -46.38 -38.86 11.54
C PRO B 280 -47.77 -38.56 11.01
N ALA B 281 -48.75 -39.39 11.38
CA ALA B 281 -50.13 -39.19 10.94
C ALA B 281 -50.72 -38.08 11.80
N ASN B 282 -50.56 -38.25 13.11
CA ASN B 282 -51.01 -37.29 14.08
C ASN B 282 -50.04 -36.11 13.96
N THR B 283 -50.44 -35.03 13.28
CA THR B 283 -49.55 -33.87 13.12
C THR B 283 -50.10 -32.71 12.30
N LEU B 284 -49.91 -31.48 12.79
CA LEU B 284 -50.37 -30.28 12.08
C LEU B 284 -49.19 -29.48 11.51
N LEU B 285 -49.47 -28.59 10.55
CA LEU B 285 -48.42 -27.77 9.94
C LEU B 285 -48.63 -26.27 10.16
N VAL B 286 -47.57 -25.49 9.96
CA VAL B 286 -47.62 -24.03 10.10
C VAL B 286 -46.63 -23.40 9.12
N ASN B 287 -47.12 -22.52 8.25
CA ASN B 287 -46.26 -21.84 7.27
C ASN B 287 -46.17 -20.35 7.58
N THR B 288 -45.06 -19.72 7.20
CA THR B 288 -44.84 -18.29 7.46
C THR B 288 -45.39 -17.38 6.36
N GLY B 289 -45.51 -17.90 5.15
CA GLY B 289 -46.05 -17.09 4.07
C GLY B 289 -45.25 -17.07 2.79
N ASP B 290 -45.95 -16.82 1.69
CA ASP B 290 -45.35 -16.76 0.36
C ASP B 290 -44.44 -17.95 0.11
N LEU B 291 -44.96 -19.14 0.37
CA LEU B 291 -44.17 -20.34 0.16
C LEU B 291 -44.01 -20.56 -1.34
N GLU B 292 -44.99 -20.09 -2.12
CA GLU B 292 -44.94 -20.26 -3.57
C GLU B 292 -43.85 -19.40 -4.19
N THR B 293 -43.73 -18.17 -3.71
CA THR B 293 -42.72 -17.25 -4.23
C THR B 293 -41.33 -17.82 -3.94
N SER B 294 -41.15 -18.26 -2.70
CA SER B 294 -39.88 -18.83 -2.29
C SER B 294 -39.60 -20.11 -3.07
N ALA B 295 -40.52 -21.07 -2.96
CA ALA B 295 -40.39 -22.35 -3.65
C ALA B 295 -39.92 -22.16 -5.10
N GLU B 296 -40.76 -21.53 -5.91
CA GLU B 296 -40.43 -21.29 -7.31
C GLU B 296 -38.99 -20.75 -7.43
N ARG B 297 -38.71 -19.73 -6.64
CA ARG B 297 -37.39 -19.09 -6.62
C ARG B 297 -36.27 -20.11 -6.64
N PHE B 298 -36.36 -21.08 -5.74
CA PHE B 298 -35.36 -22.13 -5.62
C PHE B 298 -35.24 -23.00 -6.88
N GLN B 299 -36.36 -23.61 -7.27
CA GLN B 299 -36.41 -24.50 -8.43
C GLN B 299 -35.64 -24.00 -9.65
N ALA B 300 -35.86 -22.74 -10.03
CA ALA B 300 -35.17 -22.16 -11.17
C ALA B 300 -33.67 -22.22 -10.95
N ASP B 301 -33.24 -21.80 -9.76
CA ASP B 301 -31.83 -21.80 -9.40
C ASP B 301 -31.26 -23.20 -9.49
N THR B 302 -32.13 -24.20 -9.35
CA THR B 302 -31.71 -25.59 -9.43
C THR B 302 -31.45 -25.92 -10.90
N LEU B 303 -32.45 -25.65 -11.75
CA LEU B 303 -32.32 -25.90 -13.18
C LEU B 303 -31.09 -25.15 -13.64
N ALA B 304 -31.02 -23.89 -13.27
CA ALA B 304 -29.91 -23.02 -13.64
C ALA B 304 -28.56 -23.71 -13.43
N ARG B 305 -28.31 -24.14 -12.20
CA ARG B 305 -27.06 -24.80 -11.87
C ARG B 305 -26.91 -26.10 -12.65
N PHE B 306 -28.00 -26.86 -12.76
CA PHE B 306 -27.95 -28.11 -13.51
C PHE B 306 -27.39 -27.77 -14.88
N GLU B 307 -27.91 -26.69 -15.45
CA GLU B 307 -27.54 -26.20 -16.77
C GLU B 307 -26.07 -25.79 -16.91
N ASN B 308 -25.65 -24.85 -16.08
CA ASN B 308 -24.29 -24.32 -16.11
C ASN B 308 -23.21 -25.29 -15.62
N ARG B 309 -23.44 -25.88 -14.44
CA ARG B 309 -22.48 -26.81 -13.85
C ARG B 309 -22.58 -28.22 -14.45
N GLY B 310 -23.74 -28.55 -15.03
CA GLY B 310 -23.94 -29.86 -15.60
C GLY B 310 -23.04 -30.27 -16.75
N VAL B 311 -22.39 -29.29 -17.38
CA VAL B 311 -21.53 -29.55 -18.51
C VAL B 311 -20.10 -29.98 -18.16
N ASP B 312 -19.94 -30.73 -17.07
CA ASP B 312 -18.62 -31.19 -16.69
C ASP B 312 -18.43 -32.59 -17.25
N PRO B 313 -17.34 -32.80 -17.99
CA PRO B 313 -17.03 -34.10 -18.59
C PRO B 313 -16.62 -35.16 -17.55
N MET B 314 -16.54 -34.76 -16.29
CA MET B 314 -16.14 -35.67 -15.22
C MET B 314 -17.18 -35.74 -14.12
N ARG B 315 -18.21 -34.93 -14.21
CA ARG B 315 -19.25 -34.93 -13.19
C ARG B 315 -20.66 -34.77 -13.75
N PRO B 316 -21.02 -35.61 -14.72
CA PRO B 316 -22.35 -35.52 -15.30
C PRO B 316 -23.33 -35.43 -14.16
N LEU B 317 -24.04 -34.32 -14.07
CA LEU B 317 -24.99 -34.11 -12.99
C LEU B 317 -26.27 -34.90 -13.18
N LEU B 318 -27.05 -34.99 -12.09
CA LEU B 318 -28.30 -35.71 -12.11
C LEU B 318 -29.48 -34.78 -12.25
N PRO B 319 -30.48 -35.19 -13.04
CA PRO B 319 -31.67 -34.37 -13.23
C PRO B 319 -32.31 -33.98 -11.89
N PRO B 320 -32.61 -32.67 -11.74
CA PRO B 320 -33.21 -32.06 -10.55
C PRO B 320 -34.47 -32.73 -10.02
N GLN B 321 -34.75 -33.93 -10.51
CA GLN B 321 -35.95 -34.67 -10.08
C GLN B 321 -35.56 -35.76 -9.10
N SER B 322 -34.28 -36.10 -9.14
CA SER B 322 -33.73 -37.10 -8.25
C SER B 322 -33.77 -36.66 -6.81
N LEU B 323 -33.31 -35.43 -6.60
CA LEU B 323 -33.25 -34.89 -5.24
C LEU B 323 -34.32 -33.88 -4.83
N TRP B 324 -34.72 -32.98 -5.71
CA TRP B 324 -35.78 -32.07 -5.28
C TRP B 324 -37.19 -32.21 -5.91
N LEU B 325 -38.19 -31.92 -5.06
CA LEU B 325 -39.58 -31.96 -5.54
C LEU B 325 -39.84 -30.70 -6.42
N ARG B 326 -40.68 -30.85 -7.44
CA ARG B 326 -40.97 -29.71 -8.30
C ARG B 326 -42.09 -29.05 -7.55
N VAL B 327 -42.24 -27.75 -7.69
CA VAL B 327 -43.28 -27.01 -6.98
C VAL B 327 -44.61 -27.73 -7.19
N ASP B 328 -44.68 -28.45 -8.32
CA ASP B 328 -45.86 -29.21 -8.68
C ASP B 328 -46.22 -30.18 -7.57
N GLU B 329 -45.37 -31.18 -7.37
CA GLU B 329 -45.59 -32.19 -6.34
C GLU B 329 -45.32 -31.75 -4.90
N LEU B 330 -44.82 -30.53 -4.73
CA LEU B 330 -44.57 -30.01 -3.38
C LEU B 330 -45.90 -29.64 -2.72
N PHE B 331 -46.68 -28.80 -3.41
CA PHE B 331 -47.98 -28.40 -2.90
C PHE B 331 -48.89 -29.60 -2.96
N SER B 332 -48.45 -30.62 -3.71
CA SER B 332 -49.20 -31.85 -3.83
C SER B 332 -49.24 -32.50 -2.46
N GLU B 333 -48.10 -33.01 -2.01
CA GLU B 333 -48.00 -33.67 -0.72
C GLU B 333 -48.13 -32.69 0.43
N LEU B 334 -48.47 -31.46 0.08
CA LEU B 334 -48.64 -30.41 1.06
C LEU B 334 -50.13 -30.29 1.35
N LYS B 335 -50.94 -30.57 0.34
CA LYS B 335 -52.38 -30.48 0.48
C LYS B 335 -52.97 -31.61 1.32
N ASN B 336 -52.17 -32.64 1.61
CA ASN B 336 -52.66 -33.75 2.41
C ASN B 336 -52.51 -33.51 3.90
N TRP B 337 -51.94 -32.36 4.23
CA TRP B 337 -51.71 -31.98 5.63
C TRP B 337 -52.33 -30.61 5.90
N PRO B 338 -52.92 -30.44 7.10
CA PRO B 338 -53.56 -29.20 7.56
C PRO B 338 -52.50 -28.17 7.91
N ARG B 339 -52.70 -26.90 7.54
CA ARG B 339 -51.70 -25.90 7.89
C ARG B 339 -52.26 -24.58 8.33
N VAL B 340 -51.82 -24.13 9.50
CA VAL B 340 -52.26 -22.86 10.03
C VAL B 340 -51.29 -21.80 9.54
N GLN B 341 -51.50 -21.35 8.30
CA GLN B 341 -50.64 -20.33 7.70
C GLN B 341 -50.66 -19.03 8.51
N LEU B 342 -49.51 -18.36 8.57
CA LEU B 342 -49.37 -17.10 9.29
C LEU B 342 -49.40 -15.92 8.33
N LYS B 343 -50.12 -14.88 8.71
CA LYS B 343 -50.22 -13.68 7.88
C LYS B 343 -50.18 -12.45 8.78
N THR B 344 -49.55 -11.39 8.29
CA THR B 344 -49.44 -10.15 9.05
C THR B 344 -50.44 -9.11 8.56
N GLU B 345 -51.14 -9.44 7.49
CA GLU B 345 -52.13 -8.53 6.90
C GLU B 345 -53.56 -8.84 7.38
N HIS B 346 -54.52 -8.09 6.86
CA HIS B 346 -55.94 -8.28 7.20
C HIS B 346 -56.61 -9.01 6.04
N LEU B 347 -57.48 -9.96 6.37
CA LEU B 347 -58.19 -10.73 5.34
C LEU B 347 -59.71 -10.68 5.57
N PRO B 348 -60.48 -11.45 4.77
CA PRO B 348 -61.94 -11.42 4.95
C PRO B 348 -62.35 -11.96 6.34
N THR B 349 -63.61 -12.40 6.45
CA THR B 349 -64.12 -12.95 7.71
C THR B 349 -64.26 -14.46 7.56
N LYS B 350 -64.14 -14.93 6.32
CA LYS B 350 -64.26 -16.35 6.00
C LYS B 350 -64.09 -17.23 7.23
N ALA B 351 -65.21 -17.73 7.75
CA ALA B 351 -65.25 -18.58 8.93
C ALA B 351 -63.94 -19.30 9.29
N ALA B 352 -63.43 -20.10 8.35
CA ALA B 352 -62.18 -20.85 8.56
C ALA B 352 -61.00 -19.94 8.89
N ASN B 353 -60.90 -18.84 8.16
CA ASN B 353 -59.83 -17.87 8.36
C ASN B 353 -60.24 -16.90 9.49
N ALA B 354 -59.29 -16.17 10.05
CA ALA B 354 -59.60 -15.25 11.14
C ALA B 354 -58.54 -14.17 11.33
N ASN B 355 -58.73 -13.33 12.36
CA ASN B 355 -57.80 -12.26 12.71
C ASN B 355 -57.59 -12.25 14.24
N LEU B 356 -56.56 -12.97 14.69
CA LEU B 356 -56.20 -13.11 16.12
C LEU B 356 -56.19 -11.81 16.93
N GLY B 357 -55.60 -10.76 16.36
CA GLY B 357 -55.56 -9.48 17.03
C GLY B 357 -54.32 -9.12 17.84
N PHE B 358 -53.23 -8.78 17.14
CA PHE B 358 -51.98 -8.36 17.77
C PHE B 358 -51.67 -6.91 17.42
N GLN B 359 -51.50 -6.08 18.45
CA GLN B 359 -51.23 -4.67 18.24
C GLN B 359 -49.76 -4.29 18.21
N LYS B 360 -49.45 -3.33 17.35
CA LYS B 360 -48.10 -2.81 17.20
C LYS B 360 -47.67 -2.28 18.56
N LEU B 361 -46.41 -1.91 18.69
CA LEU B 361 -45.92 -1.36 19.95
C LEU B 361 -45.62 0.11 19.65
N PRO B 362 -46.36 1.04 20.29
CA PRO B 362 -46.16 2.47 20.08
C PRO B 362 -45.04 3.02 20.96
N ASP B 363 -44.42 4.10 20.48
CA ASP B 363 -43.30 4.79 21.14
C ASP B 363 -43.00 4.45 22.61
N LEU B 364 -41.75 4.11 22.88
CA LEU B 364 -41.26 3.76 24.20
C LEU B 364 -39.74 3.90 24.19
N ALA B 365 -39.27 4.88 23.43
CA ALA B 365 -37.84 5.14 23.27
C ALA B 365 -37.23 5.87 24.46
N VAL B 366 -35.93 5.70 24.64
CA VAL B 366 -35.20 6.35 25.72
C VAL B 366 -34.28 7.39 25.12
N GLN B 367 -34.76 8.63 25.06
CA GLN B 367 -33.96 9.70 24.50
C GLN B 367 -33.24 10.43 25.63
N ALA B 368 -31.90 10.39 25.56
CA ALA B 368 -31.03 11.01 26.56
C ALA B 368 -30.76 12.48 26.28
N GLN B 369 -31.21 12.95 25.14
CA GLN B 369 -31.02 14.34 24.77
C GLN B 369 -32.08 15.16 25.49
N GLN B 370 -33.15 14.48 25.90
CA GLN B 370 -34.25 15.12 26.60
C GLN B 370 -33.92 15.27 28.08
N LYS B 371 -34.52 16.27 28.72
CA LYS B 371 -34.29 16.54 30.15
C LYS B 371 -34.80 15.37 30.98
N ALA B 372 -35.93 14.81 30.55
CA ALA B 372 -36.56 13.65 31.19
C ALA B 372 -36.46 12.52 30.18
N PRO B 373 -35.39 11.73 30.27
CA PRO B 373 -35.08 10.60 29.38
C PRO B 373 -36.04 9.41 29.44
N LEU B 374 -36.81 9.32 30.51
CA LEU B 374 -37.72 8.20 30.65
C LEU B 374 -39.19 8.56 30.45
N ASP B 375 -39.44 9.72 29.87
CA ASP B 375 -40.80 10.19 29.61
C ASP B 375 -41.66 9.12 28.94
N ALA B 376 -41.51 8.97 27.62
CA ALA B 376 -42.28 8.00 26.86
C ALA B 376 -42.66 6.75 27.66
N LEU B 377 -41.68 6.18 28.36
CA LEU B 377 -41.91 4.98 29.15
C LEU B 377 -42.80 5.19 30.37
N ARG B 378 -42.32 5.93 31.36
CA ARG B 378 -43.09 6.18 32.58
C ARG B 378 -44.55 6.52 32.31
N LYS B 379 -44.82 7.15 31.17
CA LYS B 379 -46.19 7.51 30.78
C LYS B 379 -46.99 6.25 30.45
N PHE B 380 -46.34 5.31 29.76
CA PHE B 380 -46.96 4.05 29.35
C PHE B 380 -47.17 3.20 30.60
N LEU B 381 -46.15 3.14 31.44
CA LEU B 381 -46.20 2.39 32.68
C LEU B 381 -47.46 2.71 33.49
N GLU B 382 -47.92 3.94 33.36
CA GLU B 382 -49.09 4.44 34.07
C GLU B 382 -50.38 4.34 33.25
N THR B 383 -50.26 4.34 31.93
CA THR B 383 -51.42 4.29 31.05
C THR B 383 -51.93 2.90 30.66
N PHE B 384 -51.06 1.89 30.71
CA PHE B 384 -51.48 0.54 30.32
C PHE B 384 -52.19 -0.18 31.46
N ASP B 385 -53.49 -0.38 31.26
CA ASP B 385 -54.34 -1.04 32.24
C ASP B 385 -53.72 -2.29 32.88
N GLY B 386 -53.68 -3.36 32.11
CA GLY B 386 -53.13 -4.61 32.61
C GLY B 386 -51.62 -4.66 32.85
N PRO B 387 -51.03 -5.85 32.79
CA PRO B 387 -49.60 -6.07 32.99
C PRO B 387 -48.79 -5.75 31.73
N VAL B 388 -47.48 -5.67 31.89
CA VAL B 388 -46.60 -5.40 30.76
C VAL B 388 -45.31 -6.17 30.99
N VAL B 389 -44.95 -7.00 30.02
CA VAL B 389 -43.74 -7.78 30.13
C VAL B 389 -42.50 -7.06 29.60
N PHE B 390 -41.43 -7.13 30.38
CA PHE B 390 -40.17 -6.52 30.02
C PHE B 390 -39.22 -7.66 29.68
N SER B 391 -39.10 -7.96 28.38
CA SER B 391 -38.25 -9.04 27.89
C SER B 391 -36.77 -8.66 27.83
N VAL B 392 -35.93 -9.55 28.35
CA VAL B 392 -34.49 -9.34 28.39
C VAL B 392 -33.74 -10.59 27.91
N GLU B 393 -32.50 -10.40 27.45
CA GLU B 393 -31.71 -11.51 26.92
C GLU B 393 -30.85 -12.29 27.91
N SER B 394 -30.34 -11.63 28.94
CA SER B 394 -29.49 -12.33 29.88
C SER B 394 -29.70 -11.89 31.32
N GLU B 395 -29.25 -12.74 32.24
CA GLU B 395 -29.36 -12.45 33.67
C GLU B 395 -28.49 -11.23 34.00
N GLY B 396 -27.53 -10.94 33.12
CA GLY B 396 -26.68 -9.80 33.32
C GLY B 396 -27.37 -8.60 32.72
N ARG B 397 -28.41 -8.89 31.95
CA ARG B 397 -29.17 -7.84 31.30
C ARG B 397 -30.33 -7.38 32.19
N ARG B 398 -30.67 -8.18 33.19
CA ARG B 398 -31.73 -7.82 34.13
C ARG B 398 -31.17 -6.67 34.94
N GLU B 399 -29.98 -6.86 35.49
CA GLU B 399 -29.31 -5.84 36.29
C GLU B 399 -29.27 -4.52 35.52
N ALA B 400 -29.50 -4.61 34.21
CA ALA B 400 -29.50 -3.47 33.31
C ALA B 400 -30.85 -2.76 33.41
N LEU B 401 -31.91 -3.47 33.06
CA LEU B 401 -33.25 -2.92 33.16
C LEU B 401 -33.45 -2.51 34.62
N GLY B 402 -32.93 -3.35 35.51
CA GLY B 402 -33.04 -3.14 36.94
C GLY B 402 -32.55 -1.79 37.38
N GLU B 403 -31.57 -1.25 36.67
CA GLU B 403 -31.01 0.05 37.00
C GLU B 403 -31.74 1.13 36.19
N LEU B 404 -32.22 0.75 35.02
CA LEU B 404 -32.94 1.68 34.14
C LEU B 404 -34.29 2.04 34.70
N LEU B 405 -34.85 1.14 35.50
CA LEU B 405 -36.15 1.38 36.08
C LEU B 405 -36.07 2.03 37.46
N ALA B 406 -35.03 1.70 38.22
CA ALA B 406 -34.87 2.26 39.57
C ALA B 406 -34.90 3.79 39.57
N ARG B 407 -34.94 4.39 38.38
CA ARG B 407 -35.01 5.84 38.27
C ARG B 407 -36.45 6.27 38.03
N ILE B 408 -37.35 5.30 37.94
CA ILE B 408 -38.79 5.56 37.81
C ILE B 408 -39.49 4.83 38.95
N LYS B 409 -38.70 4.56 40.00
CA LYS B 409 -39.12 3.90 41.24
C LYS B 409 -39.76 2.50 41.11
N ILE B 410 -39.72 1.89 39.93
CA ILE B 410 -40.30 0.58 39.72
C ILE B 410 -39.34 -0.61 39.55
N ALA B 411 -39.65 -1.75 40.20
CA ALA B 411 -38.86 -2.99 40.08
C ALA B 411 -39.79 -4.14 39.63
N PRO B 412 -39.73 -4.53 38.34
CA PRO B 412 -40.58 -5.59 37.78
C PRO B 412 -40.62 -6.90 38.58
N GLN B 413 -41.44 -7.84 38.12
CA GLN B 413 -41.57 -9.14 38.78
C GLN B 413 -40.89 -10.23 37.95
N ARG B 414 -40.70 -11.41 38.52
CA ARG B 414 -40.05 -12.54 37.83
C ARG B 414 -41.09 -13.50 37.26
N ILE B 415 -41.30 -13.44 35.95
CA ILE B 415 -42.27 -14.29 35.28
C ILE B 415 -41.62 -15.24 34.28
N MET B 416 -41.80 -16.54 34.48
CA MET B 416 -41.21 -17.51 33.57
C MET B 416 -42.25 -18.10 32.62
N ARG B 417 -43.45 -17.56 32.63
CA ARG B 417 -44.52 -18.06 31.77
C ARG B 417 -45.21 -16.99 30.92
N LEU B 418 -45.87 -17.45 29.86
CA LEU B 418 -46.56 -16.57 28.92
C LEU B 418 -47.56 -15.59 29.54
N ASP B 419 -48.46 -16.09 30.40
CA ASP B 419 -49.48 -15.24 31.01
C ASP B 419 -49.53 -15.25 32.53
N GLU B 420 -48.55 -15.88 33.17
CA GLU B 420 -48.52 -15.96 34.62
C GLU B 420 -48.55 -14.57 35.28
N ALA B 421 -48.65 -13.52 34.46
CA ALA B 421 -48.67 -12.15 34.96
C ALA B 421 -50.04 -11.66 35.40
N SER B 422 -50.11 -11.13 36.63
CA SER B 422 -51.36 -10.61 37.19
C SER B 422 -51.90 -9.48 36.30
N ASP B 423 -52.75 -8.61 36.86
CA ASP B 423 -53.32 -7.51 36.08
C ASP B 423 -52.62 -6.14 36.20
N ARG B 424 -51.39 -6.13 36.74
CA ARG B 424 -50.65 -4.87 36.92
C ARG B 424 -49.14 -4.83 36.56
N GLY B 425 -48.85 -4.09 35.48
CA GLY B 425 -47.53 -3.84 34.90
C GLY B 425 -46.14 -4.43 35.10
N ARG B 426 -45.91 -5.33 36.04
CA ARG B 426 -44.56 -5.89 36.22
C ARG B 426 -44.34 -7.23 35.51
N TYR B 427 -43.14 -7.40 34.94
CA TYR B 427 -42.81 -8.64 34.23
C TYR B 427 -41.39 -8.64 33.65
N LEU B 428 -40.58 -9.60 34.09
CA LEU B 428 -39.20 -9.74 33.62
C LEU B 428 -38.96 -11.13 33.04
N MET B 429 -38.95 -11.20 31.71
CA MET B 429 -38.73 -12.45 30.99
C MET B 429 -37.32 -12.52 30.39
N ILE B 430 -36.78 -13.74 30.31
CA ILE B 430 -35.45 -13.94 29.76
C ILE B 430 -35.51 -14.71 28.45
N GLY B 431 -34.91 -14.14 27.40
CA GLY B 431 -34.90 -14.80 26.11
C GLY B 431 -34.89 -13.84 24.93
N ALA B 432 -34.72 -14.40 23.72
CA ALA B 432 -34.67 -13.64 22.49
C ALA B 432 -35.88 -12.74 22.26
N ALA B 433 -35.81 -11.53 22.80
CA ALA B 433 -36.88 -10.56 22.67
C ALA B 433 -36.60 -9.63 21.50
N GLU B 434 -36.55 -10.18 20.28
CA GLU B 434 -36.28 -9.39 19.08
C GLU B 434 -36.99 -8.04 19.17
N HIS B 435 -38.20 -7.96 18.64
CA HIS B 435 -39.01 -6.75 18.70
C HIS B 435 -40.36 -7.08 19.35
N GLY B 436 -40.90 -6.14 20.12
CA GLY B 436 -42.14 -6.38 20.82
C GLY B 436 -43.51 -6.10 20.18
N PHE B 437 -44.54 -6.34 20.97
CA PHE B 437 -45.92 -6.17 20.55
C PHE B 437 -46.80 -5.87 21.76
N VAL B 438 -48.11 -5.83 21.53
CA VAL B 438 -49.11 -5.59 22.56
C VAL B 438 -50.38 -6.34 22.14
N ASP B 439 -50.65 -7.45 22.82
CA ASP B 439 -51.82 -8.27 22.51
C ASP B 439 -53.12 -7.50 22.73
N THR B 440 -53.89 -7.31 21.67
CA THR B 440 -55.15 -6.60 21.76
C THR B 440 -56.21 -7.59 22.23
N VAL B 441 -55.97 -8.86 21.95
CA VAL B 441 -56.88 -9.95 22.31
C VAL B 441 -56.93 -10.24 23.82
N ARG B 442 -55.78 -10.16 24.49
CA ARG B 442 -55.71 -10.41 25.93
C ARG B 442 -55.43 -9.12 26.71
N ASN B 443 -55.17 -8.05 25.96
CA ASN B 443 -54.88 -6.74 26.53
C ASN B 443 -53.59 -6.73 27.35
N LEU B 444 -52.49 -7.07 26.67
CA LEU B 444 -51.16 -7.13 27.27
C LEU B 444 -50.14 -6.50 26.33
N ALA B 445 -48.97 -6.15 26.87
CA ALA B 445 -47.91 -5.54 26.07
C ALA B 445 -46.55 -6.13 26.36
N LEU B 446 -45.75 -6.30 25.31
CA LEU B 446 -44.40 -6.84 25.43
C LEU B 446 -43.35 -5.83 24.94
N ILE B 447 -42.70 -5.18 25.90
CA ILE B 447 -41.67 -4.20 25.62
C ILE B 447 -40.29 -4.77 26.00
N CYS B 448 -39.55 -5.23 24.99
CA CYS B 448 -38.22 -5.80 25.17
C CYS B 448 -37.17 -4.71 25.37
N GLU B 449 -35.90 -5.03 25.13
CA GLU B 449 -34.84 -4.03 25.29
C GLU B 449 -34.59 -3.26 24.01
N SER B 450 -34.91 -3.89 22.89
CA SER B 450 -34.73 -3.26 21.59
C SER B 450 -35.69 -2.07 21.46
N ASP B 451 -36.89 -2.23 21.98
CA ASP B 451 -37.88 -1.16 21.90
C ASP B 451 -37.62 -0.12 22.96
N LEU B 452 -36.53 -0.30 23.71
CA LEU B 452 -36.19 0.62 24.78
C LEU B 452 -34.86 1.37 24.60
N LEU B 453 -33.78 0.64 24.34
CA LEU B 453 -32.46 1.25 24.17
C LEU B 453 -32.07 1.45 22.71
N GLY B 454 -33.07 1.67 21.87
CA GLY B 454 -32.79 1.90 20.45
C GLY B 454 -32.74 0.61 19.67
N GLU B 455 -31.54 0.09 19.45
CA GLU B 455 -31.31 -1.15 18.72
C GLU B 455 -29.94 -1.61 19.16
N ARG B 456 -29.87 -2.81 19.74
CA ARG B 456 -28.59 -3.27 20.22
C ARG B 456 -27.79 -4.18 19.32
N VAL B 457 -26.47 -4.11 19.51
CA VAL B 457 -25.50 -4.86 18.74
C VAL B 457 -25.40 -6.31 19.19
N ALA B 458 -25.21 -7.19 18.22
CA ALA B 458 -25.07 -8.62 18.45
C ALA B 458 -23.59 -8.98 18.48
N ARG B 459 -23.20 -9.76 19.49
CA ARG B 459 -21.81 -10.14 19.62
C ARG B 459 -21.71 -11.63 19.93
N ARG B 460 -20.51 -12.17 19.76
CA ARG B 460 -20.28 -13.57 20.02
C ARG B 460 -20.64 -13.90 21.47
N ARG B 461 -20.66 -15.19 21.71
CA ARG B 461 -20.92 -15.72 23.01
C ARG B 461 -19.67 -16.47 23.42
N GLN B 462 -18.76 -15.75 24.08
CA GLN B 462 -17.50 -16.31 24.56
C GLN B 462 -17.75 -17.58 25.35
N ASP B 463 -18.96 -17.73 25.88
CA ASP B 463 -19.28 -18.91 26.64
C ASP B 463 -19.42 -20.15 25.73
N SER B 464 -18.74 -20.08 24.58
CA SER B 464 -18.65 -21.20 23.62
C SER B 464 -17.76 -22.31 24.25
N ARG B 465 -18.27 -23.54 24.23
CA ARG B 465 -17.55 -24.65 24.87
C ARG B 465 -16.35 -25.32 24.15
N ARG B 466 -15.54 -24.47 23.55
CA ARG B 466 -14.34 -24.94 22.89
C ARG B 466 -13.25 -23.85 23.06
N THR B 467 -12.00 -24.28 23.11
CA THR B 467 -10.84 -23.39 23.30
C THR B 467 -9.52 -24.18 23.22
N ILE B 468 -8.66 -23.80 22.29
CA ILE B 468 -7.35 -24.45 22.18
C ILE B 468 -6.48 -23.93 23.33
N ASN B 469 -6.45 -24.71 24.41
CA ASN B 469 -5.69 -24.40 25.60
C ASN B 469 -4.23 -24.05 25.22
N PRO B 470 -3.68 -22.96 25.79
CA PRO B 470 -2.31 -22.50 25.52
C PRO B 470 -1.18 -23.43 25.97
N ASP B 471 -1.24 -23.86 27.23
CA ASP B 471 -0.23 -24.76 27.77
C ASP B 471 -0.04 -25.87 26.75
N THR B 472 -1.15 -26.51 26.42
CA THR B 472 -1.17 -27.62 25.47
C THR B 472 -0.19 -27.47 24.30
N LEU B 473 -0.20 -26.31 23.66
CA LEU B 473 0.66 -26.10 22.50
C LEU B 473 2.06 -25.63 22.76
N ILE B 474 2.17 -24.65 23.65
CA ILE B 474 3.46 -24.06 23.96
C ILE B 474 4.27 -24.85 24.97
N ARG B 475 3.69 -25.00 26.15
CA ARG B 475 4.37 -25.70 27.22
C ARG B 475 4.50 -27.20 27.02
N ASN B 476 3.58 -27.83 26.32
CA ASN B 476 3.69 -29.27 26.17
C ASN B 476 3.98 -29.78 24.78
N LEU B 477 4.65 -28.96 23.97
CA LEU B 477 5.00 -29.38 22.62
C LEU B 477 3.96 -30.26 21.94
N ALA B 478 2.77 -29.74 21.70
CA ALA B 478 1.79 -30.53 21.01
C ALA B 478 1.75 -29.99 19.60
N GLU B 479 1.47 -30.85 18.64
CA GLU B 479 1.41 -30.42 17.26
C GLU B 479 2.70 -29.70 16.85
N LEU B 480 3.83 -30.35 17.11
CA LEU B 480 5.13 -29.80 16.75
C LEU B 480 5.49 -30.47 15.42
N HIS B 481 5.76 -29.68 14.38
CA HIS B 481 6.09 -30.27 13.08
C HIS B 481 7.57 -30.25 12.75
N ILE B 482 8.10 -31.43 12.43
CA ILE B 482 9.51 -31.55 12.09
C ILE B 482 10.04 -30.37 11.30
N GLY B 483 10.91 -29.60 11.93
CA GLY B 483 11.48 -28.44 11.27
C GLY B 483 11.26 -27.15 12.02
N GLN B 484 10.24 -27.10 12.87
CA GLN B 484 9.95 -25.90 13.65
C GLN B 484 11.00 -25.71 14.72
N PRO B 485 11.26 -24.46 15.12
CA PRO B 485 12.25 -24.12 16.14
C PRO B 485 11.96 -24.55 17.56
N VAL B 486 12.98 -25.12 18.20
CA VAL B 486 12.95 -25.57 19.59
C VAL B 486 14.09 -24.88 20.35
N VAL B 487 14.02 -24.83 21.68
CA VAL B 487 15.07 -24.18 22.47
C VAL B 487 15.54 -25.03 23.65
N HIS B 488 16.74 -25.61 23.53
CA HIS B 488 17.32 -26.41 24.61
C HIS B 488 18.09 -25.42 25.43
N LEU B 489 17.93 -25.47 26.75
CA LEU B 489 18.61 -24.55 27.64
C LEU B 489 20.13 -24.50 27.52
N GLU B 490 20.79 -25.59 27.89
CA GLU B 490 22.23 -25.65 27.83
C GLU B 490 22.83 -25.20 26.48
N HIS B 491 22.12 -25.47 25.39
CA HIS B 491 22.65 -25.12 24.09
C HIS B 491 22.04 -23.92 23.37
N GLY B 492 20.76 -23.98 23.07
CA GLY B 492 20.19 -22.85 22.38
C GLY B 492 19.14 -23.25 21.39
N VAL B 493 18.81 -22.33 20.50
CA VAL B 493 17.78 -22.52 19.51
C VAL B 493 18.14 -23.34 18.27
N GLY B 494 17.62 -24.57 18.20
CA GLY B 494 17.84 -25.45 17.07
C GLY B 494 16.52 -25.78 16.40
N ARG B 495 16.39 -26.94 15.76
CA ARG B 495 15.13 -27.28 15.10
C ARG B 495 14.68 -28.73 15.31
N TYR B 496 13.42 -28.93 15.66
CA TYR B 496 12.87 -30.26 15.89
C TYR B 496 13.26 -31.15 14.73
N ALA B 497 13.77 -32.33 15.02
CA ALA B 497 14.21 -33.24 13.98
C ALA B 497 13.44 -34.52 13.94
N GLY B 498 12.77 -34.84 15.05
CA GLY B 498 11.99 -36.06 15.14
C GLY B 498 12.38 -36.81 16.40
N MET B 499 12.03 -38.09 16.49
CA MET B 499 12.40 -38.88 17.65
C MET B 499 12.84 -40.25 17.18
N THR B 500 13.90 -40.75 17.82
CA THR B 500 14.47 -42.06 17.51
C THR B 500 14.53 -42.97 18.70
N THR B 501 14.92 -44.20 18.41
CA THR B 501 15.06 -45.25 19.39
C THR B 501 16.47 -45.82 19.18
N LEU B 502 17.31 -45.77 20.20
CA LEU B 502 18.68 -46.29 20.09
C LEU B 502 19.00 -47.25 21.23
N GLU B 503 19.90 -48.20 20.99
CA GLU B 503 20.27 -49.16 22.03
C GLU B 503 21.45 -48.66 22.88
N ALA B 504 21.19 -48.42 24.17
CA ALA B 504 22.20 -47.92 25.12
C ALA B 504 23.11 -48.99 25.69
N GLY B 505 23.00 -49.22 26.99
CA GLY B 505 23.81 -50.25 27.62
C GLY B 505 23.16 -51.58 27.32
N GLY B 506 22.59 -51.69 26.13
CA GLY B 506 21.91 -52.90 25.74
C GLY B 506 20.45 -52.68 26.06
N ILE B 507 20.10 -51.40 26.25
CA ILE B 507 18.74 -50.99 26.55
C ILE B 507 18.32 -49.84 25.66
N THR B 508 17.20 -50.02 24.96
CA THR B 508 16.69 -48.99 24.07
C THR B 508 16.01 -47.87 24.85
N GLY B 509 16.17 -46.65 24.36
CA GLY B 509 15.57 -45.50 25.01
C GLY B 509 15.19 -44.52 23.93
N GLU B 510 14.16 -43.72 24.14
CA GLU B 510 13.77 -42.78 23.12
C GLU B 510 14.49 -41.46 23.29
N TYR B 511 14.82 -40.82 22.17
CA TYR B 511 15.52 -39.56 22.18
C TYR B 511 14.82 -38.54 21.31
N LEU B 512 14.92 -37.28 21.68
CA LEU B 512 14.32 -36.22 20.90
C LEU B 512 15.45 -35.62 20.10
N MET B 513 15.39 -35.75 18.77
CA MET B 513 16.44 -35.22 17.92
C MET B 513 16.21 -33.75 17.59
N LEU B 514 17.30 -33.00 17.62
CA LEU B 514 17.30 -31.58 17.32
C LEU B 514 18.48 -31.26 16.43
N THR B 515 18.25 -30.55 15.33
CA THR B 515 19.35 -30.18 14.45
C THR B 515 19.66 -28.71 14.70
N TYR B 516 20.94 -28.38 14.61
CA TYR B 516 21.37 -27.01 14.82
C TYR B 516 22.11 -26.51 13.59
N ALA B 517 23.08 -25.63 13.85
CA ALA B 517 23.91 -25.03 12.82
C ALA B 517 24.84 -26.09 12.21
N ASN B 518 25.19 -25.89 10.95
CA ASN B 518 26.08 -26.79 10.23
C ASN B 518 25.46 -28.18 10.18
N ASP B 519 24.14 -28.22 10.34
CA ASP B 519 23.38 -29.46 10.31
C ASP B 519 23.74 -30.42 11.46
N ALA B 520 24.49 -29.95 12.45
CA ALA B 520 24.87 -30.81 13.57
C ALA B 520 23.62 -31.36 14.26
N LYS B 521 23.75 -32.51 14.92
CA LYS B 521 22.61 -33.11 15.60
C LYS B 521 22.77 -33.28 17.09
N LEU B 522 21.66 -33.12 17.79
CA LEU B 522 21.62 -33.26 19.23
C LEU B 522 20.61 -34.31 19.61
N TYR B 523 21.09 -35.40 20.20
CA TYR B 523 20.21 -36.46 20.63
C TYR B 523 19.89 -36.20 22.10
N VAL B 524 18.66 -35.77 22.35
CA VAL B 524 18.23 -35.44 23.70
C VAL B 524 17.46 -36.53 24.41
N PRO B 525 17.87 -36.88 25.63
CA PRO B 525 17.15 -37.91 26.37
C PRO B 525 15.75 -37.42 26.69
N VAL B 526 14.82 -38.36 26.65
CA VAL B 526 13.43 -38.13 26.89
C VAL B 526 13.20 -37.67 28.34
N SER B 527 14.11 -38.00 29.23
CA SER B 527 13.95 -37.58 30.61
C SER B 527 14.55 -36.19 30.80
N SER B 528 15.02 -35.59 29.71
CA SER B 528 15.63 -34.27 29.77
C SER B 528 14.80 -33.26 29.03
N LEU B 529 13.60 -33.66 28.63
CA LEU B 529 12.70 -32.78 27.89
C LEU B 529 12.36 -31.55 28.68
N HIS B 530 12.61 -31.57 29.98
CA HIS B 530 12.29 -30.41 30.80
C HIS B 530 13.18 -29.24 30.40
N LEU B 531 14.16 -29.54 29.56
CA LEU B 531 15.09 -28.51 29.10
C LEU B 531 14.71 -28.10 27.70
N ILE B 532 13.57 -28.59 27.22
CA ILE B 532 13.10 -28.29 25.88
C ILE B 532 11.99 -27.25 25.90
N SER B 533 11.96 -26.41 24.88
CA SER B 533 10.93 -25.41 24.79
C SER B 533 10.66 -24.95 23.37
N ARG B 534 9.39 -24.81 23.03
CA ARG B 534 9.01 -24.38 21.71
C ARG B 534 9.42 -22.92 21.64
N TYR B 535 10.09 -22.56 20.56
CA TYR B 535 10.54 -21.20 20.39
C TYR B 535 9.37 -20.30 20.07
N ALA B 536 9.35 -19.13 20.68
CA ALA B 536 8.31 -18.15 20.45
C ALA B 536 8.98 -16.80 20.62
N GLY B 537 9.17 -16.11 19.51
CA GLY B 537 9.81 -14.82 19.55
C GLY B 537 9.18 -13.86 18.56
N GLY B 538 7.90 -14.06 18.29
CA GLY B 538 7.19 -13.20 17.37
C GLY B 538 7.22 -13.58 15.89
N ALA B 539 7.90 -14.66 15.53
CA ALA B 539 7.98 -15.08 14.13
C ALA B 539 8.93 -16.25 13.90
N GLU B 540 8.47 -17.24 13.14
CA GLU B 540 9.29 -18.41 12.83
C GLU B 540 10.04 -18.14 11.53
N GLU B 541 10.19 -16.87 11.19
CA GLU B 541 10.88 -16.49 9.97
C GLU B 541 12.37 -16.41 10.27
N ASN B 542 12.69 -15.75 11.37
CA ASN B 542 14.07 -15.57 11.78
C ASN B 542 14.31 -16.03 13.22
N ALA B 543 14.28 -17.34 13.42
CA ALA B 543 14.52 -17.88 14.74
C ALA B 543 15.95 -18.40 14.73
N PRO B 544 16.85 -17.75 15.49
CA PRO B 544 18.26 -18.13 15.59
C PRO B 544 18.59 -19.61 15.37
N LEU B 545 19.87 -19.89 15.18
CA LEU B 545 20.30 -21.26 14.97
C LEU B 545 21.68 -21.35 15.55
N HIS B 546 21.75 -21.47 16.86
CA HIS B 546 23.01 -21.54 17.55
C HIS B 546 23.87 -22.71 17.13
N LYS B 547 25.18 -22.52 17.28
CA LYS B 547 26.16 -23.53 16.95
C LYS B 547 26.43 -24.41 18.17
N LEU B 548 26.56 -25.71 17.95
CA LEU B 548 26.83 -26.61 19.04
C LEU B 548 28.27 -26.47 19.54
N GLY B 549 28.44 -26.08 20.79
CA GLY B 549 29.77 -25.93 21.35
C GLY B 549 30.23 -24.49 21.58
N GLY B 550 29.69 -23.57 20.78
CA GLY B 550 30.03 -22.16 20.89
C GLY B 550 29.46 -21.45 22.10
N ASP B 551 30.04 -20.30 22.44
CA ASP B 551 29.61 -19.53 23.59
C ASP B 551 28.57 -18.45 23.28
N ALA B 552 28.26 -18.26 22.00
CA ALA B 552 27.27 -17.26 21.60
C ALA B 552 26.08 -17.26 22.55
N TRP B 553 25.55 -18.46 22.76
CA TRP B 553 24.40 -18.70 23.63
C TRP B 553 24.73 -18.37 25.08
N SER B 554 25.73 -19.05 25.63
CA SER B 554 26.12 -18.82 27.01
C SER B 554 26.09 -17.35 27.41
N ARG B 555 26.48 -16.48 26.49
CA ARG B 555 26.49 -15.04 26.79
C ARG B 555 25.18 -14.37 26.41
N ALA B 556 24.62 -14.77 25.28
CA ALA B 556 23.36 -14.20 24.83
C ALA B 556 22.39 -14.30 25.99
N ARG B 557 22.60 -15.29 26.85
CA ARG B 557 21.76 -15.49 28.01
C ARG B 557 22.18 -14.48 29.08
N GLN B 558 23.47 -14.45 29.34
CA GLN B 558 23.98 -13.52 30.33
C GLN B 558 23.42 -12.15 30.03
N LYS B 559 23.52 -11.74 28.77
CA LYS B 559 23.05 -10.44 28.33
C LYS B 559 21.62 -10.28 28.80
N ALA B 560 20.77 -11.18 28.34
CA ALA B 560 19.36 -11.18 28.69
C ALA B 560 19.22 -10.99 30.19
N ALA B 561 19.71 -11.95 30.97
CA ALA B 561 19.63 -11.88 32.42
C ALA B 561 19.96 -10.49 32.96
N GLU B 562 20.91 -9.83 32.32
CA GLU B 562 21.34 -8.49 32.72
C GLU B 562 20.30 -7.49 32.32
N LYS B 563 19.87 -7.52 31.06
CA LYS B 563 18.85 -6.57 30.63
C LYS B 563 17.59 -6.73 31.48
N VAL B 564 17.15 -7.96 31.66
CA VAL B 564 15.96 -8.22 32.45
C VAL B 564 16.02 -7.53 33.79
N ARG B 565 17.19 -7.62 34.42
CA ARG B 565 17.40 -7.02 35.73
C ARG B 565 17.18 -5.53 35.67
N ASP B 566 17.88 -4.87 34.75
CA ASP B 566 17.75 -3.42 34.62
C ASP B 566 16.29 -3.04 34.49
N VAL B 567 15.64 -3.50 33.43
CA VAL B 567 14.23 -3.19 33.23
C VAL B 567 13.48 -3.38 34.53
N ALA B 568 13.61 -4.57 35.10
CA ALA B 568 12.95 -4.87 36.36
C ALA B 568 13.18 -3.79 37.41
N ALA B 569 14.43 -3.59 37.76
CA ALA B 569 14.76 -2.59 38.78
C ALA B 569 14.23 -1.21 38.45
N GLU B 570 14.56 -0.71 37.27
CA GLU B 570 14.11 0.62 36.89
C GLU B 570 12.63 0.79 37.21
N LEU B 571 11.80 -0.06 36.61
CA LEU B 571 10.37 -0.01 36.81
C LEU B 571 10.01 -0.03 38.27
N LEU B 572 10.40 -1.10 38.95
CA LEU B 572 10.08 -1.24 40.37
C LEU B 572 10.31 0.01 41.19
N ASP B 573 11.28 0.83 40.82
CA ASP B 573 11.52 2.04 41.58
C ASP B 573 10.62 3.15 41.05
N ILE B 574 10.47 3.23 39.73
CA ILE B 574 9.59 4.22 39.13
C ILE B 574 8.21 4.09 39.76
N TYR B 575 7.66 2.88 39.69
CA TYR B 575 6.34 2.58 40.23
C TYR B 575 6.20 3.07 41.67
N ALA B 576 7.16 2.67 42.52
CA ALA B 576 7.17 3.04 43.93
C ALA B 576 7.10 4.55 44.13
N GLN B 577 8.03 5.27 43.52
CA GLN B 577 8.06 6.71 43.64
C GLN B 577 6.72 7.35 43.31
N ARG B 578 5.96 6.71 42.42
CA ARG B 578 4.66 7.25 42.05
C ARG B 578 3.67 7.00 43.18
N ALA B 579 3.90 5.96 43.97
CA ALA B 579 3.01 5.66 45.08
C ALA B 579 3.39 6.52 46.28
N ALA B 580 4.58 7.13 46.19
CA ALA B 580 5.09 7.97 47.27
C ALA B 580 4.54 9.38 47.19
N LYS B 581 4.47 9.91 45.99
CA LYS B 581 3.98 11.27 45.78
C LYS B 581 2.45 11.33 45.83
N GLU B 582 1.91 12.49 46.19
CA GLU B 582 0.47 12.65 46.25
C GLU B 582 0.03 13.36 44.97
N GLY B 583 -1.24 13.21 44.62
CA GLY B 583 -1.74 13.85 43.41
C GLY B 583 -3.15 14.38 43.56
N PHE B 584 -3.90 14.39 42.47
CA PHE B 584 -5.27 14.87 42.50
C PHE B 584 -6.21 13.68 42.52
N ALA B 585 -7.11 13.66 43.49
CA ALA B 585 -8.09 12.57 43.57
C ALA B 585 -9.33 13.06 42.85
N PHE B 586 -9.70 12.36 41.78
CA PHE B 586 -10.88 12.73 41.01
C PHE B 586 -12.09 12.29 41.80
N LYS B 587 -13.14 13.08 41.69
CA LYS B 587 -14.39 12.80 42.40
C LYS B 587 -15.43 12.26 41.46
N HIS B 588 -15.80 11.00 41.66
CA HIS B 588 -16.81 10.34 40.86
C HIS B 588 -18.18 10.80 41.30
N ASP B 589 -19.13 10.87 40.37
CA ASP B 589 -20.49 11.31 40.66
C ASP B 589 -21.45 10.35 39.98
N ARG B 590 -21.89 9.33 40.71
CA ARG B 590 -22.78 8.34 40.12
C ARG B 590 -23.89 8.88 39.21
N GLU B 591 -24.62 9.90 39.64
CA GLU B 591 -25.72 10.43 38.82
C GLU B 591 -25.24 10.91 37.46
N GLN B 592 -24.27 11.81 37.43
CA GLN B 592 -23.76 12.29 36.16
C GLN B 592 -23.34 11.11 35.33
N TYR B 593 -22.48 10.28 35.91
CA TYR B 593 -21.96 9.12 35.21
C TYR B 593 -23.08 8.30 34.57
N GLN B 594 -24.18 8.09 35.29
CA GLN B 594 -25.28 7.30 34.73
C GLN B 594 -25.84 7.98 33.50
N LEU B 595 -25.92 9.31 33.54
CA LEU B 595 -26.45 10.10 32.42
C LEU B 595 -25.58 9.98 31.19
N PHE B 596 -24.28 9.85 31.44
CA PHE B 596 -23.31 9.75 30.37
C PHE B 596 -23.47 8.45 29.63
N CYS B 597 -23.50 7.35 30.37
CA CYS B 597 -23.65 6.02 29.78
C CYS B 597 -24.97 5.84 29.07
N ASP B 598 -25.88 6.80 29.26
CA ASP B 598 -27.18 6.74 28.60
C ASP B 598 -26.94 6.86 27.11
N SER B 599 -25.82 7.48 26.76
CA SER B 599 -25.46 7.65 25.37
C SER B 599 -24.68 6.42 24.87
N PHE B 600 -24.60 5.40 25.71
CA PHE B 600 -23.95 4.14 25.34
C PHE B 600 -24.88 3.01 25.80
N PRO B 601 -26.03 2.89 25.14
CA PRO B 601 -27.07 1.92 25.40
C PRO B 601 -26.68 0.52 24.96
N PHE B 602 -25.47 0.11 25.31
CA PHE B 602 -25.00 -1.21 24.96
C PHE B 602 -24.28 -1.85 26.11
N GLU B 603 -24.28 -3.18 26.11
CA GLU B 603 -23.62 -3.95 27.15
C GLU B 603 -22.10 -3.94 26.93
N THR B 604 -21.36 -3.93 28.04
CA THR B 604 -19.92 -3.93 27.98
C THR B 604 -19.42 -5.30 28.34
N THR B 605 -18.31 -5.67 27.75
CA THR B 605 -17.67 -6.95 28.00
C THR B 605 -17.11 -6.99 29.43
N PRO B 606 -17.01 -8.19 30.02
CA PRO B 606 -16.48 -8.26 31.37
C PRO B 606 -15.14 -7.55 31.54
N ASP B 607 -14.15 -7.91 30.72
CA ASP B 607 -12.82 -7.29 30.80
C ASP B 607 -12.97 -5.80 30.48
N GLN B 608 -13.87 -5.50 29.58
CA GLN B 608 -14.13 -4.14 29.16
C GLN B 608 -14.57 -3.34 30.37
N ALA B 609 -15.56 -3.87 31.08
CA ALA B 609 -16.04 -3.18 32.26
C ALA B 609 -14.96 -3.19 33.33
N GLN B 610 -14.22 -4.29 33.41
CA GLN B 610 -13.17 -4.38 34.39
C GLN B 610 -12.06 -3.36 34.20
N ALA B 611 -11.72 -3.05 32.94
CA ALA B 611 -10.68 -2.05 32.65
C ALA B 611 -11.21 -0.65 32.96
N ILE B 612 -12.46 -0.41 32.54
CA ILE B 612 -13.12 0.84 32.82
C ILE B 612 -13.07 1.09 34.32
N ASN B 613 -13.60 0.13 35.07
CA ASN B 613 -13.61 0.31 36.51
C ASN B 613 -12.22 0.58 37.04
N ALA B 614 -11.23 -0.16 36.54
CA ALA B 614 -9.83 0.02 36.97
C ALA B 614 -9.37 1.44 36.74
N VAL B 615 -9.57 1.94 35.52
CA VAL B 615 -9.15 3.29 35.17
C VAL B 615 -9.89 4.28 36.02
N LEU B 616 -11.17 4.03 36.25
CA LEU B 616 -11.94 4.96 37.05
C LEU B 616 -11.47 5.02 38.50
N SER B 617 -11.28 3.85 39.12
CA SER B 617 -10.83 3.83 40.50
C SER B 617 -9.50 4.56 40.65
N ASP B 618 -8.50 4.15 39.88
CA ASP B 618 -7.20 4.79 39.94
C ASP B 618 -7.34 6.30 39.88
N MET B 619 -8.02 6.78 38.85
CA MET B 619 -8.20 8.23 38.70
C MET B 619 -8.71 8.87 40.01
N CYS B 620 -9.62 8.16 40.68
CA CYS B 620 -10.23 8.56 41.93
C CYS B 620 -9.33 8.64 43.17
N GLN B 621 -8.24 7.89 43.14
CA GLN B 621 -7.33 7.87 44.27
C GLN B 621 -6.31 8.99 44.18
N PRO B 622 -5.84 9.47 45.33
CA PRO B 622 -4.86 10.54 45.51
C PRO B 622 -3.60 10.38 44.67
N LEU B 623 -3.27 9.14 44.35
CA LEU B 623 -2.07 8.85 43.59
C LEU B 623 -2.23 9.07 42.09
N ALA B 624 -1.21 9.66 41.48
CA ALA B 624 -1.22 9.89 40.04
C ALA B 624 -1.38 8.55 39.33
N MET B 625 -2.17 8.53 38.26
CA MET B 625 -2.38 7.30 37.49
C MET B 625 -1.32 7.11 36.39
N ASP B 626 -1.23 5.86 35.95
CA ASP B 626 -0.34 5.46 34.88
C ASP B 626 -0.71 4.03 34.55
N ARG B 627 -1.89 3.88 33.93
CA ARG B 627 -2.42 2.59 33.53
C ARG B 627 -2.39 2.45 32.01
N LEU B 628 -2.40 1.21 31.53
CA LEU B 628 -2.35 0.91 30.11
C LEU B 628 -3.38 -0.17 29.78
N VAL B 629 -4.10 0.00 28.69
CA VAL B 629 -5.10 -0.98 28.32
C VAL B 629 -4.93 -1.53 26.92
N CYS B 630 -4.93 -2.85 26.79
CA CYS B 630 -4.79 -3.54 25.49
C CYS B 630 -6.20 -3.71 24.94
N GLY B 631 -6.57 -2.91 23.96
CA GLY B 631 -7.93 -3.01 23.46
C GLY B 631 -8.14 -4.09 22.43
N ASP B 632 -9.18 -3.90 21.63
CA ASP B 632 -9.54 -4.79 20.52
C ASP B 632 -10.39 -3.90 19.63
N VAL B 633 -10.36 -4.12 18.32
CA VAL B 633 -11.21 -3.34 17.43
C VAL B 633 -12.66 -3.85 17.58
N GLY B 634 -13.06 -4.08 18.83
CA GLY B 634 -14.41 -4.54 19.09
C GLY B 634 -15.28 -3.31 19.33
N PHE B 635 -16.58 -3.48 19.24
CA PHE B 635 -17.43 -2.34 19.44
C PHE B 635 -17.35 -1.87 20.89
N GLY B 636 -16.98 -0.61 21.07
CA GLY B 636 -16.93 -0.06 22.42
C GLY B 636 -15.65 -0.03 23.23
N LYS B 637 -14.50 -0.38 22.64
CA LYS B 637 -13.28 -0.34 23.40
C LYS B 637 -12.92 1.10 23.58
N THR B 638 -13.56 1.92 22.77
CA THR B 638 -13.33 3.34 22.79
C THR B 638 -13.88 3.93 24.10
N GLU B 639 -14.88 3.26 24.66
CA GLU B 639 -15.50 3.67 25.91
C GLU B 639 -14.55 3.93 27.07
N VAL B 640 -13.57 3.04 27.29
CA VAL B 640 -12.64 3.24 28.37
C VAL B 640 -12.16 4.67 28.45
N ALA B 641 -11.61 5.19 27.35
CA ALA B 641 -11.12 6.55 27.37
C ALA B 641 -12.25 7.57 27.37
N MET B 642 -13.37 7.23 26.78
CA MET B 642 -14.47 8.16 26.76
C MET B 642 -14.87 8.45 28.20
N ARG B 643 -15.00 7.39 28.97
CA ARG B 643 -15.35 7.53 30.37
C ARG B 643 -14.30 8.29 31.16
N ALA B 644 -13.04 7.87 31.04
CA ALA B 644 -12.01 8.57 31.76
C ALA B 644 -12.10 10.06 31.46
N ALA B 645 -12.15 10.39 30.19
CA ALA B 645 -12.22 11.79 29.82
C ALA B 645 -13.49 12.39 30.40
N PHE B 646 -14.53 11.59 30.57
CA PHE B 646 -15.75 12.15 31.13
C PHE B 646 -15.58 12.53 32.57
N LEU B 647 -14.90 11.68 33.33
CA LEU B 647 -14.64 11.94 34.73
C LEU B 647 -13.83 13.19 34.86
N ALA B 648 -12.82 13.28 34.02
CA ALA B 648 -11.93 14.41 34.03
C ALA B 648 -12.67 15.74 33.86
N VAL B 649 -13.51 15.82 32.85
CA VAL B 649 -14.23 17.05 32.59
C VAL B 649 -15.21 17.36 33.70
N ASP B 650 -15.80 16.30 34.24
CA ASP B 650 -16.77 16.43 35.30
C ASP B 650 -16.17 17.07 36.53
N ASN B 651 -14.86 16.91 36.68
CA ASN B 651 -14.10 17.48 37.79
C ASN B 651 -13.46 18.79 37.34
N HIS B 652 -13.89 19.31 36.19
CA HIS B 652 -13.36 20.55 35.67
C HIS B 652 -11.88 20.58 35.46
N LYS B 653 -11.37 19.50 34.87
CA LYS B 653 -9.96 19.38 34.54
C LYS B 653 -9.95 19.25 33.02
N GLN B 654 -8.83 19.59 32.40
CA GLN B 654 -8.72 19.50 30.95
C GLN B 654 -8.18 18.15 30.54
N VAL B 655 -8.40 17.76 29.30
CA VAL B 655 -7.90 16.49 28.83
C VAL B 655 -7.09 16.68 27.57
N ALA B 656 -6.05 15.89 27.41
CA ALA B 656 -5.19 15.97 26.27
C ALA B 656 -5.06 14.57 25.75
N VAL B 657 -5.13 14.41 24.45
CA VAL B 657 -5.03 13.08 23.90
C VAL B 657 -4.00 13.02 22.80
N LEU B 658 -2.90 12.35 23.08
CA LEU B 658 -1.86 12.24 22.11
C LEU B 658 -2.04 11.04 21.24
N VAL B 659 -1.97 11.29 19.94
CA VAL B 659 -2.08 10.24 18.96
C VAL B 659 -1.00 10.42 17.92
N PRO B 660 -0.45 9.31 17.46
CA PRO B 660 0.62 9.23 16.46
C PRO B 660 0.41 9.79 15.08
N THR B 661 -0.80 9.87 14.58
CA THR B 661 -1.03 10.37 13.23
C THR B 661 -2.36 11.11 13.01
N THR B 662 -2.40 12.13 12.14
CA THR B 662 -3.68 12.85 12.01
C THR B 662 -4.83 12.01 11.57
N LEU B 663 -4.57 10.87 10.96
CA LEU B 663 -5.71 10.06 10.56
C LEU B 663 -6.45 9.54 11.76
N LEU B 664 -5.71 9.10 12.77
CA LEU B 664 -6.36 8.59 13.97
C LEU B 664 -6.77 9.80 14.79
N ALA B 665 -5.97 10.85 14.69
CA ALA B 665 -6.28 12.05 15.42
C ALA B 665 -7.69 12.48 15.06
N GLN B 666 -8.07 12.20 13.81
CA GLN B 666 -9.41 12.59 13.33
C GLN B 666 -10.41 11.56 13.81
N GLN B 667 -10.01 10.30 13.79
CA GLN B 667 -10.89 9.23 14.22
C GLN B 667 -11.39 9.50 15.61
N HIS B 668 -10.48 9.89 16.50
CA HIS B 668 -10.82 10.20 17.87
C HIS B 668 -11.65 11.46 17.88
N TYR B 669 -11.20 12.47 17.16
CA TYR B 669 -11.94 13.72 17.12
C TYR B 669 -13.42 13.41 16.89
N ASP B 670 -13.70 12.74 15.78
CA ASP B 670 -15.07 12.37 15.43
C ASP B 670 -15.69 11.62 16.58
N ASN B 671 -15.08 10.50 16.98
CA ASN B 671 -15.56 9.69 18.10
C ASN B 671 -15.92 10.54 19.29
N PHE B 672 -14.96 11.34 19.76
CA PHE B 672 -15.20 12.21 20.88
C PHE B 672 -16.33 13.19 20.62
N ARG B 673 -16.31 13.87 19.48
CA ARG B 673 -17.41 14.77 19.22
C ARG B 673 -18.73 14.03 19.28
N ASP B 674 -18.86 12.97 18.49
CA ASP B 674 -20.10 12.21 18.47
C ASP B 674 -20.49 11.77 19.88
N ARG B 675 -19.51 11.39 20.70
CA ARG B 675 -19.83 10.89 22.04
C ARG B 675 -20.27 11.87 23.10
N PHE B 676 -19.73 13.07 23.11
CA PHE B 676 -20.14 14.04 24.13
C PHE B 676 -21.19 14.95 23.56
N ALA B 677 -21.80 14.49 22.46
CA ALA B 677 -22.82 15.24 21.75
C ALA B 677 -23.84 15.92 22.65
N ASN B 678 -24.30 15.21 23.67
CA ASN B 678 -25.31 15.79 24.55
C ASN B 678 -24.72 16.40 25.80
N TRP B 679 -23.53 16.98 25.68
CA TRP B 679 -22.87 17.58 26.84
C TRP B 679 -22.09 18.84 26.50
N PRO B 680 -22.13 19.83 27.39
CA PRO B 680 -21.42 21.10 27.19
C PRO B 680 -19.90 20.92 27.32
N VAL B 681 -19.32 20.14 26.44
CA VAL B 681 -17.89 19.93 26.52
C VAL B 681 -17.27 20.39 25.22
N ARG B 682 -16.24 21.20 25.31
CA ARG B 682 -15.61 21.74 24.13
C ARG B 682 -14.49 20.84 23.66
N ILE B 683 -14.62 20.29 22.44
CA ILE B 683 -13.60 19.42 21.92
C ILE B 683 -12.95 20.06 20.74
N GLU B 684 -11.67 19.80 20.54
CA GLU B 684 -10.98 20.40 19.43
C GLU B 684 -9.74 19.59 19.14
N MET B 685 -9.18 19.82 17.95
CA MET B 685 -8.00 19.11 17.47
C MET B 685 -6.91 20.01 16.91
N ILE B 686 -5.66 19.66 17.20
CA ILE B 686 -4.50 20.37 16.68
C ILE B 686 -3.81 19.32 15.83
N SER B 687 -3.86 19.53 14.51
CA SER B 687 -3.29 18.58 13.58
C SER B 687 -3.10 19.17 12.20
N ARG B 688 -2.62 18.31 11.31
CA ARG B 688 -2.38 18.68 9.94
C ARG B 688 -3.60 19.36 9.37
N PHE B 689 -4.78 19.03 9.85
CA PHE B 689 -5.96 19.66 9.29
C PHE B 689 -6.25 21.05 9.85
N ARG B 690 -5.20 21.78 10.22
CA ARG B 690 -5.40 23.10 10.78
C ARG B 690 -4.31 24.07 10.36
N SER B 691 -4.72 25.22 9.86
CA SER B 691 -3.75 26.20 9.41
C SER B 691 -3.04 26.75 10.61
N ALA B 692 -1.79 27.17 10.44
CA ALA B 692 -1.01 27.70 11.56
C ALA B 692 -1.80 28.65 12.41
N LYS B 693 -2.70 29.38 11.77
CA LYS B 693 -3.55 30.34 12.47
C LYS B 693 -4.52 29.54 13.33
N GLU B 694 -5.37 28.75 12.70
CA GLU B 694 -6.30 27.92 13.45
C GLU B 694 -5.57 27.31 14.64
N GLN B 695 -4.37 26.83 14.39
CA GLN B 695 -3.60 26.22 15.45
C GLN B 695 -3.36 27.20 16.57
N THR B 696 -2.92 28.41 16.24
CA THR B 696 -2.67 29.42 17.27
C THR B 696 -3.93 29.64 18.08
N GLN B 697 -4.97 30.12 17.42
CA GLN B 697 -6.23 30.40 18.07
C GLN B 697 -6.64 29.30 19.03
N ILE B 698 -6.47 28.06 18.61
CA ILE B 698 -6.84 26.94 19.49
C ILE B 698 -5.95 26.97 20.73
N LEU B 699 -4.66 26.99 20.51
CA LEU B 699 -3.77 27.00 21.64
C LEU B 699 -4.15 28.09 22.63
N ALA B 700 -4.39 29.30 22.12
CA ALA B 700 -4.79 30.39 22.99
C ALA B 700 -5.96 29.92 23.83
N GLU B 701 -7.01 29.44 23.17
CA GLU B 701 -8.18 28.95 23.88
C GLU B 701 -7.83 27.88 24.92
N VAL B 702 -7.00 26.93 24.54
CA VAL B 702 -6.66 25.89 25.51
C VAL B 702 -5.99 26.46 26.75
N ALA B 703 -5.16 27.47 26.56
CA ALA B 703 -4.44 28.09 27.68
C ALA B 703 -5.38 28.83 28.63
N GLU B 704 -6.55 29.19 28.13
CA GLU B 704 -7.54 29.91 28.91
C GLU B 704 -8.57 28.99 29.55
N GLY B 705 -8.52 27.72 29.24
CA GLY B 705 -9.50 26.82 29.83
C GLY B 705 -10.72 26.54 28.95
N LYS B 706 -10.94 27.38 27.93
CA LYS B 706 -12.08 27.20 27.03
C LYS B 706 -12.21 25.84 26.34
N ILE B 707 -11.10 25.17 26.07
CA ILE B 707 -11.16 23.88 25.41
C ILE B 707 -11.13 22.77 26.46
N ASP B 708 -12.12 21.92 26.48
CA ASP B 708 -12.11 20.85 27.47
C ASP B 708 -11.26 19.65 27.11
N ILE B 709 -11.42 19.11 25.91
CA ILE B 709 -10.64 17.96 25.48
C ILE B 709 -9.92 18.32 24.21
N LEU B 710 -8.60 18.39 24.29
CA LEU B 710 -7.75 18.75 23.17
C LEU B 710 -7.12 17.52 22.62
N ILE B 711 -7.51 17.12 21.43
CA ILE B 711 -6.96 15.93 20.79
C ILE B 711 -5.83 16.41 19.95
N GLY B 712 -4.70 15.74 19.98
CA GLY B 712 -3.58 16.22 19.19
C GLY B 712 -2.60 15.23 18.62
N THR B 713 -1.83 15.72 17.65
CA THR B 713 -0.84 14.90 17.00
C THR B 713 0.50 15.24 17.62
N HIS B 714 1.60 14.67 17.14
CA HIS B 714 2.87 15.01 17.73
C HIS B 714 3.08 16.52 17.73
N LYS B 715 2.50 17.19 16.73
CA LYS B 715 2.60 18.65 16.64
C LYS B 715 2.14 19.34 17.93
N LEU B 716 1.61 18.53 18.84
CA LEU B 716 1.12 19.01 20.12
C LEU B 716 2.28 18.96 21.09
N LEU B 717 3.19 18.03 20.84
CA LEU B 717 4.36 17.87 21.68
C LEU B 717 5.40 18.91 21.28
N GLN B 718 5.65 19.01 19.98
CA GLN B 718 6.63 19.94 19.38
C GLN B 718 6.78 21.27 20.11
N SER B 719 5.68 21.77 20.66
CA SER B 719 5.70 23.04 21.37
C SER B 719 5.46 22.79 22.86
N ASP B 720 5.58 23.85 23.63
CA ASP B 720 5.31 23.74 25.05
C ASP B 720 3.94 24.38 25.24
N VAL B 721 2.93 23.57 24.98
CA VAL B 721 1.54 23.99 25.09
C VAL B 721 1.19 24.23 26.53
N LYS B 722 0.58 25.37 26.79
CA LYS B 722 0.18 25.76 28.12
C LYS B 722 -1.29 25.42 28.35
N PHE B 723 -1.57 24.56 29.33
CA PHE B 723 -2.96 24.22 29.64
C PHE B 723 -3.42 25.15 30.76
N LYS B 724 -4.69 25.10 31.12
CA LYS B 724 -5.19 25.93 32.22
C LYS B 724 -5.10 25.09 33.46
N ASP B 725 -5.62 23.87 33.33
CA ASP B 725 -5.63 22.90 34.41
C ASP B 725 -5.79 21.52 33.77
N LEU B 726 -4.69 21.02 33.23
CA LEU B 726 -4.66 19.72 32.58
C LEU B 726 -4.74 18.64 33.62
N GLY B 727 -5.83 17.90 33.66
CA GLY B 727 -5.94 16.87 34.67
C GLY B 727 -5.65 15.45 34.21
N LEU B 728 -6.00 15.14 32.97
CA LEU B 728 -5.80 13.81 32.43
C LEU B 728 -5.14 13.83 31.08
N LEU B 729 -4.24 12.87 30.86
CA LEU B 729 -3.52 12.73 29.62
C LEU B 729 -3.73 11.33 29.08
N ILE B 730 -4.27 11.24 27.87
CA ILE B 730 -4.50 9.95 27.23
C ILE B 730 -3.57 9.87 26.04
N VAL B 731 -2.84 8.78 25.92
CA VAL B 731 -1.91 8.55 24.84
C VAL B 731 -2.30 7.27 24.14
N ASP B 732 -2.49 7.32 22.82
CA ASP B 732 -2.86 6.13 22.07
C ASP B 732 -1.64 5.61 21.33
N GLU B 733 -1.46 4.28 21.31
CA GLU B 733 -0.34 3.62 20.63
C GLU B 733 0.93 4.41 20.85
N GLU B 734 1.36 4.52 22.09
CA GLU B 734 2.55 5.30 22.40
C GLU B 734 3.77 4.75 21.69
N HIS B 735 3.90 3.44 21.67
CA HIS B 735 5.04 2.81 21.05
C HIS B 735 5.33 3.27 19.62
N ARG B 736 4.38 3.96 19.02
CA ARG B 736 4.56 4.46 17.66
C ARG B 736 5.09 5.88 17.58
N PHE B 737 5.43 6.48 18.69
CA PHE B 737 5.87 7.85 18.61
C PHE B 737 7.30 8.10 18.20
N GLY B 738 8.19 7.18 18.52
CA GLY B 738 9.56 7.41 18.14
C GLY B 738 10.44 7.61 19.36
N VAL B 739 11.19 8.71 19.40
CA VAL B 739 12.07 8.92 20.53
C VAL B 739 12.01 10.33 21.05
N ARG B 740 12.39 11.28 20.22
CA ARG B 740 12.37 12.67 20.63
C ARG B 740 11.03 12.99 21.27
N HIS B 741 9.98 12.40 20.72
CA HIS B 741 8.63 12.60 21.22
C HIS B 741 8.35 11.80 22.48
N LYS B 742 8.72 10.52 22.48
CA LYS B 742 8.49 9.67 23.65
C LYS B 742 9.03 10.33 24.92
N GLU B 743 10.15 11.04 24.78
CA GLU B 743 10.78 11.73 25.90
C GLU B 743 9.92 12.91 26.31
N ARG B 744 9.47 13.68 25.33
CA ARG B 744 8.61 14.83 25.59
C ARG B 744 7.34 14.28 26.24
N ILE B 745 7.03 13.02 25.99
CA ILE B 745 5.85 12.43 26.59
C ILE B 745 6.19 12.01 28.00
N LYS B 746 7.37 11.40 28.19
CA LYS B 746 7.78 11.00 29.52
C LYS B 746 7.80 12.26 30.39
N ALA B 747 7.89 13.41 29.73
CA ALA B 747 7.89 14.69 30.43
C ALA B 747 6.46 14.90 30.92
N MET B 748 5.60 15.41 30.03
CA MET B 748 4.20 15.65 30.35
C MET B 748 3.63 14.64 31.35
N ARG B 749 4.17 13.43 31.38
CA ARG B 749 3.69 12.40 32.30
C ARG B 749 3.65 12.81 33.76
N ALA B 750 4.81 12.82 34.41
CA ALA B 750 4.89 13.20 35.83
C ALA B 750 4.08 14.45 36.18
N ASN B 751 3.34 14.37 37.29
CA ASN B 751 2.51 15.47 37.76
C ASN B 751 1.06 15.30 37.37
N VAL B 752 0.81 14.52 36.32
CA VAL B 752 -0.57 14.32 35.85
C VAL B 752 -0.92 12.86 35.67
N ASP B 753 -2.22 12.57 35.67
CA ASP B 753 -2.65 11.20 35.49
C ASP B 753 -2.44 10.80 34.03
N ILE B 754 -2.01 9.58 33.81
CA ILE B 754 -1.77 9.08 32.46
C ILE B 754 -2.59 7.85 32.18
N LEU B 755 -3.01 7.71 30.93
CA LEU B 755 -3.77 6.55 30.50
C LEU B 755 -3.20 6.23 29.14
N THR B 756 -2.67 5.03 28.98
CA THR B 756 -2.08 4.63 27.71
C THR B 756 -2.98 3.59 27.06
N LEU B 757 -3.05 3.57 25.73
CA LEU B 757 -3.88 2.59 25.04
C LEU B 757 -3.12 1.87 23.93
N THR B 758 -3.49 0.63 23.65
CA THR B 758 -2.85 -0.14 22.59
C THR B 758 -3.69 -1.33 22.13
N ALA B 759 -3.73 -1.53 20.82
CA ALA B 759 -4.50 -2.62 20.21
C ALA B 759 -3.81 -3.97 20.42
N THR B 760 -2.54 -4.03 20.04
CA THR B 760 -1.75 -5.24 20.19
C THR B 760 -1.97 -5.72 21.63
N PRO B 761 -2.17 -7.03 21.82
CA PRO B 761 -2.40 -7.41 23.21
C PRO B 761 -1.15 -7.93 23.92
N ILE B 762 -1.31 -8.21 25.20
CA ILE B 762 -0.24 -8.70 26.03
C ILE B 762 -0.58 -10.07 26.56
N PRO B 763 0.41 -10.96 26.69
CA PRO B 763 0.14 -12.31 27.19
C PRO B 763 -0.44 -12.25 28.60
N ARG B 764 -1.39 -13.13 28.89
CA ARG B 764 -1.97 -13.16 30.23
C ARG B 764 -0.80 -13.33 31.20
N THR B 765 0.06 -14.29 30.91
CA THR B 765 1.25 -14.59 31.71
C THR B 765 1.91 -13.32 32.25
N LEU B 766 2.42 -12.51 31.33
CA LEU B 766 3.09 -11.26 31.66
C LEU B 766 2.29 -10.33 32.57
N ASN B 767 0.98 -10.27 32.40
CA ASN B 767 0.15 -9.40 33.23
C ASN B 767 0.43 -9.70 34.68
N MET B 768 0.45 -10.99 35.02
CA MET B 768 0.72 -11.44 36.37
C MET B 768 2.12 -10.97 36.79
N ALA B 769 3.13 -11.44 36.08
CA ALA B 769 4.52 -11.10 36.37
C ALA B 769 4.82 -9.61 36.45
N MET B 770 3.86 -8.79 36.05
CA MET B 770 4.06 -7.36 36.05
C MET B 770 3.50 -6.56 37.23
N SER B 771 2.45 -7.06 37.87
CA SER B 771 1.85 -6.33 39.00
C SER B 771 2.93 -5.88 39.98
N GLY B 772 2.92 -4.60 40.32
CA GLY B 772 3.90 -4.06 41.23
C GLY B 772 4.94 -3.30 40.43
N MET B 773 4.87 -3.45 39.11
CA MET B 773 5.78 -2.79 38.18
C MET B 773 5.08 -1.97 37.10
N ARG B 774 3.90 -2.42 36.70
CA ARG B 774 3.16 -1.76 35.63
C ARG B 774 1.67 -2.04 35.74
N ASP B 775 0.87 -0.99 35.90
CA ASP B 775 -0.57 -1.16 36.00
C ASP B 775 -1.19 -1.45 34.65
N LEU B 776 -1.66 -2.67 34.46
CA LEU B 776 -2.24 -3.03 33.20
C LEU B 776 -3.62 -3.62 33.31
N SER B 777 -4.45 -3.35 32.31
CA SER B 777 -5.80 -3.88 32.22
C SER B 777 -5.88 -4.44 30.83
N ILE B 778 -6.11 -5.74 30.69
CA ILE B 778 -6.18 -6.33 29.36
C ILE B 778 -7.56 -6.73 28.89
N ILE B 779 -7.82 -6.52 27.60
CA ILE B 779 -9.10 -6.91 27.04
C ILE B 779 -8.78 -7.99 26.03
N ALA B 780 -8.57 -9.19 26.57
CA ALA B 780 -8.22 -10.37 25.80
C ALA B 780 -9.09 -10.63 24.60
N THR B 781 -8.46 -10.80 23.44
CA THR B 781 -9.20 -11.10 22.24
C THR B 781 -9.73 -12.51 22.51
N PRO B 782 -10.93 -12.81 22.00
CA PRO B 782 -11.54 -14.13 22.19
C PRO B 782 -10.57 -15.28 21.94
N PRO B 783 -10.44 -16.18 22.92
CA PRO B 783 -9.54 -17.33 22.83
C PRO B 783 -9.61 -18.02 21.49
N ALA B 784 -8.54 -18.72 21.12
CA ALA B 784 -8.50 -19.43 19.85
C ALA B 784 -9.31 -20.73 19.99
N ARG B 785 -10.11 -21.05 18.96
CA ARG B 785 -10.93 -22.24 18.99
C ARG B 785 -10.64 -23.10 17.79
N ARG B 786 -11.02 -24.37 17.86
CA ARG B 786 -10.82 -25.26 16.74
C ARG B 786 -12.17 -25.21 16.08
N LEU B 787 -12.19 -24.71 14.86
CA LEU B 787 -13.41 -24.56 14.10
C LEU B 787 -13.19 -25.07 12.69
N ALA B 788 -14.27 -25.48 12.06
CA ALA B 788 -14.19 -25.97 10.69
C ALA B 788 -14.01 -24.80 9.73
N VAL B 789 -12.82 -24.66 9.17
CA VAL B 789 -12.53 -23.58 8.23
C VAL B 789 -11.62 -24.10 7.16
N LYS B 790 -12.18 -24.32 5.98
CA LYS B 790 -11.38 -24.79 4.87
C LYS B 790 -10.78 -23.55 4.27
N THR B 791 -9.54 -23.67 3.81
CA THR B 791 -8.81 -22.55 3.25
C THR B 791 -8.33 -22.88 1.85
N PHE B 792 -8.55 -21.99 0.90
CA PHE B 792 -8.13 -22.22 -0.47
C PHE B 792 -7.28 -21.14 -1.10
N VAL B 793 -6.33 -21.55 -1.92
CA VAL B 793 -5.46 -20.62 -2.60
C VAL B 793 -5.64 -20.79 -4.10
N ARG B 794 -6.50 -19.98 -4.69
CA ARG B 794 -6.77 -20.04 -6.11
C ARG B 794 -6.56 -18.68 -6.79
N GLU B 795 -6.34 -18.71 -8.11
CA GLU B 795 -6.13 -17.46 -8.87
C GLU B 795 -7.51 -16.86 -9.09
N TYR B 796 -7.61 -15.54 -9.01
CA TYR B 796 -8.90 -14.87 -9.19
C TYR B 796 -9.68 -15.45 -10.35
N ASP B 797 -10.97 -15.70 -10.15
CA ASP B 797 -11.75 -16.27 -11.22
C ASP B 797 -13.07 -15.57 -11.47
N SER B 798 -13.48 -14.72 -10.54
CA SER B 798 -14.73 -13.97 -10.66
C SER B 798 -15.91 -14.93 -10.65
N MET B 799 -15.61 -16.21 -10.86
CA MET B 799 -16.66 -17.22 -10.86
C MET B 799 -16.62 -17.84 -9.48
N VAL B 800 -15.41 -18.16 -9.03
CA VAL B 800 -15.22 -18.74 -7.71
C VAL B 800 -15.83 -17.77 -6.71
N VAL B 801 -15.48 -16.50 -6.89
CA VAL B 801 -15.98 -15.44 -6.05
C VAL B 801 -17.49 -15.47 -5.97
N ARG B 802 -18.12 -15.61 -7.14
CA ARG B 802 -19.57 -15.65 -7.21
C ARG B 802 -20.17 -16.83 -6.45
N GLU B 803 -19.66 -18.05 -6.67
CA GLU B 803 -20.17 -19.21 -5.97
C GLU B 803 -20.02 -18.90 -4.50
N ALA B 804 -18.78 -18.63 -4.10
CA ALA B 804 -18.44 -18.32 -2.74
C ALA B 804 -19.48 -17.44 -2.04
N ILE B 805 -19.77 -16.30 -2.65
CA ILE B 805 -20.73 -15.34 -2.11
C ILE B 805 -22.14 -15.91 -2.18
N LEU B 806 -22.39 -16.72 -3.19
CA LEU B 806 -23.70 -17.33 -3.39
C LEU B 806 -23.89 -18.48 -2.41
N ARG B 807 -22.77 -19.12 -2.06
CA ARG B 807 -22.78 -20.23 -1.14
C ARG B 807 -23.00 -19.76 0.29
N GLU B 808 -22.76 -18.48 0.53
CA GLU B 808 -22.94 -17.93 1.85
C GLU B 808 -24.33 -17.36 2.04
N ILE B 809 -24.83 -16.70 0.99
CA ILE B 809 -26.14 -16.09 1.02
C ILE B 809 -27.27 -17.10 1.15
N LEU B 810 -27.10 -18.25 0.51
CA LEU B 810 -28.11 -19.30 0.58
C LEU B 810 -28.57 -19.58 2.02
N ARG B 811 -27.60 -19.70 2.94
CA ARG B 811 -27.87 -19.98 4.34
C ARG B 811 -27.99 -18.77 5.26
N GLY B 812 -28.22 -17.61 4.68
CA GLY B 812 -28.40 -16.41 5.47
C GLY B 812 -27.20 -15.88 6.21
N GLY B 813 -26.07 -15.88 5.52
CA GLY B 813 -24.83 -15.39 6.11
C GLY B 813 -24.20 -14.32 5.27
N GLN B 814 -23.29 -13.55 5.86
CA GLN B 814 -22.64 -12.49 5.14
C GLN B 814 -21.25 -12.90 4.68
N VAL B 815 -20.53 -11.96 4.08
CA VAL B 815 -19.19 -12.24 3.54
C VAL B 815 -18.22 -11.08 3.67
N TYR B 816 -17.03 -11.34 4.20
CA TYR B 816 -16.03 -10.28 4.25
C TYR B 816 -15.36 -10.37 2.89
N TYR B 817 -14.97 -9.24 2.34
CA TYR B 817 -14.31 -9.21 1.04
C TYR B 817 -13.22 -8.14 1.09
N LEU B 818 -11.96 -8.55 1.24
CA LEU B 818 -10.86 -7.59 1.29
C LEU B 818 -10.45 -7.25 -0.13
N TYR B 819 -10.27 -5.96 -0.44
CA TYR B 819 -9.86 -5.61 -1.80
C TYR B 819 -8.38 -5.15 -1.89
N ASN B 820 -7.89 -4.98 -3.12
CA ASN B 820 -6.49 -4.59 -3.36
C ASN B 820 -6.06 -3.15 -3.06
N ASP B 821 -7.02 -2.25 -2.82
CA ASP B 821 -6.74 -0.84 -2.56
C ASP B 821 -6.44 -0.12 -3.87
N VAL B 822 -6.13 -0.92 -4.89
CA VAL B 822 -5.80 -0.42 -6.22
C VAL B 822 -6.78 0.67 -6.63
N GLU B 823 -7.92 0.27 -7.18
CA GLU B 823 -8.93 1.23 -7.64
C GLU B 823 -9.70 1.87 -6.47
N ASN B 824 -10.72 2.64 -6.81
CA ASN B 824 -11.54 3.32 -5.82
C ASN B 824 -12.50 2.27 -5.26
N ILE B 825 -12.74 2.28 -3.95
CA ILE B 825 -13.63 1.31 -3.32
C ILE B 825 -15.05 1.35 -3.89
N GLN B 826 -15.50 2.54 -4.29
CA GLN B 826 -16.84 2.69 -4.85
C GLN B 826 -16.98 1.87 -6.12
N LYS B 827 -15.91 1.83 -6.90
CA LYS B 827 -15.90 1.10 -8.16
C LYS B 827 -15.84 -0.41 -7.97
N ALA B 828 -14.95 -0.87 -7.09
CA ALA B 828 -14.83 -2.30 -6.83
C ALA B 828 -16.18 -2.80 -6.31
N ALA B 829 -16.70 -2.11 -5.31
CA ALA B 829 -17.98 -2.45 -4.73
C ALA B 829 -19.05 -2.63 -5.79
N GLU B 830 -18.98 -1.79 -6.83
CA GLU B 830 -19.94 -1.85 -7.93
C GLU B 830 -19.69 -3.06 -8.81
N ARG B 831 -18.53 -3.09 -9.44
CA ARG B 831 -18.18 -4.19 -10.33
C ARG B 831 -18.33 -5.54 -9.64
N LEU B 832 -18.71 -5.54 -8.37
CA LEU B 832 -18.91 -6.76 -7.61
C LEU B 832 -20.39 -7.02 -7.38
N ALA B 833 -21.20 -5.97 -7.41
CA ALA B 833 -22.63 -6.10 -7.20
C ALA B 833 -23.32 -6.57 -8.47
N GLU B 834 -22.65 -6.38 -9.62
CA GLU B 834 -23.19 -6.82 -10.89
C GLU B 834 -22.55 -8.16 -11.25
N LEU B 835 -21.89 -8.75 -10.27
CA LEU B 835 -21.26 -10.07 -10.43
C LEU B 835 -22.14 -10.98 -9.61
N VAL B 836 -22.67 -10.43 -8.52
CA VAL B 836 -23.55 -11.18 -7.65
C VAL B 836 -24.75 -10.31 -7.28
N PRO B 837 -25.64 -10.09 -8.26
CA PRO B 837 -26.87 -9.29 -8.16
C PRO B 837 -27.78 -9.71 -7.03
N GLU B 838 -27.69 -10.97 -6.61
CA GLU B 838 -28.52 -11.48 -5.53
C GLU B 838 -27.94 -11.01 -4.20
N ALA B 839 -26.74 -10.43 -4.28
CA ALA B 839 -26.00 -9.93 -3.12
C ALA B 839 -26.26 -8.46 -2.84
N ARG B 840 -26.14 -8.07 -1.59
CA ARG B 840 -26.33 -6.68 -1.21
C ARG B 840 -25.08 -6.15 -0.54
N ILE B 841 -24.25 -5.50 -1.35
CA ILE B 841 -23.00 -4.94 -0.91
C ILE B 841 -23.04 -3.71 0.02
N ALA B 842 -22.04 -3.62 0.90
CA ALA B 842 -21.90 -2.54 1.85
C ALA B 842 -20.39 -2.36 2.01
N ILE B 843 -19.96 -1.12 2.22
CA ILE B 843 -18.53 -0.80 2.36
C ILE B 843 -18.04 -0.52 3.78
N GLY B 844 -16.79 -0.87 4.06
CA GLY B 844 -16.21 -0.64 5.37
C GLY B 844 -14.96 0.19 5.18
N HIS B 845 -14.99 1.43 5.63
CA HIS B 845 -13.84 2.31 5.46
C HIS B 845 -12.84 2.14 6.55
N GLY B 846 -11.76 2.90 6.45
CA GLY B 846 -10.71 2.87 7.44
C GLY B 846 -11.01 3.80 8.59
N GLN B 847 -10.38 3.54 9.73
CA GLN B 847 -10.59 4.35 10.91
C GLN B 847 -12.08 4.49 11.15
N MET B 848 -12.81 3.38 11.02
CA MET B 848 -14.26 3.37 11.20
C MET B 848 -14.71 3.94 12.54
N ARG B 849 -15.54 4.96 12.48
CA ARG B 849 -16.06 5.58 13.69
C ARG B 849 -17.01 4.62 14.41
N GLU B 850 -17.09 4.77 15.72
CA GLU B 850 -17.94 3.92 16.52
C GLU B 850 -19.32 3.86 15.88
N ARG B 851 -19.95 5.01 15.73
CA ARG B 851 -21.29 5.08 15.13
C ARG B 851 -21.33 4.32 13.80
N GLU B 852 -20.19 4.20 13.11
CA GLU B 852 -20.17 3.47 11.84
C GLU B 852 -20.28 1.99 12.11
N LEU B 853 -19.54 1.50 13.09
CA LEU B 853 -19.62 0.10 13.41
C LEU B 853 -21.05 -0.21 13.72
N GLU B 854 -21.63 0.55 14.66
CA GLU B 854 -23.00 0.33 15.05
C GLU B 854 -23.89 0.11 13.83
N ARG B 855 -23.93 1.08 12.93
CA ARG B 855 -24.76 0.92 11.75
C ARG B 855 -24.42 -0.39 11.08
N VAL B 856 -23.20 -0.52 10.59
CA VAL B 856 -22.76 -1.75 9.92
C VAL B 856 -23.19 -3.02 10.63
N MET B 857 -22.80 -3.17 11.89
CA MET B 857 -23.15 -4.36 12.65
C MET B 857 -24.63 -4.60 12.70
N ASN B 858 -25.42 -3.53 12.76
CA ASN B 858 -26.87 -3.68 12.77
C ASN B 858 -27.33 -4.14 11.41
N ASP B 859 -27.16 -3.28 10.41
CA ASP B 859 -27.54 -3.63 9.06
C ASP B 859 -27.15 -5.09 8.73
N PHE B 860 -26.02 -5.55 9.22
CA PHE B 860 -25.62 -6.91 8.92
C PHE B 860 -26.40 -7.97 9.69
N HIS B 861 -26.85 -7.62 10.88
CA HIS B 861 -27.61 -8.57 11.65
C HIS B 861 -28.99 -8.65 11.03
N HIS B 862 -29.46 -7.52 10.52
CA HIS B 862 -30.78 -7.43 9.92
C HIS B 862 -30.80 -7.76 8.43
N GLN B 863 -29.79 -8.47 7.98
CA GLN B 863 -29.70 -8.88 6.58
C GLN B 863 -30.03 -7.82 5.53
N ARG B 864 -29.77 -6.56 5.92
CA ARG B 864 -30.00 -5.48 4.97
C ARG B 864 -28.90 -5.52 3.92
N PHE B 865 -27.73 -5.90 4.47
CA PHE B 865 -26.56 -6.12 3.63
C PHE B 865 -25.95 -7.43 4.06
N ASN B 866 -25.28 -8.12 3.16
CA ASN B 866 -24.66 -9.37 3.53
C ASN B 866 -23.26 -9.57 2.94
N VAL B 867 -22.61 -8.47 2.59
CA VAL B 867 -21.24 -8.52 2.06
C VAL B 867 -20.53 -7.21 2.37
N LEU B 868 -19.53 -7.26 3.23
CA LEU B 868 -18.82 -6.04 3.58
C LEU B 868 -17.52 -5.94 2.80
N VAL B 869 -17.34 -4.92 1.98
CA VAL B 869 -16.09 -4.80 1.24
C VAL B 869 -15.08 -4.03 2.09
N CYS B 870 -14.10 -4.74 2.61
CA CYS B 870 -13.10 -4.09 3.47
C CYS B 870 -11.88 -3.56 2.77
N THR B 871 -11.32 -2.53 3.40
CA THR B 871 -10.14 -1.85 2.90
C THR B 871 -8.84 -2.38 3.50
N THR B 872 -8.88 -2.73 4.78
CA THR B 872 -7.72 -3.22 5.51
C THR B 872 -8.05 -4.48 6.30
N ILE B 873 -7.00 -5.14 6.78
CA ILE B 873 -7.12 -6.35 7.57
C ILE B 873 -7.74 -5.99 8.92
N ILE B 874 -7.70 -4.72 9.29
CA ILE B 874 -8.26 -4.28 10.56
C ILE B 874 -9.77 -4.17 10.45
N GLU B 875 -10.24 -3.85 9.25
CA GLU B 875 -11.67 -3.72 9.03
C GLU B 875 -12.32 -5.09 9.16
N THR B 876 -11.52 -6.14 9.00
CA THR B 876 -12.03 -7.50 9.10
C THR B 876 -12.14 -7.98 10.55
N GLY B 877 -11.72 -7.13 11.48
CA GLY B 877 -11.79 -7.48 12.88
C GLY B 877 -13.19 -7.20 13.37
N ILE B 878 -13.91 -6.37 12.60
CA ILE B 878 -15.29 -6.01 12.92
C ILE B 878 -16.12 -7.28 12.98
N ASP B 879 -16.14 -7.87 14.18
CA ASP B 879 -16.84 -9.11 14.48
C ASP B 879 -18.34 -9.18 14.14
N ILE B 880 -18.67 -10.14 13.29
CA ILE B 880 -20.03 -10.44 12.84
C ILE B 880 -20.11 -11.96 12.86
N PRO B 881 -20.94 -12.53 13.76
CA PRO B 881 -21.10 -13.98 13.89
C PRO B 881 -21.50 -14.76 12.65
N THR B 882 -22.32 -14.14 11.80
CA THR B 882 -22.81 -14.82 10.61
C THR B 882 -21.93 -14.73 9.37
N ALA B 883 -20.90 -13.89 9.42
CA ALA B 883 -19.97 -13.74 8.30
C ALA B 883 -18.96 -14.86 8.36
N ASN B 884 -19.19 -15.95 7.63
CA ASN B 884 -18.27 -17.07 7.66
C ASN B 884 -17.61 -17.46 6.37
N THR B 885 -17.35 -16.46 5.56
CA THR B 885 -16.64 -16.64 4.30
C THR B 885 -15.84 -15.38 4.10
N ILE B 886 -14.58 -15.54 3.77
CA ILE B 886 -13.77 -14.38 3.54
C ILE B 886 -13.01 -14.57 2.25
N ILE B 887 -13.05 -13.56 1.41
CA ILE B 887 -12.34 -13.61 0.15
C ILE B 887 -11.36 -12.48 0.25
N ILE B 888 -10.09 -12.75 -0.04
CA ILE B 888 -9.07 -11.72 0.00
C ILE B 888 -8.64 -11.56 -1.45
N GLU B 889 -8.79 -10.35 -2.00
CA GLU B 889 -8.49 -10.16 -3.40
C GLU B 889 -7.04 -10.36 -3.77
N ARG B 890 -6.15 -10.23 -2.81
CA ARG B 890 -4.77 -10.48 -3.15
C ARG B 890 -3.91 -10.85 -1.96
N ALA B 891 -4.13 -12.07 -1.48
CA ALA B 891 -3.39 -12.56 -0.34
C ALA B 891 -1.93 -12.52 -0.70
N ASP B 892 -1.67 -12.47 -2.01
CA ASP B 892 -0.32 -12.43 -2.51
C ASP B 892 0.60 -11.69 -1.53
N HIS B 893 0.22 -10.48 -1.16
CA HIS B 893 1.05 -9.73 -0.24
C HIS B 893 0.46 -9.53 1.14
N PHE B 894 0.76 -10.50 2.00
CA PHE B 894 0.33 -10.55 3.39
C PHE B 894 1.27 -11.52 4.10
N GLY B 895 1.66 -11.19 5.32
CA GLY B 895 2.54 -12.07 6.07
C GLY B 895 1.80 -13.26 6.66
N LEU B 896 2.55 -14.25 7.12
CA LEU B 896 1.98 -15.43 7.73
C LEU B 896 1.02 -15.00 8.82
N ALA B 897 1.46 -14.03 9.61
CA ALA B 897 0.68 -13.53 10.73
C ALA B 897 -0.67 -12.99 10.34
N GLN B 898 -0.65 -12.09 9.37
CA GLN B 898 -1.88 -11.47 8.87
C GLN B 898 -2.81 -12.55 8.34
N LEU B 899 -2.31 -13.32 7.38
CA LEU B 899 -3.11 -14.41 6.81
C LEU B 899 -3.86 -15.14 7.91
N HIS B 900 -3.13 -15.71 8.86
CA HIS B 900 -3.76 -16.42 9.98
C HIS B 900 -4.80 -15.56 10.66
N GLN B 901 -4.43 -14.31 10.89
CA GLN B 901 -5.33 -13.39 11.53
C GLN B 901 -6.62 -13.38 10.77
N LEU B 902 -6.52 -13.31 9.45
CA LEU B 902 -7.70 -13.30 8.61
C LEU B 902 -8.46 -14.61 8.75
N ARG B 903 -7.81 -15.72 8.46
CA ARG B 903 -8.48 -17.02 8.56
C ARG B 903 -9.36 -17.06 9.79
N GLY B 904 -8.86 -16.56 10.89
CA GLY B 904 -9.62 -16.58 12.12
C GLY B 904 -10.84 -15.71 12.17
N ARG B 905 -10.91 -14.71 11.28
CA ARG B 905 -12.04 -13.79 11.25
C ARG B 905 -13.32 -14.59 11.07
N VAL B 906 -13.21 -15.64 10.27
CA VAL B 906 -14.30 -16.54 9.95
C VAL B 906 -14.30 -17.75 10.86
N GLY B 907 -15.47 -18.37 11.03
CA GLY B 907 -15.53 -19.56 11.85
C GLY B 907 -16.71 -19.62 12.78
N ARG B 908 -17.50 -20.67 12.63
CA ARG B 908 -18.66 -20.87 13.45
C ARG B 908 -18.59 -22.33 13.89
N SER B 909 -19.11 -22.64 15.08
CA SER B 909 -19.06 -24.00 15.55
C SER B 909 -20.25 -24.75 15.00
N HIS B 910 -20.00 -25.97 14.54
CA HIS B 910 -21.02 -26.83 13.99
C HIS B 910 -21.38 -26.51 12.55
N HIS B 911 -20.63 -25.62 11.91
CA HIS B 911 -20.88 -25.25 10.51
C HIS B 911 -19.56 -25.03 9.81
N GLN B 912 -19.52 -25.25 8.50
CA GLN B 912 -18.28 -25.04 7.79
C GLN B 912 -18.12 -23.59 7.46
N ALA B 913 -16.87 -23.13 7.38
CA ALA B 913 -16.58 -21.73 7.06
C ALA B 913 -15.48 -21.78 6.02
N TYR B 914 -15.54 -20.88 5.06
CA TYR B 914 -14.54 -20.94 4.02
C TYR B 914 -13.72 -19.67 3.98
N ALA B 915 -12.46 -19.80 3.57
CA ALA B 915 -11.56 -18.67 3.45
C ALA B 915 -10.91 -18.74 2.08
N TRP B 916 -11.18 -17.77 1.23
CA TRP B 916 -10.61 -17.80 -0.11
C TRP B 916 -9.47 -16.82 -0.33
N LEU B 917 -8.28 -17.33 -0.53
CA LEU B 917 -7.15 -16.47 -0.78
C LEU B 917 -6.89 -16.50 -2.27
N LEU B 918 -7.23 -15.41 -2.94
CA LEU B 918 -7.07 -15.30 -4.39
C LEU B 918 -5.71 -14.72 -4.73
N THR B 919 -5.13 -15.18 -5.82
CA THR B 919 -3.81 -14.73 -6.22
C THR B 919 -3.77 -14.43 -7.72
N PRO B 920 -2.65 -13.91 -8.24
CA PRO B 920 -2.53 -13.60 -9.66
C PRO B 920 -1.68 -14.64 -10.41
N HIS B 921 -1.23 -14.27 -11.61
CA HIS B 921 -0.38 -15.16 -12.41
C HIS B 921 0.96 -15.29 -11.67
N PRO B 922 1.49 -16.51 -11.53
CA PRO B 922 2.78 -16.72 -10.83
C PRO B 922 3.92 -15.79 -11.28
N LYS B 923 3.81 -15.28 -12.50
CA LYS B 923 4.82 -14.38 -13.07
C LYS B 923 4.87 -13.06 -12.30
N ALA B 924 3.76 -12.70 -11.66
CA ALA B 924 3.67 -11.44 -10.91
C ALA B 924 3.50 -11.66 -9.40
N MET B 925 3.76 -12.87 -8.95
CA MET B 925 3.64 -13.20 -7.54
C MET B 925 5.02 -13.55 -7.01
N THR B 926 5.38 -12.95 -5.88
CA THR B 926 6.69 -13.19 -5.27
C THR B 926 6.97 -14.68 -5.12
N THR B 927 8.24 -15.07 -5.12
CA THR B 927 8.58 -16.48 -4.99
C THR B 927 8.47 -16.91 -3.53
N ASP B 928 8.48 -15.93 -2.62
CA ASP B 928 8.37 -16.21 -1.19
C ASP B 928 6.91 -16.45 -0.85
N ALA B 929 6.05 -15.80 -1.61
CA ALA B 929 4.62 -15.90 -1.41
C ALA B 929 4.09 -17.28 -1.78
N GLN B 930 4.54 -17.81 -2.91
CA GLN B 930 4.08 -19.11 -3.36
C GLN B 930 4.36 -20.14 -2.27
N LYS B 931 5.35 -19.84 -1.43
CA LYS B 931 5.71 -20.73 -0.34
C LYS B 931 4.65 -20.62 0.75
N ARG B 932 4.69 -19.54 1.51
CA ARG B 932 3.75 -19.29 2.61
C ARG B 932 2.28 -19.53 2.26
N LEU B 933 1.93 -19.36 1.00
CA LEU B 933 0.55 -19.56 0.60
C LEU B 933 0.14 -21.03 0.52
N GLU B 934 0.82 -21.81 -0.30
CA GLU B 934 0.47 -23.23 -0.41
C GLU B 934 0.64 -23.87 0.96
N ALA B 935 1.51 -23.28 1.79
CA ALA B 935 1.78 -23.78 3.12
C ALA B 935 0.62 -23.52 4.07
N ILE B 936 -0.12 -22.44 3.81
CA ILE B 936 -1.27 -22.09 4.61
C ILE B 936 -2.49 -22.76 3.98
N ALA B 937 -2.28 -23.25 2.77
CA ALA B 937 -3.34 -23.93 2.04
C ALA B 937 -3.46 -25.35 2.55
N SER B 938 -2.39 -25.86 3.16
CA SER B 938 -2.32 -27.22 3.70
C SER B 938 -3.27 -27.48 4.86
N LEU B 939 -3.43 -26.44 5.68
CA LEU B 939 -4.25 -26.47 6.87
C LEU B 939 -5.71 -26.83 6.63
N GLU B 940 -6.13 -27.98 7.15
CA GLU B 940 -7.48 -28.44 6.96
C GLU B 940 -8.52 -27.97 8.00
N ASP B 941 -8.11 -27.15 8.95
CA ASP B 941 -9.06 -26.66 9.95
C ASP B 941 -8.41 -25.59 10.81
N LEU B 942 -9.20 -24.65 11.33
CA LEU B 942 -8.63 -23.60 12.16
C LEU B 942 -8.21 -24.14 13.51
N GLY B 943 -7.00 -24.69 13.56
CA GLY B 943 -6.45 -25.24 14.79
C GLY B 943 -5.26 -24.53 15.44
N ALA B 944 -4.19 -25.29 15.64
CA ALA B 944 -2.98 -24.82 16.30
C ALA B 944 -2.29 -23.60 15.74
N GLY B 945 -1.83 -23.71 14.50
CA GLY B 945 -1.16 -22.59 13.86
C GLY B 945 -1.81 -21.25 14.10
N PHE B 946 -3.13 -21.21 14.21
CA PHE B 946 -3.81 -19.96 14.49
C PHE B 946 -3.56 -19.59 15.95
N ALA B 947 -3.68 -20.59 16.83
CA ALA B 947 -3.44 -20.41 18.26
C ALA B 947 -1.99 -19.97 18.51
N LEU B 948 -1.04 -20.64 17.85
CA LEU B 948 0.38 -20.29 17.99
C LEU B 948 0.64 -18.89 17.48
N ALA B 949 -0.04 -18.56 16.39
CA ALA B 949 0.07 -17.26 15.73
C ALA B 949 -0.50 -16.17 16.61
N THR B 950 -1.60 -16.49 17.27
CA THR B 950 -2.23 -15.53 18.15
C THR B 950 -1.31 -15.33 19.33
N HIS B 951 -0.47 -16.35 19.58
CA HIS B 951 0.50 -16.32 20.66
C HIS B 951 1.56 -15.31 20.28
N ASP B 952 2.07 -15.45 19.07
CA ASP B 952 3.10 -14.56 18.60
C ASP B 952 2.64 -13.11 18.68
N LEU B 953 1.42 -12.87 18.26
CA LEU B 953 0.91 -11.53 18.28
C LEU B 953 1.04 -10.88 19.64
N GLU B 954 0.74 -11.63 20.70
CA GLU B 954 0.83 -11.11 22.05
C GLU B 954 2.28 -10.86 22.41
N ILE B 955 3.16 -11.74 21.96
CA ILE B 955 4.57 -11.57 22.24
C ILE B 955 5.06 -10.27 21.58
N ARG B 956 4.54 -9.97 20.40
CA ARG B 956 4.94 -8.75 19.74
C ARG B 956 4.45 -7.62 20.64
N GLY B 957 3.29 -7.83 21.24
CA GLY B 957 2.73 -6.83 22.13
C GLY B 957 3.68 -6.63 23.26
N ALA B 958 3.98 -7.72 23.96
CA ALA B 958 4.91 -7.71 25.08
C ALA B 958 6.15 -6.95 24.68
N GLY B 959 6.52 -7.09 23.42
CA GLY B 959 7.69 -6.41 22.93
C GLY B 959 7.57 -4.92 23.04
N GLU B 960 6.56 -4.38 22.34
CA GLU B 960 6.32 -2.96 22.34
C GLU B 960 6.24 -2.44 23.77
N LEU B 961 5.77 -3.28 24.68
CA LEU B 961 5.67 -2.83 26.07
C LEU B 961 7.02 -2.56 26.71
N LEU B 962 7.90 -3.55 26.70
CA LEU B 962 9.19 -3.44 27.34
C LEU B 962 10.28 -2.64 26.61
N GLY B 963 10.14 -2.46 25.31
CA GLY B 963 11.15 -1.69 24.61
C GLY B 963 12.00 -2.50 23.67
N GLU B 964 12.52 -1.86 22.63
CA GLU B 964 13.32 -2.53 21.62
C GLU B 964 14.48 -3.34 22.20
N GLU B 965 15.15 -2.81 23.22
CA GLU B 965 16.27 -3.51 23.84
C GLU B 965 15.83 -4.88 24.36
N GLN B 966 14.57 -4.97 24.75
CA GLN B 966 14.01 -6.21 25.28
C GLN B 966 13.42 -7.10 24.18
N SER B 967 12.81 -6.49 23.17
CA SER B 967 12.25 -7.25 22.07
C SER B 967 13.37 -8.13 21.51
N GLY B 968 14.58 -7.57 21.51
CA GLY B 968 15.75 -8.27 21.01
C GLY B 968 16.03 -9.51 21.82
N SER B 969 16.14 -9.36 23.13
CA SER B 969 16.40 -10.49 24.00
C SER B 969 15.35 -11.56 23.76
N MET B 970 14.07 -11.19 23.86
CA MET B 970 12.99 -12.15 23.63
C MET B 970 13.24 -12.92 22.37
N GLU B 971 13.74 -12.24 21.35
CA GLU B 971 14.00 -12.87 20.08
C GLU B 971 15.22 -13.78 20.12
N THR B 972 16.18 -13.46 20.98
CA THR B 972 17.41 -14.26 21.10
C THR B 972 17.23 -15.61 21.80
N ILE B 973 16.76 -15.58 23.04
CA ILE B 973 16.59 -16.77 23.85
C ILE B 973 15.20 -17.36 23.86
N GLY B 974 14.28 -16.73 23.13
CA GLY B 974 12.92 -17.21 23.11
C GLY B 974 12.12 -16.61 24.26
N PHE B 975 10.83 -16.40 24.04
CA PHE B 975 10.00 -15.79 25.07
C PHE B 975 9.90 -16.62 26.34
N SER B 976 9.73 -17.92 26.18
CA SER B 976 9.58 -18.84 27.30
C SER B 976 10.65 -18.55 28.34
N LEU B 977 11.89 -18.77 27.94
CA LEU B 977 13.02 -18.55 28.81
C LEU B 977 13.04 -17.10 29.24
N TYR B 978 12.82 -16.21 28.29
CA TYR B 978 12.83 -14.79 28.62
C TYR B 978 11.92 -14.47 29.82
N MET B 979 10.79 -15.16 29.92
CA MET B 979 9.86 -14.92 31.02
C MET B 979 10.30 -15.59 32.30
N GLU B 980 11.15 -16.60 32.19
CA GLU B 980 11.65 -17.27 33.38
C GLU B 980 12.61 -16.29 34.03
N LEU B 981 13.41 -15.64 33.22
CA LEU B 981 14.37 -14.67 33.74
C LEU B 981 13.67 -13.52 34.42
N LEU B 982 12.63 -13.01 33.79
CA LEU B 982 11.93 -11.88 34.36
C LEU B 982 11.17 -12.19 35.64
N GLU B 983 10.32 -13.21 35.61
CA GLU B 983 9.55 -13.56 36.80
C GLU B 983 10.52 -13.71 37.96
N ASN B 984 11.61 -14.42 37.71
CA ASN B 984 12.61 -14.62 38.74
C ASN B 984 13.24 -13.28 39.15
N ALA B 985 13.80 -12.57 38.18
CA ALA B 985 14.43 -11.26 38.42
C ALA B 985 13.52 -10.32 39.19
N VAL B 986 12.23 -10.57 39.13
CA VAL B 986 11.30 -9.72 39.85
C VAL B 986 11.17 -10.20 41.27
N ASP B 987 10.75 -11.46 41.47
CA ASP B 987 10.64 -11.99 42.84
C ASP B 987 11.92 -11.72 43.64
N ALA B 988 13.03 -11.58 42.93
CA ALA B 988 14.32 -11.30 43.53
C ALA B 988 14.35 -9.89 44.08
N LEU B 989 14.26 -8.89 43.20
CA LEU B 989 14.28 -7.48 43.61
C LEU B 989 13.22 -7.06 44.63
N LYS B 990 12.07 -7.73 44.62
CA LYS B 990 11.02 -7.38 45.57
C LYS B 990 11.36 -7.87 46.97
N ALA B 991 12.53 -8.48 47.13
CA ALA B 991 12.96 -9.00 48.42
C ALA B 991 14.41 -8.67 48.74
N GLY B 992 14.86 -7.48 48.34
CA GLY B 992 16.23 -7.05 48.61
C GLY B 992 17.34 -7.69 47.79
N ARG B 993 17.17 -8.95 47.43
CA ARG B 993 18.16 -9.71 46.66
C ARG B 993 18.44 -9.07 45.30
N GLU B 994 19.40 -9.65 44.58
CA GLU B 994 19.74 -9.19 43.25
C GLU B 994 19.40 -10.32 42.27
N PRO B 995 19.17 -9.96 40.99
CA PRO B 995 18.82 -10.84 39.87
C PRO B 995 19.77 -11.99 39.57
N SER B 996 20.99 -11.91 40.07
CA SER B 996 21.99 -12.95 39.86
C SER B 996 21.50 -14.33 40.27
N LEU B 997 20.20 -14.40 40.57
CA LEU B 997 19.53 -15.62 40.98
C LEU B 997 19.62 -16.68 39.89
N GLU B 998 20.80 -16.84 39.29
CA GLU B 998 21.04 -17.83 38.23
C GLU B 998 20.62 -19.22 38.66
N ASP B 999 19.73 -19.27 39.65
CA ASP B 999 19.21 -20.52 40.18
C ASP B 999 18.49 -21.29 39.07
N LEU B 1000 18.10 -20.59 38.02
CA LEU B 1000 17.42 -21.21 36.89
C LEU B 1000 18.07 -22.54 36.53
N THR B 1001 19.40 -22.52 36.35
CA THR B 1001 20.12 -23.76 36.04
C THR B 1001 19.91 -24.67 37.24
N SER B 1002 19.09 -25.70 37.07
CA SER B 1002 18.78 -26.62 38.16
C SER B 1002 19.89 -27.61 38.53
N GLN B 1003 19.80 -28.13 39.75
CA GLN B 1003 20.74 -29.11 40.22
C GLN B 1003 20.26 -30.41 39.57
N GLN B 1004 20.94 -30.81 38.50
CA GLN B 1004 20.57 -32.00 37.77
C GLN B 1004 20.82 -33.31 38.47
N THR B 1005 19.90 -34.24 38.28
CA THR B 1005 20.00 -35.58 38.85
C THR B 1005 19.71 -36.61 37.76
N GLU B 1006 20.33 -37.77 37.88
CA GLU B 1006 20.14 -38.88 36.94
C GLU B 1006 19.79 -40.08 37.80
N VAL B 1007 18.82 -40.86 37.36
CA VAL B 1007 18.42 -42.05 38.07
C VAL B 1007 18.48 -43.16 37.04
N GLU B 1008 19.59 -43.87 37.01
CA GLU B 1008 19.78 -44.95 36.05
C GLU B 1008 19.48 -46.30 36.71
N LEU B 1009 18.51 -47.03 36.19
CA LEU B 1009 18.17 -48.31 36.78
C LEU B 1009 18.41 -49.47 35.86
N ARG B 1010 19.08 -49.23 34.74
CA ARG B 1010 19.38 -50.30 33.81
C ARG B 1010 18.14 -51.06 33.35
N MET B 1011 17.07 -50.32 33.07
CA MET B 1011 15.84 -50.94 32.59
C MET B 1011 15.18 -49.96 31.65
N PRO B 1012 14.39 -50.47 30.68
CA PRO B 1012 13.68 -49.66 29.69
C PRO B 1012 12.75 -48.66 30.38
N SER B 1013 12.76 -47.42 29.91
CA SER B 1013 11.96 -46.38 30.52
C SER B 1013 11.49 -45.46 29.42
N LEU B 1014 10.32 -45.77 28.87
CA LEU B 1014 9.77 -44.94 27.82
C LEU B 1014 8.31 -45.24 27.61
N LEU B 1015 7.72 -44.53 26.65
CA LEU B 1015 6.34 -44.75 26.30
C LEU B 1015 6.44 -45.66 25.09
N PRO B 1016 6.08 -46.94 25.28
CA PRO B 1016 6.12 -47.95 24.22
C PRO B 1016 5.50 -47.49 22.91
N ASP B 1017 6.11 -47.95 21.82
CA ASP B 1017 5.71 -47.65 20.45
C ASP B 1017 4.26 -48.03 20.10
N ASP B 1018 3.78 -49.15 20.65
CA ASP B 1018 2.42 -49.62 20.40
C ASP B 1018 1.52 -49.35 21.60
N PHE B 1019 1.83 -48.27 22.32
CA PHE B 1019 1.06 -47.84 23.48
C PHE B 1019 0.48 -46.49 23.12
N ILE B 1020 1.26 -45.73 22.36
CA ILE B 1020 0.91 -44.42 21.89
C ILE B 1020 1.65 -44.31 20.57
N PRO B 1021 1.02 -44.75 19.48
CA PRO B 1021 1.63 -44.72 18.14
C PRO B 1021 2.03 -43.34 17.66
N ASP B 1022 1.16 -42.36 17.87
CA ASP B 1022 1.41 -40.99 17.43
C ASP B 1022 2.61 -40.33 18.11
N VAL B 1023 3.71 -40.27 17.36
CA VAL B 1023 4.93 -39.66 17.86
C VAL B 1023 4.72 -38.29 18.52
N ASN B 1024 4.03 -37.38 17.86
CA ASN B 1024 3.84 -36.07 18.44
C ASN B 1024 3.19 -36.08 19.81
N THR B 1025 2.31 -37.05 20.08
CA THR B 1025 1.66 -37.10 21.38
C THR B 1025 2.62 -37.69 22.40
N ARG B 1026 3.26 -38.77 22.00
CA ARG B 1026 4.21 -39.43 22.87
C ARG B 1026 5.17 -38.35 23.36
N LEU B 1027 5.69 -37.55 22.43
CA LEU B 1027 6.61 -36.48 22.78
C LEU B 1027 5.98 -35.59 23.82
N SER B 1028 4.78 -35.13 23.52
CA SER B 1028 4.04 -34.26 24.40
C SER B 1028 3.91 -34.86 25.81
N PHE B 1029 3.64 -36.15 25.92
CA PHE B 1029 3.55 -36.79 27.24
C PHE B 1029 4.91 -36.90 27.90
N TYR B 1030 5.97 -37.03 27.09
CA TYR B 1030 7.31 -37.08 27.67
C TYR B 1030 7.51 -35.73 28.33
N LYS B 1031 7.54 -34.68 27.52
CA LYS B 1031 7.76 -33.35 28.04
C LYS B 1031 6.97 -33.13 29.32
N ARG B 1032 5.70 -33.45 29.28
CA ARG B 1032 4.90 -33.24 30.46
C ARG B 1032 5.50 -33.94 31.66
N ILE B 1033 5.68 -35.26 31.57
CA ILE B 1033 6.24 -36.04 32.68
C ILE B 1033 7.53 -35.42 33.19
N ALA B 1034 8.43 -35.12 32.27
CA ALA B 1034 9.69 -34.51 32.59
C ALA B 1034 9.50 -33.23 33.38
N SER B 1035 8.71 -32.29 32.86
CA SER B 1035 8.51 -31.01 33.54
C SER B 1035 7.66 -31.01 34.80
N ALA B 1036 7.18 -32.18 35.21
CA ALA B 1036 6.35 -32.28 36.41
C ALA B 1036 7.19 -31.98 37.65
N LYS B 1037 6.55 -31.55 38.73
CA LYS B 1037 7.30 -31.25 39.94
C LYS B 1037 6.69 -31.90 41.18
N THR B 1038 5.37 -32.06 41.18
CA THR B 1038 4.66 -32.66 42.31
C THR B 1038 4.55 -34.17 42.14
N GLU B 1039 4.23 -34.85 43.23
CA GLU B 1039 4.06 -36.29 43.17
C GLU B 1039 2.71 -36.53 42.52
N ASN B 1040 1.80 -35.58 42.72
CA ASN B 1040 0.44 -35.66 42.20
C ASN B 1040 0.44 -35.35 40.73
N GLU B 1041 1.09 -34.26 40.33
CA GLU B 1041 1.14 -33.90 38.93
C GLU B 1041 1.53 -35.13 38.14
N LEU B 1042 2.31 -35.99 38.79
CA LEU B 1042 2.73 -37.20 38.16
C LEU B 1042 1.63 -38.24 38.18
N GLU B 1043 0.90 -38.36 39.28
CA GLU B 1043 -0.18 -39.34 39.35
C GLU B 1043 -1.24 -38.99 38.35
N GLU B 1044 -1.46 -37.68 38.18
CA GLU B 1044 -2.47 -37.19 37.26
C GLU B 1044 -2.15 -37.57 35.82
N ILE B 1045 -0.90 -37.39 35.42
CA ILE B 1045 -0.51 -37.75 34.07
C ILE B 1045 -0.72 -39.25 33.90
N LYS B 1046 -0.52 -39.98 34.99
CA LYS B 1046 -0.68 -41.42 34.97
C LYS B 1046 -2.14 -41.71 34.70
N VAL B 1047 -3.02 -41.15 35.52
CA VAL B 1047 -4.46 -41.37 35.37
C VAL B 1047 -4.85 -41.20 33.93
N GLU B 1048 -4.48 -40.04 33.38
CA GLU B 1048 -4.79 -39.73 32.00
C GLU B 1048 -4.23 -40.81 31.05
N LEU B 1049 -2.94 -41.05 31.11
CA LEU B 1049 -2.37 -42.09 30.28
C LEU B 1049 -3.27 -43.34 30.29
N ILE B 1050 -3.64 -43.83 31.47
CA ILE B 1050 -4.53 -45.00 31.51
C ILE B 1050 -5.88 -44.66 30.92
N ASP B 1051 -6.45 -43.52 31.32
CA ASP B 1051 -7.74 -43.09 30.82
C ASP B 1051 -7.80 -43.07 29.29
N ARG B 1052 -6.75 -42.54 28.66
CA ARG B 1052 -6.72 -42.44 27.23
C ARG B 1052 -6.11 -43.59 26.47
N PHE B 1053 -5.33 -44.44 27.12
CA PHE B 1053 -4.73 -45.54 26.40
C PHE B 1053 -4.81 -46.86 27.14
N GLY B 1054 -5.46 -46.85 28.30
CA GLY B 1054 -5.62 -48.06 29.07
C GLY B 1054 -4.47 -48.53 29.95
N LEU B 1055 -4.34 -49.84 30.08
CA LEU B 1055 -3.28 -50.42 30.88
C LEU B 1055 -1.92 -49.83 30.51
N LEU B 1056 -1.10 -49.71 31.54
CA LEU B 1056 0.24 -49.20 31.43
C LEU B 1056 1.23 -50.33 31.24
N PRO B 1057 2.08 -50.21 30.22
CA PRO B 1057 3.11 -51.20 29.88
C PRO B 1057 4.22 -51.03 30.91
N ASP B 1058 5.04 -52.06 31.11
CA ASP B 1058 6.11 -51.93 32.09
C ASP B 1058 6.96 -50.68 31.81
N PRO B 1059 7.38 -50.49 30.57
CA PRO B 1059 8.21 -49.31 30.34
C PRO B 1059 7.60 -47.98 30.67
N ALA B 1060 6.28 -47.90 30.67
CA ALA B 1060 5.62 -46.65 30.98
C ALA B 1060 5.59 -46.54 32.49
N ARG B 1061 5.18 -47.63 33.12
CA ARG B 1061 5.13 -47.70 34.55
C ARG B 1061 6.47 -47.15 35.00
N THR B 1062 7.54 -47.83 34.57
CA THR B 1062 8.91 -47.45 34.89
C THR B 1062 9.19 -45.96 34.64
N LEU B 1063 8.93 -45.49 33.42
CA LEU B 1063 9.18 -44.10 33.07
C LEU B 1063 8.70 -43.13 34.15
N LEU B 1064 7.49 -43.37 34.65
CA LEU B 1064 6.88 -42.55 35.68
C LEU B 1064 7.50 -42.72 37.04
N ASP B 1065 7.73 -43.97 37.44
CA ASP B 1065 8.32 -44.28 38.74
C ASP B 1065 9.65 -43.60 38.89
N ILE B 1066 10.47 -43.66 37.85
CA ILE B 1066 11.76 -43.01 37.87
C ILE B 1066 11.61 -41.50 37.99
N ALA B 1067 10.80 -40.92 37.11
CA ALA B 1067 10.57 -39.47 37.13
C ALA B 1067 10.30 -39.02 38.55
N ARG B 1068 9.63 -39.87 39.30
CA ARG B 1068 9.28 -39.58 40.67
C ARG B 1068 10.49 -39.66 41.59
N LEU B 1069 11.38 -40.60 41.31
CA LEU B 1069 12.58 -40.73 42.11
C LEU B 1069 13.44 -39.51 41.83
N ARG B 1070 13.59 -39.20 40.56
CA ARG B 1070 14.39 -38.05 40.19
C ARG B 1070 13.91 -36.91 41.04
N GLN B 1071 12.61 -36.82 41.20
CA GLN B 1071 12.00 -35.75 41.98
C GLN B 1071 12.49 -35.75 43.41
N GLN B 1072 12.42 -36.91 44.05
CA GLN B 1072 12.86 -37.04 45.42
C GLN B 1072 14.36 -36.75 45.46
N ALA B 1073 15.10 -37.33 44.54
CA ALA B 1073 16.55 -37.13 44.49
C ALA B 1073 16.86 -35.64 44.50
N GLN B 1074 16.11 -34.87 43.71
CA GLN B 1074 16.29 -33.41 43.61
C GLN B 1074 16.27 -32.72 44.97
N LYS B 1075 15.22 -33.04 45.72
CA LYS B 1075 14.95 -32.49 47.03
C LYS B 1075 15.95 -32.96 48.08
N LEU B 1076 16.50 -34.16 47.90
CA LEU B 1076 17.44 -34.71 48.87
C LEU B 1076 18.90 -34.56 48.52
N GLY B 1077 19.21 -33.84 47.45
CA GLY B 1077 20.59 -33.67 47.08
C GLY B 1077 21.28 -34.96 46.67
N ILE B 1078 20.66 -35.69 45.75
CA ILE B 1078 21.25 -36.92 45.26
C ILE B 1078 21.54 -36.66 43.80
N ARG B 1079 22.78 -36.31 43.48
CA ARG B 1079 23.10 -36.02 42.09
C ARG B 1079 22.89 -37.21 41.19
N LYS B 1080 23.09 -38.42 41.72
CA LYS B 1080 23.01 -39.57 40.86
C LYS B 1080 22.72 -40.88 41.56
N LEU B 1081 21.93 -41.73 40.93
CA LEU B 1081 21.56 -43.02 41.49
C LEU B 1081 21.53 -44.14 40.46
N GLU B 1082 22.71 -44.69 40.13
CA GLU B 1082 22.83 -45.81 39.19
C GLU B 1082 22.26 -47.04 39.90
N GLY B 1083 21.94 -48.10 39.17
CA GLY B 1083 21.39 -49.29 39.82
C GLY B 1083 21.41 -50.51 38.94
N ASN B 1084 22.14 -51.55 39.36
CA ASN B 1084 22.26 -52.77 38.58
C ASN B 1084 21.75 -54.04 39.28
N GLU B 1085 21.88 -55.18 38.61
CA GLU B 1085 21.40 -56.43 39.19
C GLU B 1085 22.05 -56.87 40.51
N LYS B 1086 23.15 -56.24 40.88
CA LYS B 1086 23.85 -56.62 42.11
C LYS B 1086 23.79 -55.56 43.19
N GLY B 1087 23.17 -54.43 42.88
CA GLY B 1087 23.08 -53.36 43.85
C GLY B 1087 23.02 -52.03 43.14
N GLY B 1088 23.70 -51.03 43.67
CA GLY B 1088 23.68 -49.73 43.02
C GLY B 1088 24.64 -48.78 43.67
N VAL B 1089 24.49 -47.50 43.36
CA VAL B 1089 25.39 -46.49 43.88
C VAL B 1089 24.74 -45.11 43.95
N ILE B 1090 24.68 -44.53 45.13
CA ILE B 1090 24.11 -43.21 45.23
C ILE B 1090 25.25 -42.23 45.37
N GLU B 1091 25.11 -41.06 44.76
CA GLU B 1091 26.11 -40.02 44.82
C GLU B 1091 25.42 -38.78 45.35
N PHE B 1092 25.73 -38.43 46.58
CA PHE B 1092 25.14 -37.26 47.22
C PHE B 1092 25.75 -35.96 46.75
N ALA B 1093 24.95 -34.90 46.76
CA ALA B 1093 25.46 -33.60 46.36
C ALA B 1093 26.04 -33.01 47.63
N GLU B 1094 26.97 -32.07 47.49
CA GLU B 1094 27.60 -31.43 48.64
C GLU B 1094 26.57 -31.02 49.71
N LYS B 1095 25.56 -30.25 49.31
CA LYS B 1095 24.51 -29.82 50.25
C LYS B 1095 23.33 -30.77 50.11
N ASN B 1096 23.27 -31.77 51.00
CA ASN B 1096 22.22 -32.76 50.95
C ASN B 1096 21.54 -32.91 52.29
N HIS B 1097 20.50 -33.73 52.35
CA HIS B 1097 19.75 -33.94 53.59
C HIS B 1097 19.77 -35.33 54.18
N VAL B 1098 20.81 -36.09 53.91
CA VAL B 1098 20.88 -37.43 54.45
C VAL B 1098 21.13 -37.36 55.96
N ASN B 1099 20.33 -38.07 56.75
CA ASN B 1099 20.52 -38.04 58.19
C ASN B 1099 21.69 -38.93 58.60
N PRO B 1100 22.81 -38.31 59.00
CA PRO B 1100 24.03 -39.00 59.43
C PRO B 1100 23.72 -40.11 60.41
N ALA B 1101 22.91 -39.77 61.40
CA ALA B 1101 22.53 -40.72 62.43
C ALA B 1101 22.07 -42.00 61.77
N TRP B 1102 21.10 -41.83 60.87
CA TRP B 1102 20.47 -42.92 60.11
C TRP B 1102 21.46 -43.76 59.29
N LEU B 1103 22.12 -43.10 58.34
CA LEU B 1103 23.08 -43.77 57.50
C LEU B 1103 24.00 -44.66 58.32
N ILE B 1104 24.60 -44.07 59.33
CA ILE B 1104 25.50 -44.80 60.21
C ILE B 1104 24.84 -46.08 60.68
N GLY B 1105 23.58 -45.97 61.11
CA GLY B 1105 22.87 -47.15 61.56
C GLY B 1105 22.95 -48.26 60.53
N LEU B 1106 22.75 -47.92 59.26
CA LEU B 1106 22.79 -48.92 58.21
C LEU B 1106 24.18 -49.46 58.11
N LEU B 1107 25.15 -48.57 58.17
CA LEU B 1107 26.53 -48.97 58.07
C LEU B 1107 26.88 -49.86 59.23
N GLN B 1108 26.09 -49.77 60.28
CA GLN B 1108 26.32 -50.56 61.47
C GLN B 1108 25.72 -51.96 61.43
N LYS B 1109 24.43 -52.08 61.14
CA LYS B 1109 23.85 -53.43 61.12
C LYS B 1109 23.82 -54.20 59.82
N GLN B 1110 23.96 -53.53 58.68
CA GLN B 1110 23.95 -54.24 57.42
C GLN B 1110 25.20 -53.96 56.62
N PRO B 1111 26.37 -54.23 57.21
CA PRO B 1111 27.69 -54.02 56.61
C PRO B 1111 27.84 -54.70 55.25
N GLN B 1112 27.06 -55.74 55.02
CA GLN B 1112 27.16 -56.47 53.77
C GLN B 1112 26.20 -55.96 52.71
N HIS B 1113 25.53 -54.83 52.98
CA HIS B 1113 24.61 -54.27 52.02
C HIS B 1113 24.90 -52.80 51.77
N TYR B 1114 25.70 -52.19 52.63
CA TYR B 1114 26.04 -50.80 52.44
C TYR B 1114 27.51 -50.57 52.72
N ARG B 1115 28.14 -49.72 51.92
CA ARG B 1115 29.55 -49.40 52.10
C ARG B 1115 29.71 -48.00 51.57
N LEU B 1116 30.60 -47.23 52.16
CA LEU B 1116 30.78 -45.88 51.65
C LEU B 1116 31.82 -46.03 50.55
N ASP B 1117 32.14 -44.93 49.88
CA ASP B 1117 33.11 -44.96 48.82
C ASP B 1117 33.52 -43.54 48.54
N GLY B 1118 34.36 -42.98 49.38
CA GLY B 1118 34.74 -41.61 49.12
C GLY B 1118 33.73 -40.76 49.88
N PRO B 1119 34.08 -39.50 50.11
CA PRO B 1119 33.20 -38.58 50.85
C PRO B 1119 31.89 -38.32 50.14
N THR B 1120 31.72 -38.92 48.96
CA THR B 1120 30.54 -38.58 48.22
C THR B 1120 29.55 -39.66 47.76
N ARG B 1121 29.95 -40.93 47.82
CA ARG B 1121 29.05 -41.98 47.38
C ARG B 1121 28.84 -43.09 48.38
N LEU B 1122 27.60 -43.57 48.50
CA LEU B 1122 27.30 -44.70 49.37
C LEU B 1122 27.01 -45.76 48.34
N LYS B 1123 27.20 -47.02 48.69
CA LYS B 1123 27.01 -48.10 47.74
C LYS B 1123 26.14 -49.18 48.34
N PHE B 1124 25.12 -49.64 47.63
CA PHE B 1124 24.34 -50.72 48.21
C PHE B 1124 24.60 -52.01 47.48
N ILE B 1125 24.44 -53.12 48.19
CA ILE B 1125 24.69 -54.44 47.66
C ILE B 1125 23.48 -55.31 47.96
N GLN B 1126 22.68 -55.58 46.93
CA GLN B 1126 21.47 -56.38 47.04
C GLN B 1126 21.29 -57.20 45.78
N ASP B 1127 20.47 -58.25 45.88
CA ASP B 1127 20.20 -59.11 44.74
C ASP B 1127 19.06 -58.52 43.91
N LEU B 1128 19.38 -57.56 43.06
CA LEU B 1128 18.37 -56.91 42.25
C LEU B 1128 18.36 -57.44 40.83
N SER B 1129 18.43 -58.76 40.68
CA SER B 1129 18.45 -59.37 39.36
C SER B 1129 17.10 -59.27 38.63
N GLU B 1130 16.00 -59.29 39.38
CA GLU B 1130 14.71 -59.18 38.72
C GLU B 1130 14.27 -57.75 38.58
N ARG B 1131 14.04 -57.35 37.33
CA ARG B 1131 13.63 -55.99 37.00
C ARG B 1131 12.69 -55.36 38.02
N LYS B 1132 11.56 -55.99 38.30
CA LYS B 1132 10.62 -55.41 39.25
C LYS B 1132 11.21 -55.24 40.62
N THR B 1133 11.77 -56.31 41.17
CA THR B 1133 12.34 -56.25 42.50
C THR B 1133 13.36 -55.13 42.68
N ARG B 1134 14.22 -54.95 41.68
CA ARG B 1134 15.22 -53.89 41.75
C ARG B 1134 14.65 -52.49 41.88
N ILE B 1135 13.73 -52.16 40.98
CA ILE B 1135 13.08 -50.88 40.98
C ILE B 1135 12.33 -50.69 42.27
N GLU B 1136 11.61 -51.71 42.68
CA GLU B 1136 10.84 -51.65 43.91
C GLU B 1136 11.73 -51.41 45.09
N TRP B 1137 12.96 -51.90 45.01
CA TRP B 1137 13.91 -51.72 46.09
C TRP B 1137 14.23 -50.24 46.16
N VAL B 1138 14.82 -49.72 45.10
CA VAL B 1138 15.18 -48.33 45.03
C VAL B 1138 14.06 -47.47 45.57
N ARG B 1139 12.83 -47.72 45.12
CA ARG B 1139 11.70 -46.94 45.57
C ARG B 1139 11.68 -46.96 47.09
N GLN B 1140 11.70 -48.16 47.64
CA GLN B 1140 11.70 -48.37 49.08
C GLN B 1140 12.88 -47.71 49.81
N PHE B 1141 14.05 -47.71 49.17
CA PHE B 1141 15.22 -47.10 49.80
C PHE B 1141 15.06 -45.59 49.92
N MET B 1142 14.48 -44.97 48.90
CA MET B 1142 14.28 -43.52 48.93
C MET B 1142 13.22 -43.16 49.95
N ARG B 1143 12.25 -44.05 50.16
CA ARG B 1143 11.21 -43.79 51.12
C ARG B 1143 11.87 -43.65 52.46
N GLU B 1144 12.63 -44.67 52.82
CA GLU B 1144 13.34 -44.70 54.10
C GLU B 1144 14.30 -43.52 54.23
N LEU B 1145 14.94 -43.16 53.13
CA LEU B 1145 15.90 -42.07 53.17
C LEU B 1145 15.23 -40.72 53.32
N GLU B 1146 14.03 -40.61 52.77
CA GLU B 1146 13.29 -39.38 52.81
C GLU B 1146 12.60 -39.24 54.16
N GLU B 1147 12.09 -40.34 54.70
CA GLU B 1147 11.41 -40.30 55.99
C GLU B 1147 12.38 -39.93 57.11
N ASN B 1148 13.66 -40.20 56.92
CA ASN B 1148 14.66 -39.92 57.94
C ASN B 1148 15.43 -38.63 57.71
N ALA B 1149 15.20 -37.99 56.58
CA ALA B 1149 15.89 -36.76 56.24
C ALA B 1149 15.91 -35.71 57.36
N ILE B 1150 16.80 -34.74 57.22
CA ILE B 1150 16.93 -33.66 58.20
C ILE B 1150 16.80 -32.30 57.51
#